data_6ULJ
#
_entry.id   6ULJ
#
_cell.length_a   49.550
_cell.length_b   138.888
_cell.length_c   176.993
_cell.angle_alpha   90.000
_cell.angle_beta   93.914
_cell.angle_gamma   90.000
#
_symmetry.space_group_name_H-M   'P 1 21 1'
#
loop_
_entity.id
_entity.type
_entity.pdbx_description
1 polymer 'Glutaminase kidney isoform, mitochondrial'
2 non-polymer 2-phenyl-N-{6-[4-({6-[(phenylacetyl)amino]pyridazin-3-yl}oxy)piperidin-1-yl]pyridazin-3-yl}acetamide
3 water water
#
_entity_poly.entity_id   1
_entity_poly.type   'polypeptide(L)'
_entity_poly.pdbx_seq_one_letter_code
;LSSSPSEILQELGKGSTHPQPGVSPPAAPAAPGPKDGPGETDAFGNSEGKELVASGENKIKQGLLPSLEDLLFYTIAEGQ
EKIPVHKFITALKSTGLRTSDPRLKECMDMLRLTLQTTSDGVMLDKDLFKKCVQSNIVLLTQAFRRKFVIPDFMSFTSHI
DELYESAKKQSGGKVADYIPQLAKFSPDLWGVSVCTADGQRHSTGDTKVPFCLQSCVKPLKYAIAVNDLGTEYVHRYVGK
EPSGLRFNKLFLNEDDKPHNPMVNAGAIVVTSLIKQGVNNAEKFDYVMQFLNKMAGNEYVGFSNATFQSERESGDRNFAI
GYYLKEKKCFPEGTDMVGILDFYFQLCSIEVTCESASVMAATLANGGFCPITGERVLSPEAVRNTLSLMHSCGMYDFSGQ
FAFHVGLPAKSGVAGGILLVVPNVMGMMCWSPPLDKMGNSVKGIHFCHDLVSLCNFHNYDNLRHFAKKLDPRREGGDQRH
SFGPLDYESLQQELALKETVWKKVSPESNEDISTTVVYRMESLGEKS
;
_entity_poly.pdbx_strand_id   A,B,C,D
#
loop_
_chem_comp.id
_chem_comp.type
_chem_comp.name
_chem_comp.formula
QAA non-polymer 2-phenyl-N-{6-[4-({6-[(phenylacetyl)amino]pyridazin-3-yl}oxy)piperidin-1-yl]pyridazin-3-yl}acetamide 'C29 H29 N7 O3'
#
# COMPACT_ATOMS: atom_id res chain seq x y z
N PRO A 66 13.16 45.93 55.60
CA PRO A 66 12.56 44.64 55.26
C PRO A 66 13.62 43.57 55.03
N SER A 67 13.24 42.28 54.97
CA SER A 67 14.17 41.22 54.64
C SER A 67 13.41 39.92 54.37
N LEU A 68 13.89 39.14 53.39
CA LEU A 68 13.14 38.01 52.88
C LEU A 68 13.13 36.85 53.86
N GLU A 69 14.23 36.65 54.59
CA GLU A 69 14.26 35.62 55.61
C GLU A 69 13.34 35.95 56.77
N ASP A 70 13.14 37.23 57.08
CA ASP A 70 12.33 37.60 58.22
C ASP A 70 10.85 37.49 57.89
N LEU A 71 10.44 38.03 56.74
CA LEU A 71 9.09 37.82 56.26
C LEU A 71 8.71 36.34 56.26
N LEU A 72 9.52 35.51 55.58
CA LEU A 72 9.25 34.09 55.60
C LEU A 72 9.20 33.56 57.03
N PHE A 73 10.07 34.08 57.91
CA PHE A 73 10.02 33.66 59.30
C PHE A 73 8.65 33.97 59.89
N TYR A 74 8.16 35.20 59.70
CA TYR A 74 6.93 35.58 60.36
C TYR A 74 5.72 34.84 59.80
N THR A 75 5.70 34.57 58.48
CA THR A 75 4.58 33.85 57.92
C THR A 75 4.54 32.42 58.39
N ILE A 76 5.69 31.86 58.78
CA ILE A 76 5.66 30.57 59.43
C ILE A 76 5.73 30.70 60.95
N ALA A 77 6.25 31.81 61.48
CA ALA A 77 6.47 31.95 62.93
C ALA A 77 5.16 32.07 63.70
N GLU A 78 4.09 32.55 63.05
CA GLU A 78 2.72 32.31 63.43
C GLU A 78 2.23 33.29 64.49
N GLY A 79 2.91 34.45 64.58
CA GLY A 79 2.81 35.39 65.68
C GLY A 79 3.65 34.96 66.85
N GLN A 80 3.87 33.66 66.94
CA GLN A 80 4.73 33.05 67.94
C GLN A 80 6.19 33.38 67.61
N GLU A 81 7.14 33.06 68.49
CA GLU A 81 8.46 33.66 68.30
C GLU A 81 9.63 32.68 68.25
N LYS A 82 9.38 31.38 68.29
CA LYS A 82 10.34 30.37 67.89
C LYS A 82 9.58 29.32 67.08
N ILE A 83 10.16 28.87 65.98
CA ILE A 83 9.55 27.86 65.12
C ILE A 83 10.19 26.50 65.44
N PRO A 84 9.42 25.51 65.87
CA PRO A 84 9.97 24.14 65.95
C PRO A 84 10.37 23.68 64.56
N VAL A 85 11.46 22.90 64.50
CA VAL A 85 11.98 22.53 63.19
C VAL A 85 11.09 21.47 62.55
N HIS A 86 10.46 20.60 63.34
CA HIS A 86 9.54 19.62 62.78
C HIS A 86 8.37 20.32 62.13
N LYS A 87 8.05 21.51 62.61
CA LYS A 87 7.00 22.27 61.96
C LYS A 87 7.53 22.97 60.71
N PHE A 88 8.78 23.43 60.73
CA PHE A 88 9.35 23.97 59.51
C PHE A 88 9.49 22.90 58.45
N ILE A 89 9.88 21.68 58.88
CA ILE A 89 10.06 20.58 57.94
C ILE A 89 8.71 20.16 57.37
N THR A 90 7.63 20.25 58.17
CA THR A 90 6.30 19.87 57.71
C THR A 90 5.72 20.88 56.74
N ALA A 91 5.85 22.17 57.05
CA ALA A 91 5.40 23.21 56.12
C ALA A 91 6.13 23.08 54.79
N LEU A 92 7.40 22.72 54.84
CA LEU A 92 8.19 22.53 53.63
C LEU A 92 7.65 21.39 52.77
N LYS A 93 7.43 20.23 53.39
CA LYS A 93 7.01 19.05 52.65
C LYS A 93 5.63 19.24 52.02
N SER A 94 4.77 20.02 52.69
CA SER A 94 3.44 20.34 52.16
C SER A 94 3.52 21.03 50.80
N THR A 95 4.53 21.88 50.59
CA THR A 95 4.69 22.50 49.28
C THR A 95 4.89 21.45 48.20
N GLY A 96 5.34 20.25 48.58
CA GLY A 96 5.71 19.23 47.64
C GLY A 96 7.21 19.02 47.47
N LEU A 97 8.06 19.90 48.03
CA LEU A 97 9.45 19.54 47.91
C LEU A 97 9.78 18.41 48.88
N ARG A 98 10.80 17.66 48.53
CA ARG A 98 11.33 16.65 49.42
C ARG A 98 12.60 17.24 50.02
N THR A 99 12.83 16.95 51.31
CA THR A 99 13.98 17.55 51.98
C THR A 99 15.30 17.17 51.32
N SER A 100 15.32 16.14 50.51
CA SER A 100 16.55 15.73 49.83
C SER A 100 16.71 16.39 48.48
N ASP A 101 15.90 17.41 48.19
CA ASP A 101 16.08 18.22 47.00
C ASP A 101 17.50 18.80 46.99
N PRO A 102 18.30 18.53 45.95
CA PRO A 102 19.67 19.06 45.92
C PRO A 102 19.71 20.58 45.99
N ARG A 103 18.65 21.26 45.51
CA ARG A 103 18.56 22.71 45.63
C ARG A 103 18.41 23.15 47.07
N LEU A 104 18.11 22.23 47.97
CA LEU A 104 17.87 22.54 49.37
C LEU A 104 18.98 22.02 50.27
N LYS A 105 20.08 21.50 49.71
CA LYS A 105 21.03 20.73 50.52
C LYS A 105 21.72 21.60 51.57
N GLU A 106 22.02 22.87 51.25
CA GLU A 106 22.70 23.73 52.23
C GLU A 106 21.77 24.08 53.38
N CYS A 107 20.48 24.27 53.12
CA CYS A 107 19.56 24.58 54.18
C CYS A 107 19.33 23.37 55.07
N MET A 108 19.34 22.17 54.48
CA MET A 108 19.23 20.96 55.28
C MET A 108 20.51 20.67 56.06
N ASP A 109 21.68 20.84 55.42
CA ASP A 109 22.93 20.57 56.11
C ASP A 109 23.06 21.40 57.39
N MET A 110 22.62 22.66 57.36
CA MET A 110 22.73 23.52 58.54
C MET A 110 21.64 23.21 59.57
N LEU A 111 20.47 22.72 59.14
CA LEU A 111 19.49 22.29 60.13
C LEU A 111 20.00 21.08 60.90
N ARG A 112 20.67 20.15 60.20
CA ARG A 112 21.33 19.05 60.90
C ARG A 112 22.46 19.52 61.81
N LEU A 113 23.16 20.60 61.43
CA LEU A 113 24.28 21.06 62.24
C LEU A 113 23.80 21.81 63.47
N THR A 114 22.67 22.51 63.38
CA THR A 114 22.13 23.09 64.60
C THR A 114 21.50 22.02 65.49
N LEU A 115 20.95 20.96 64.90
CA LEU A 115 20.41 19.95 65.80
C LEU A 115 21.51 19.18 66.49
N GLN A 116 22.76 19.42 66.11
CA GLN A 116 23.92 18.91 66.81
C GLN A 116 24.53 19.93 67.76
N THR A 117 24.76 21.16 67.27
CA THR A 117 25.43 22.20 68.05
C THR A 117 24.66 22.61 69.31
N THR A 118 23.33 22.50 69.32
CA THR A 118 22.58 22.82 70.52
C THR A 118 21.49 21.76 70.62
N SER A 119 21.89 20.59 71.11
CA SER A 119 20.98 19.44 71.24
C SER A 119 20.00 19.65 72.39
N ASP A 120 20.35 20.51 73.37
CA ASP A 120 19.36 21.15 74.23
C ASP A 120 18.62 22.23 73.47
N GLY A 121 17.31 22.05 73.44
CA GLY A 121 16.39 22.80 72.63
C GLY A 121 16.11 22.04 71.36
N VAL A 122 15.11 22.53 70.62
CA VAL A 122 14.82 21.99 69.30
C VAL A 122 14.17 23.11 68.50
N MET A 123 13.98 24.27 69.11
CA MET A 123 13.22 25.33 68.48
C MET A 123 14.15 26.42 67.93
N LEU A 124 13.66 27.13 66.93
CA LEU A 124 14.42 28.07 66.12
C LEU A 124 13.95 29.48 66.40
N ASP A 125 14.84 30.33 66.90
CA ASP A 125 14.46 31.73 66.99
C ASP A 125 14.73 32.38 65.64
N LYS A 126 14.40 33.66 65.53
CA LYS A 126 14.36 34.25 64.19
C LYS A 126 15.71 34.37 63.53
N ASP A 127 16.80 34.48 64.31
CA ASP A 127 18.11 34.64 63.67
C ASP A 127 18.82 33.29 63.49
N LEU A 128 18.37 32.25 64.20
CA LEU A 128 18.87 30.91 63.92
C LEU A 128 18.16 30.35 62.68
N PHE A 129 16.92 30.79 62.48
CA PHE A 129 16.21 30.50 61.24
C PHE A 129 16.94 31.12 60.04
N LYS A 130 17.38 32.37 60.18
CA LYS A 130 18.11 33.01 59.08
C LYS A 130 19.38 32.23 58.76
N LYS A 131 20.05 31.70 59.80
CA LYS A 131 21.26 30.89 59.64
C LYS A 131 21.01 29.65 58.77
N CYS A 132 19.79 29.10 58.77
CA CYS A 132 19.53 27.87 58.01
C CYS A 132 18.99 28.12 56.60
N VAL A 133 18.00 29.01 56.46
CA VAL A 133 17.38 29.24 55.16
C VAL A 133 18.14 30.24 54.31
N GLN A 134 19.24 30.79 54.84
CA GLN A 134 20.11 31.74 54.17
C GLN A 134 20.27 31.56 52.68
N SER A 135 20.97 30.51 52.26
CA SER A 135 21.31 30.43 50.85
C SER A 135 20.20 29.81 49.99
N ASN A 136 19.18 29.18 50.56
CA ASN A 136 18.07 28.66 49.76
C ASN A 136 16.78 29.46 49.96
N ILE A 137 16.91 30.73 50.36
CA ILE A 137 15.74 31.53 50.74
C ILE A 137 14.86 31.81 49.53
N VAL A 138 15.46 31.98 48.35
CA VAL A 138 14.68 32.26 47.15
C VAL A 138 13.74 31.10 46.83
N LEU A 139 14.28 29.89 46.81
CA LEU A 139 13.46 28.73 46.50
C LEU A 139 12.46 28.48 47.61
N LEU A 140 12.87 28.69 48.86
CA LEU A 140 11.96 28.45 49.97
C LEU A 140 10.79 29.44 49.95
N THR A 141 11.03 30.67 49.52
CA THR A 141 9.95 31.65 49.56
C THR A 141 8.87 31.34 48.51
N GLN A 142 9.26 31.00 47.28
CA GLN A 142 8.21 30.68 46.32
C GLN A 142 7.50 29.38 46.67
N ALA A 143 8.16 28.48 47.41
CA ALA A 143 7.50 27.29 47.91
C ALA A 143 6.45 27.65 48.97
N PHE A 144 6.81 28.57 49.88
CA PHE A 144 5.91 28.91 50.98
C PHE A 144 4.90 29.98 50.58
N ARG A 145 5.20 30.82 49.59
CA ARG A 145 4.22 31.77 49.07
C ARG A 145 3.41 31.18 47.93
N ARG A 146 3.27 29.85 47.91
CA ARG A 146 2.34 29.17 47.04
C ARG A 146 2.46 29.64 45.59
N LYS A 147 3.70 29.81 45.13
CA LYS A 147 3.96 30.28 43.78
C LYS A 147 4.48 29.21 42.83
N PHE A 148 4.52 27.95 43.25
CA PHE A 148 4.89 26.88 42.33
C PHE A 148 3.75 26.60 41.36
N VAL A 149 4.09 25.92 40.25
CA VAL A 149 3.14 25.70 39.18
C VAL A 149 1.86 25.03 39.69
N ILE A 150 1.96 24.24 40.74
CA ILE A 150 0.79 23.67 41.40
C ILE A 150 0.75 24.20 42.83
N PRO A 151 -0.01 25.27 43.09
CA PRO A 151 0.02 25.89 44.42
C PRO A 151 -0.44 24.94 45.52
N ASP A 152 -1.62 24.34 45.33
CA ASP A 152 -2.17 23.38 46.29
C ASP A 152 -1.75 21.96 45.88
N PHE A 153 -0.50 21.63 46.19
CA PHE A 153 0.03 20.31 45.84
C PHE A 153 -0.62 19.19 46.66
N MET A 154 -1.05 19.46 47.89
CA MET A 154 -1.61 18.38 48.69
C MET A 154 -2.96 17.93 48.14
N SER A 155 -3.79 18.88 47.70
CA SER A 155 -5.04 18.49 47.06
C SER A 155 -4.78 17.70 45.78
N PHE A 156 -3.84 18.16 44.96
CA PHE A 156 -3.57 17.52 43.68
C PHE A 156 -3.14 16.08 43.86
N THR A 157 -2.26 15.81 44.83
CA THR A 157 -1.85 14.42 45.05
C THR A 157 -3.01 13.57 45.53
N SER A 158 -3.98 14.16 46.23
CA SER A 158 -5.16 13.36 46.56
C SER A 158 -5.89 12.97 45.28
N HIS A 159 -5.80 13.82 44.24
CA HIS A 159 -6.37 13.44 42.94
C HIS A 159 -5.53 12.37 42.25
N ILE A 160 -4.20 12.47 42.33
CA ILE A 160 -3.33 11.43 41.74
C ILE A 160 -3.63 10.08 42.36
N ASP A 161 -3.78 10.05 43.70
CA ASP A 161 -4.08 8.80 44.39
C ASP A 161 -5.41 8.21 43.92
N GLU A 162 -6.45 9.04 43.78
CA GLU A 162 -7.72 8.51 43.30
C GLU A 162 -7.56 7.97 41.88
N LEU A 163 -6.82 8.70 41.02
CA LEU A 163 -6.61 8.23 39.66
C LEU A 163 -5.91 6.88 39.65
N TYR A 164 -4.87 6.73 40.47
CA TYR A 164 -4.13 5.49 40.56
C TYR A 164 -5.03 4.33 41.02
N GLU A 165 -5.82 4.55 42.07
CA GLU A 165 -6.66 3.46 42.57
C GLU A 165 -7.71 3.05 41.57
N SER A 166 -8.15 3.97 40.71
CA SER A 166 -9.13 3.61 39.69
C SER A 166 -8.47 2.86 38.55
N ALA A 167 -7.22 3.19 38.20
CA ALA A 167 -6.49 2.41 37.21
C ALA A 167 -6.01 1.07 37.76
N LYS A 168 -5.85 0.95 39.08
CA LYS A 168 -5.33 -0.27 39.68
C LYS A 168 -6.30 -1.44 39.55
N LYS A 169 -7.58 -1.17 39.31
CA LYS A 169 -8.58 -2.20 39.15
C LYS A 169 -8.76 -2.67 37.71
N GLN A 170 -8.02 -2.10 36.75
CA GLN A 170 -8.03 -2.54 35.35
C GLN A 170 -7.03 -3.67 35.15
N SER A 171 -7.48 -4.89 35.40
CA SER A 171 -6.61 -6.07 35.43
C SER A 171 -6.40 -6.73 34.07
N GLY A 172 -6.78 -6.08 32.95
CA GLY A 172 -6.54 -6.67 31.65
C GLY A 172 -5.09 -6.59 31.17
N GLY A 173 -4.81 -7.23 30.05
CA GLY A 173 -3.52 -7.14 29.42
C GLY A 173 -2.63 -8.34 29.70
N LYS A 174 -1.57 -8.47 28.89
CA LYS A 174 -0.59 -9.54 28.94
C LYS A 174 0.80 -8.95 29.16
N VAL A 175 1.55 -9.52 30.11
CA VAL A 175 2.94 -9.16 30.30
C VAL A 175 3.77 -9.72 29.14
N ALA A 176 4.78 -8.96 28.72
CA ALA A 176 5.62 -9.37 27.60
C ALA A 176 6.38 -10.65 27.94
N ASP A 177 6.40 -11.60 26.99
CA ASP A 177 6.97 -12.92 27.23
C ASP A 177 8.26 -13.18 26.48
N TYR A 178 8.61 -12.33 25.51
CA TYR A 178 9.62 -12.74 24.54
C TYR A 178 11.02 -12.87 25.15
N ILE A 179 11.27 -12.30 26.32
CA ILE A 179 12.48 -12.68 27.05
C ILE A 179 12.09 -12.94 28.50
N PRO A 180 12.76 -13.88 29.17
CA PRO A 180 12.36 -14.24 30.54
C PRO A 180 12.54 -13.12 31.55
N GLN A 181 13.16 -11.99 31.16
CA GLN A 181 13.38 -10.89 32.08
C GLN A 181 12.16 -10.00 32.19
N LEU A 182 11.42 -9.82 31.09
CA LEU A 182 10.16 -9.12 31.16
C LEU A 182 9.06 -10.03 31.69
N ALA A 183 9.17 -11.34 31.49
CA ALA A 183 8.15 -12.26 31.97
C ALA A 183 8.21 -12.47 33.48
N LYS A 184 9.39 -12.39 34.10
CA LYS A 184 9.46 -12.57 35.56
C LYS A 184 8.79 -11.44 36.36
N PHE A 185 8.31 -10.37 35.71
CA PHE A 185 7.72 -9.25 36.43
C PHE A 185 6.25 -9.57 36.75
N SER A 186 5.85 -9.26 37.98
CA SER A 186 4.50 -9.57 38.42
C SER A 186 3.48 -8.62 37.76
N PRO A 187 2.27 -9.12 37.50
CA PRO A 187 1.23 -8.26 36.88
C PRO A 187 0.53 -7.32 37.84
N ASP A 188 0.70 -7.48 39.15
CA ASP A 188 0.05 -6.59 40.11
C ASP A 188 0.87 -5.34 40.37
N LEU A 189 2.02 -5.21 39.72
CA LEU A 189 2.85 -4.04 39.92
C LEU A 189 2.26 -2.84 39.18
N TRP A 190 2.14 -1.72 39.88
CA TRP A 190 1.52 -0.52 39.31
C TRP A 190 1.95 0.68 40.13
N GLY A 191 2.63 1.62 39.49
CA GLY A 191 3.09 2.82 40.17
C GLY A 191 3.03 4.02 39.23
N VAL A 192 2.77 5.18 39.81
CA VAL A 192 2.84 6.47 39.11
C VAL A 192 3.62 7.43 39.99
N SER A 193 4.57 8.14 39.39
CA SER A 193 5.40 9.11 40.10
C SER A 193 5.29 10.44 39.39
N VAL A 194 5.09 11.50 40.15
CA VAL A 194 4.97 12.84 39.60
C VAL A 194 6.20 13.65 39.98
N CYS A 195 6.62 14.52 39.07
CA CYS A 195 7.59 15.57 39.37
C CYS A 195 7.22 16.82 38.60
N THR A 196 7.09 17.96 39.31
CA THR A 196 6.66 19.19 38.63
C THR A 196 7.84 19.94 38.03
N ALA A 197 7.52 20.89 37.16
CA ALA A 197 8.55 21.79 36.64
C ALA A 197 9.24 22.56 37.77
N ASP A 198 8.71 22.50 39.01
CA ASP A 198 9.37 23.10 40.15
C ASP A 198 9.93 22.08 41.14
N GLY A 199 9.80 20.79 40.85
CA GLY A 199 10.38 19.76 41.68
C GLY A 199 9.52 19.21 42.78
N GLN A 200 8.22 19.54 42.81
CA GLN A 200 7.32 18.94 43.78
C GLN A 200 7.07 17.50 43.39
N ARG A 201 7.19 16.59 44.33
CA ARG A 201 7.23 15.17 44.01
C ARG A 201 6.13 14.44 44.76
N HIS A 202 5.61 13.41 44.12
CA HIS A 202 4.63 12.54 44.76
C HIS A 202 4.69 11.17 44.10
N SER A 203 4.58 10.11 44.91
CA SER A 203 4.57 8.75 44.40
C SER A 203 3.37 7.97 44.98
N THR A 204 3.02 6.91 44.28
CA THR A 204 1.97 5.98 44.67
C THR A 204 2.11 4.65 43.94
N GLY A 205 2.06 3.55 44.71
CA GLY A 205 2.33 2.22 44.17
C GLY A 205 3.81 1.81 44.13
N ASP A 206 4.18 0.93 43.19
CA ASP A 206 5.54 0.37 43.13
C ASP A 206 6.45 1.29 42.32
N THR A 207 6.87 2.37 42.98
CA THR A 207 7.56 3.44 42.31
C THR A 207 9.06 3.40 42.53
N LYS A 208 9.53 2.43 43.33
CA LYS A 208 10.95 2.20 43.59
C LYS A 208 11.40 0.82 43.09
N VAL A 209 10.70 0.26 42.11
CA VAL A 209 11.05 -1.01 41.50
C VAL A 209 11.76 -0.73 40.19
N PRO A 210 12.96 -1.28 39.96
CA PRO A 210 13.68 -1.00 38.72
C PRO A 210 13.08 -1.75 37.55
N PHE A 211 13.12 -1.12 36.38
CA PHE A 211 12.68 -1.74 35.14
C PHE A 211 13.33 -1.04 33.97
N CYS A 212 13.38 -1.71 32.82
CA CYS A 212 14.13 -1.10 31.74
C CYS A 212 13.25 -0.16 30.97
N LEU A 213 13.88 0.84 30.39
CA LEU A 213 13.11 1.84 29.69
C LEU A 213 12.51 1.24 28.43
N GLN A 214 13.25 0.35 27.78
CA GLN A 214 12.90 -0.23 26.46
C GLN A 214 12.65 0.98 25.56
N SER A 215 11.57 1.00 24.77
CA SER A 215 11.40 2.10 23.84
C SER A 215 11.15 3.43 24.51
N CYS A 216 11.00 3.46 25.84
CA CYS A 216 10.93 4.77 26.48
C CYS A 216 12.24 5.52 26.37
N VAL A 217 13.31 4.84 25.96
CA VAL A 217 14.61 5.46 25.79
C VAL A 217 14.70 6.17 24.46
N LYS A 218 13.81 5.85 23.51
CA LYS A 218 13.93 6.43 22.19
C LYS A 218 13.77 7.95 22.18
N PRO A 219 12.79 8.56 22.84
CA PRO A 219 12.74 10.03 22.84
C PRO A 219 13.96 10.65 23.50
N LEU A 220 14.57 9.96 24.47
CA LEU A 220 15.72 10.54 25.16
C LEU A 220 16.95 10.55 24.27
N LYS A 221 17.23 9.43 23.60
CA LYS A 221 18.41 9.42 22.75
C LYS A 221 18.21 10.31 21.54
N TYR A 222 16.97 10.44 21.06
CA TYR A 222 16.69 11.43 20.02
C TYR A 222 17.01 12.83 20.53
N ALA A 223 16.55 13.17 21.74
CA ALA A 223 16.84 14.49 22.28
C ALA A 223 18.34 14.69 22.41
N ILE A 224 19.07 13.68 22.87
CA ILE A 224 20.54 13.79 22.95
C ILE A 224 21.12 14.08 21.58
N ALA A 225 20.60 13.41 20.55
CA ALA A 225 21.10 13.59 19.18
C ALA A 225 20.86 15.00 18.68
N VAL A 226 19.64 15.51 18.87
CA VAL A 226 19.32 16.85 18.38
C VAL A 226 20.13 17.87 19.15
N ASN A 227 20.28 17.64 20.46
CA ASN A 227 21.06 18.55 21.29
C ASN A 227 22.50 18.67 20.81
N ASP A 228 23.08 17.58 20.32
CA ASP A 228 24.49 17.61 19.95
C ASP A 228 24.76 18.00 18.50
N LEU A 229 23.82 17.73 17.58
CA LEU A 229 24.03 17.96 16.16
C LEU A 229 22.96 18.82 15.51
N GLY A 230 21.84 19.07 16.17
CA GLY A 230 20.95 20.01 15.53
C GLY A 230 19.87 19.32 14.74
N THR A 231 18.72 20.00 14.63
CA THR A 231 17.56 19.43 13.96
C THR A 231 17.87 19.05 12.53
N GLU A 232 18.55 19.93 11.81
CA GLU A 232 18.75 19.72 10.38
C GLU A 232 19.62 18.50 10.13
N TYR A 233 20.72 18.37 10.87
CA TYR A 233 21.61 17.23 10.67
C TYR A 233 20.90 15.92 10.98
N VAL A 234 20.26 15.84 12.15
CA VAL A 234 19.63 14.58 12.54
C VAL A 234 18.59 14.16 11.52
N HIS A 235 17.79 15.10 11.02
CA HIS A 235 16.69 14.72 10.13
C HIS A 235 17.10 14.64 8.67
N ARG A 236 18.40 14.78 8.39
CA ARG A 236 18.92 14.20 7.15
C ARG A 236 18.76 12.69 7.16
N TYR A 237 18.74 12.06 8.34
CA TYR A 237 18.73 10.60 8.40
C TYR A 237 17.42 10.01 8.89
N VAL A 238 16.52 10.78 9.49
CA VAL A 238 15.27 10.25 10.01
C VAL A 238 14.16 11.28 9.79
N GLY A 239 12.98 10.82 9.41
CA GLY A 239 11.83 11.65 9.17
C GLY A 239 11.29 12.27 10.46
N LYS A 240 10.16 12.96 10.30
CA LYS A 240 9.55 13.67 11.42
C LYS A 240 8.02 13.58 11.43
N GLU A 241 7.47 12.49 10.92
CA GLU A 241 6.03 12.31 10.84
C GLU A 241 5.67 10.93 11.32
N PRO A 242 4.42 10.69 11.71
CA PRO A 242 3.96 9.33 11.89
C PRO A 242 3.86 8.66 10.54
N SER A 243 4.07 7.34 10.53
CA SER A 243 4.13 6.59 9.29
C SER A 243 2.75 6.44 8.66
N GLY A 244 1.73 6.42 9.49
CA GLY A 244 0.36 6.09 9.14
C GLY A 244 0.17 4.68 9.65
N LEU A 245 -0.89 4.38 10.39
CA LEU A 245 -0.97 3.08 11.05
C LEU A 245 -1.35 2.07 9.98
N ARG A 246 -0.59 2.12 8.89
CA ARG A 246 -0.77 1.26 7.74
C ARG A 246 0.54 0.64 7.37
N PHE A 247 1.60 1.10 8.04
CA PHE A 247 3.01 0.88 7.75
C PHE A 247 3.86 0.64 8.98
N ASN A 248 3.36 -0.08 10.00
CA ASN A 248 4.35 -0.63 10.92
C ASN A 248 5.27 -1.52 10.11
N LYS A 249 4.75 -2.03 9.00
CA LYS A 249 5.47 -3.03 8.26
C LYS A 249 6.53 -2.42 7.36
N LEU A 250 6.31 -1.22 6.85
CA LEU A 250 7.35 -0.57 6.05
C LEU A 250 8.39 0.09 6.95
N PHE A 251 9.68 -0.06 6.58
CA PHE A 251 10.79 0.51 7.35
C PHE A 251 11.13 1.93 6.90
N LEU A 252 10.85 2.29 5.64
CA LEU A 252 11.33 3.54 5.07
C LEU A 252 10.17 4.33 4.51
N ASN A 253 10.36 5.65 4.46
CA ASN A 253 9.43 6.54 3.83
C ASN A 253 9.89 6.81 2.39
N GLU A 254 9.29 7.80 1.75
CA GLU A 254 9.52 8.05 0.33
C GLU A 254 10.91 8.58 0.04
N ASP A 255 11.60 9.14 1.03
CA ASP A 255 12.97 9.61 0.83
C ASP A 255 13.99 8.62 1.40
N ASP A 256 13.58 7.36 1.58
CA ASP A 256 14.44 6.28 2.03
C ASP A 256 15.10 6.58 3.38
N LYS A 257 14.36 7.24 4.27
CA LYS A 257 14.64 7.43 5.67
C LYS A 257 13.54 6.77 6.47
N PRO A 258 13.83 6.29 7.68
CA PRO A 258 12.76 5.82 8.57
C PRO A 258 11.81 6.94 8.91
N HIS A 259 10.57 6.57 9.24
CA HIS A 259 9.49 7.55 9.29
C HIS A 259 9.72 8.59 10.39
N ASN A 260 10.19 8.16 11.56
CA ASN A 260 10.41 9.06 12.69
C ASN A 260 11.32 8.36 13.68
N PRO A 261 11.88 9.10 14.65
CA PRO A 261 12.73 8.47 15.68
C PRO A 261 11.98 7.53 16.65
N MET A 262 10.66 7.51 16.67
CA MET A 262 9.99 6.71 17.68
C MET A 262 9.74 5.25 17.25
N VAL A 263 9.95 4.91 15.97
CA VAL A 263 9.86 3.52 15.53
C VAL A 263 11.25 2.91 15.59
N ASN A 264 11.29 1.57 15.60
CA ASN A 264 12.56 0.87 15.82
C ASN A 264 13.59 1.25 14.77
N ALA A 265 13.17 1.30 13.50
CA ALA A 265 14.11 1.67 12.45
C ALA A 265 14.67 3.07 12.65
N GLY A 266 13.83 4.02 13.05
CA GLY A 266 14.32 5.37 13.27
C GLY A 266 15.27 5.47 14.45
N ALA A 267 14.95 4.79 15.54
CA ALA A 267 15.83 4.76 16.71
C ALA A 267 17.19 4.17 16.37
N ILE A 268 17.21 3.13 15.52
CA ILE A 268 18.50 2.53 15.15
C ILE A 268 19.33 3.51 14.34
N VAL A 269 18.70 4.27 13.45
CA VAL A 269 19.45 5.32 12.76
C VAL A 269 19.90 6.37 13.76
N VAL A 270 19.00 6.79 14.67
CA VAL A 270 19.39 7.78 15.67
C VAL A 270 20.51 7.25 16.54
N THR A 271 20.45 5.97 16.92
CA THR A 271 21.53 5.43 17.73
C THR A 271 22.85 5.55 17.00
N SER A 272 22.83 5.42 15.67
CA SER A 272 24.09 5.54 14.92
C SER A 272 24.62 6.97 14.87
N LEU A 273 23.84 7.98 15.26
CA LEU A 273 24.30 9.36 15.17
C LEU A 273 25.02 9.87 16.43
N ILE A 274 24.80 9.25 17.58
CA ILE A 274 25.30 9.77 18.85
C ILE A 274 26.77 9.40 19.01
N LYS A 275 27.58 10.39 19.40
CA LYS A 275 28.98 10.22 19.75
C LYS A 275 29.72 9.39 18.70
N GLN A 276 29.67 9.88 17.47
CA GLN A 276 30.36 9.15 16.41
C GLN A 276 31.87 9.22 16.66
N GLY A 277 32.55 8.12 16.37
CA GLY A 277 34.00 8.08 16.44
C GLY A 277 34.63 7.47 17.69
N VAL A 278 33.85 7.18 18.73
CA VAL A 278 34.35 6.44 19.89
C VAL A 278 33.74 5.03 19.89
N ASN A 279 34.26 4.17 20.77
CA ASN A 279 33.73 2.81 20.86
C ASN A 279 32.46 2.78 21.71
N ASN A 280 31.83 1.61 21.77
CA ASN A 280 30.52 1.51 22.40
C ASN A 280 30.57 1.78 23.91
N ALA A 281 31.70 1.52 24.56
CA ALA A 281 31.81 1.77 26.00
C ALA A 281 31.72 3.25 26.32
N GLU A 282 32.39 4.09 25.54
CA GLU A 282 32.33 5.54 25.77
C GLU A 282 31.01 6.14 25.29
N LYS A 283 30.46 5.64 24.19
CA LYS A 283 29.13 6.08 23.77
C LYS A 283 28.12 5.82 24.87
N PHE A 284 28.15 4.60 25.43
CA PHE A 284 27.18 4.24 26.45
C PHE A 284 27.30 5.15 27.68
N ASP A 285 28.54 5.37 28.13
CA ASP A 285 28.77 6.25 29.26
C ASP A 285 28.45 7.71 28.93
N TYR A 286 28.59 8.11 27.66
CA TYR A 286 28.17 9.45 27.26
C TYR A 286 26.66 9.58 27.38
N VAL A 287 25.93 8.54 26.99
CA VAL A 287 24.49 8.56 27.20
C VAL A 287 24.17 8.47 28.69
N MET A 288 24.94 7.70 29.47
CA MET A 288 24.67 7.57 30.90
C MET A 288 24.87 8.90 31.65
N GLN A 289 25.98 9.60 31.39
CA GLN A 289 26.13 10.92 31.98
C GLN A 289 24.90 11.77 31.68
N PHE A 290 24.36 11.61 30.47
CA PHE A 290 23.26 12.47 30.05
C PHE A 290 21.97 12.14 30.81
N LEU A 291 21.65 10.84 30.92
CA LEU A 291 20.45 10.43 31.65
C LEU A 291 20.56 10.65 33.16
N ASN A 292 21.77 10.65 33.71
CA ASN A 292 21.94 10.98 35.12
C ASN A 292 21.52 12.41 35.35
N LYS A 293 21.96 13.28 34.45
CA LYS A 293 21.60 14.67 34.59
C LYS A 293 20.10 14.91 34.39
N MET A 294 19.47 14.14 33.51
CA MET A 294 18.06 14.38 33.28
C MET A 294 17.23 14.01 34.49
N ALA A 295 17.68 13.05 35.29
CA ALA A 295 16.96 12.57 36.45
C ALA A 295 17.45 13.15 37.78
N GLY A 296 18.24 14.22 37.74
CA GLY A 296 18.78 14.77 38.99
C GLY A 296 19.58 13.78 39.78
N ASN A 297 20.24 12.83 39.10
CA ASN A 297 21.11 11.84 39.71
C ASN A 297 20.36 10.80 40.53
N GLU A 298 19.10 10.56 40.23
CA GLU A 298 18.42 9.45 40.87
C GLU A 298 18.66 8.19 40.02
N TYR A 299 17.97 7.09 40.32
CA TYR A 299 18.45 5.79 39.84
C TYR A 299 18.37 5.71 38.32
N VAL A 300 19.51 5.50 37.68
CA VAL A 300 19.60 5.11 36.29
C VAL A 300 20.53 3.92 36.24
N GLY A 301 20.05 2.80 35.71
CA GLY A 301 20.87 1.60 35.74
C GLY A 301 20.91 0.78 34.46
N PHE A 302 21.31 -0.47 34.60
CA PHE A 302 21.53 -1.29 33.41
C PHE A 302 21.23 -2.75 33.75
N SER A 303 20.46 -3.40 32.88
CA SER A 303 20.17 -4.81 33.06
C SER A 303 20.94 -5.56 31.98
N ASN A 304 22.03 -6.19 32.39
CA ASN A 304 22.74 -7.03 31.44
C ASN A 304 21.92 -8.27 31.12
N ALA A 305 21.09 -8.74 32.06
CA ALA A 305 20.17 -9.83 31.77
C ALA A 305 19.23 -9.47 30.62
N THR A 306 18.58 -8.31 30.69
CA THR A 306 17.75 -7.85 29.58
C THR A 306 18.58 -7.63 28.32
N PHE A 307 19.82 -7.14 28.47
CA PHE A 307 20.63 -6.87 27.28
C PHE A 307 20.94 -8.15 26.53
N GLN A 308 21.36 -9.20 27.25
CA GLN A 308 21.79 -10.43 26.59
C GLN A 308 20.62 -11.12 25.92
N SER A 309 19.43 -11.02 26.51
CA SER A 309 18.27 -11.65 25.92
C SER A 309 17.73 -10.86 24.73
N GLU A 310 17.88 -9.53 24.73
CA GLU A 310 17.46 -8.75 23.57
C GLU A 310 18.35 -9.03 22.36
N ARG A 311 19.65 -9.27 22.59
CA ARG A 311 20.55 -9.48 21.46
C ARG A 311 20.46 -10.90 20.90
N GLU A 312 20.06 -11.88 21.71
CA GLU A 312 19.87 -13.23 21.19
C GLU A 312 18.44 -13.46 20.70
N SER A 313 17.69 -12.38 20.52
CA SER A 313 16.30 -12.50 20.06
C SER A 313 15.91 -11.32 19.18
N GLY A 314 16.86 -10.51 18.75
CA GLY A 314 16.53 -9.34 18.00
C GLY A 314 16.63 -9.60 16.52
N ASP A 315 16.06 -10.71 16.04
CA ASP A 315 16.13 -11.01 14.62
C ASP A 315 15.47 -9.91 13.82
N ARG A 316 14.40 -9.30 14.36
CA ARG A 316 13.80 -8.16 13.69
C ARG A 316 14.70 -6.93 13.63
N ASN A 317 15.42 -6.60 14.71
CA ASN A 317 16.30 -5.45 14.60
C ASN A 317 17.52 -5.76 13.73
N PHE A 318 17.94 -7.01 13.71
CA PHE A 318 18.99 -7.37 12.77
C PHE A 318 18.48 -7.27 11.35
N ALA A 319 17.22 -7.63 11.12
CA ALA A 319 16.60 -7.39 9.83
C ALA A 319 16.63 -5.90 9.48
N ILE A 320 16.23 -5.04 10.42
CA ILE A 320 16.24 -3.60 10.16
C ILE A 320 17.64 -3.11 9.85
N GLY A 321 18.62 -3.58 10.63
CA GLY A 321 19.98 -3.11 10.44
C GLY A 321 20.50 -3.38 9.06
N TYR A 322 20.27 -4.59 8.56
CA TYR A 322 20.75 -4.92 7.22
C TYR A 322 20.01 -4.11 6.15
N TYR A 323 18.68 -3.98 6.30
CA TYR A 323 17.93 -3.16 5.35
C TYR A 323 18.47 -1.73 5.32
N LEU A 324 18.66 -1.11 6.49
CA LEU A 324 19.17 0.27 6.51
C LEU A 324 20.56 0.34 5.90
N LYS A 325 21.40 -0.68 6.14
CA LYS A 325 22.72 -0.72 5.53
C LYS A 325 22.63 -0.78 4.02
N GLU A 326 21.70 -1.60 3.50
CA GLU A 326 21.58 -1.73 2.05
C GLU A 326 21.06 -0.44 1.43
N LYS A 327 20.10 0.21 2.07
CA LYS A 327 19.54 1.45 1.58
C LYS A 327 20.39 2.67 1.93
N LYS A 328 21.58 2.46 2.51
CA LYS A 328 22.53 3.51 2.90
C LYS A 328 21.88 4.61 3.76
N CYS A 329 21.32 4.19 4.90
CA CYS A 329 20.61 5.10 5.80
C CYS A 329 21.47 5.55 6.98
N PHE A 330 22.66 5.00 7.15
CA PHE A 330 23.57 5.34 8.23
C PHE A 330 24.60 6.34 7.73
N PRO A 331 25.20 7.13 8.63
CA PRO A 331 26.31 7.97 8.23
C PRO A 331 27.47 7.11 7.75
N GLU A 332 28.33 7.71 6.91
CA GLU A 332 29.47 6.97 6.36
C GLU A 332 30.37 6.47 7.49
N GLY A 333 30.88 5.26 7.32
CA GLY A 333 31.73 4.67 8.33
C GLY A 333 31.01 4.05 9.50
N THR A 334 29.73 3.73 9.35
CA THR A 334 28.96 3.12 10.44
C THR A 334 29.22 1.61 10.51
N ASP A 335 29.50 1.14 11.71
CA ASP A 335 29.54 -0.30 11.99
C ASP A 335 28.14 -0.72 12.39
N MET A 336 27.39 -1.27 11.42
CA MET A 336 25.96 -1.52 11.61
C MET A 336 25.70 -2.47 12.77
N VAL A 337 26.39 -3.61 12.79
CA VAL A 337 26.12 -4.57 13.84
C VAL A 337 26.55 -3.99 15.17
N GLY A 338 27.59 -3.15 15.19
CA GLY A 338 27.98 -2.50 16.44
C GLY A 338 26.93 -1.53 16.96
N ILE A 339 26.37 -0.71 16.07
CA ILE A 339 25.23 0.15 16.40
C ILE A 339 24.09 -0.69 16.95
N LEU A 340 23.84 -1.86 16.36
CA LEU A 340 22.78 -2.72 16.88
C LEU A 340 23.06 -3.16 18.32
N ASP A 341 24.31 -3.46 18.64
CA ASP A 341 24.64 -3.80 20.02
C ASP A 341 24.42 -2.62 20.94
N PHE A 342 24.88 -1.43 20.53
CA PHE A 342 24.63 -0.21 21.27
C PHE A 342 23.12 0.00 21.48
N TYR A 343 22.31 -0.25 20.44
CA TYR A 343 20.86 -0.08 20.55
C TYR A 343 20.24 -1.01 21.58
N PHE A 344 20.65 -2.28 21.57
CA PHE A 344 20.14 -3.20 22.59
C PHE A 344 20.52 -2.77 24.00
N GLN A 345 21.69 -2.15 24.18
CA GLN A 345 22.09 -1.66 25.50
C GLN A 345 21.20 -0.51 25.98
N LEU A 346 20.98 0.50 25.13
CA LEU A 346 20.14 1.64 25.50
C LEU A 346 18.73 1.21 25.88
N CYS A 347 18.25 0.08 25.33
CA CYS A 347 16.92 -0.39 25.66
C CYS A 347 16.90 -1.19 26.95
N SER A 348 18.06 -1.62 27.45
CA SER A 348 18.18 -2.32 28.72
C SER A 348 18.56 -1.41 29.90
N ILE A 349 18.65 -0.10 29.70
CA ILE A 349 18.93 0.82 30.79
C ILE A 349 17.75 0.88 31.75
N GLU A 350 18.02 0.90 33.07
CA GLU A 350 16.93 0.83 34.04
C GLU A 350 16.71 2.15 34.76
N VAL A 351 15.46 2.33 35.17
CA VAL A 351 14.98 3.46 35.96
C VAL A 351 13.98 2.93 36.97
N THR A 352 13.57 3.80 37.87
CA THR A 352 12.35 3.59 38.63
C THR A 352 11.33 4.64 38.18
N CYS A 353 10.11 4.53 38.69
CA CYS A 353 9.12 5.55 38.40
C CYS A 353 9.56 6.91 38.92
N GLU A 354 10.15 6.93 40.13
CA GLU A 354 10.58 8.19 40.70
C GLU A 354 11.68 8.82 39.85
N SER A 355 12.72 8.04 39.52
CA SER A 355 13.84 8.59 38.76
C SER A 355 13.44 8.96 37.34
N ALA A 356 12.58 8.17 36.71
CA ALA A 356 12.19 8.50 35.34
C ALA A 356 11.26 9.70 35.31
N SER A 357 10.46 9.91 36.37
CA SER A 357 9.54 11.04 36.33
C SER A 357 10.30 12.36 36.36
N VAL A 358 11.50 12.38 36.94
CA VAL A 358 12.35 13.57 36.84
C VAL A 358 12.87 13.73 35.42
N MET A 359 13.13 12.62 34.71
CA MET A 359 13.53 12.74 33.31
C MET A 359 12.39 13.37 32.50
N ALA A 360 11.16 12.90 32.73
CA ALA A 360 9.99 13.47 32.09
C ALA A 360 9.80 14.95 32.45
N ALA A 361 10.02 15.30 33.72
CA ALA A 361 9.87 16.69 34.14
C ALA A 361 10.92 17.60 33.50
N THR A 362 12.13 17.07 33.21
CA THR A 362 13.13 17.85 32.48
C THR A 362 12.63 18.22 31.07
N LEU A 363 11.93 17.28 30.41
CA LEU A 363 11.34 17.56 29.11
C LEU A 363 10.16 18.52 29.24
N ALA A 364 9.42 18.46 30.35
CA ALA A 364 8.36 19.45 30.60
C ALA A 364 8.91 20.84 30.96
N ASN A 365 10.19 20.94 31.27
CA ASN A 365 10.80 22.13 31.82
C ASN A 365 11.81 22.76 30.84
N GLY A 366 11.54 22.65 29.54
CA GLY A 366 12.40 23.26 28.53
C GLY A 366 13.84 22.79 28.56
N GLY A 367 14.13 21.65 29.20
CA GLY A 367 15.46 21.10 29.19
C GLY A 367 16.29 21.32 30.44
N PHE A 368 15.72 21.96 31.45
CA PHE A 368 16.38 22.16 32.73
C PHE A 368 15.83 21.13 33.70
N CYS A 369 16.70 20.38 34.36
CA CYS A 369 16.22 19.40 35.34
C CYS A 369 15.63 20.14 36.54
N PRO A 370 14.39 19.82 36.96
CA PRO A 370 13.70 20.67 37.92
C PRO A 370 14.22 20.55 39.36
N ILE A 371 14.90 19.45 39.72
CA ILE A 371 15.37 19.29 41.09
C ILE A 371 16.85 19.66 41.25
N THR A 372 17.51 20.12 40.19
CA THR A 372 18.88 20.59 40.32
C THR A 372 19.08 21.98 39.73
N GLY A 373 18.27 22.35 38.73
CA GLY A 373 18.49 23.59 37.99
C GLY A 373 19.48 23.53 36.84
N GLU A 374 20.02 22.35 36.51
CA GLU A 374 21.04 22.25 35.47
C GLU A 374 20.37 22.24 34.09
N ARG A 375 20.97 22.94 33.15
CA ARG A 375 20.54 22.86 31.75
C ARG A 375 21.08 21.56 31.15
N VAL A 376 20.18 20.63 30.82
CA VAL A 376 20.57 19.33 30.31
C VAL A 376 20.35 19.21 28.81
N LEU A 377 19.30 19.81 28.27
CA LEU A 377 18.99 19.75 26.85
C LEU A 377 18.67 21.14 26.30
N SER A 378 19.02 21.35 25.03
CA SER A 378 18.63 22.57 24.37
C SER A 378 17.12 22.59 24.13
N PRO A 379 16.51 23.78 24.09
CA PRO A 379 15.07 23.85 23.84
C PRO A 379 14.66 23.30 22.49
N GLU A 380 15.52 23.44 21.49
CA GLU A 380 15.24 22.80 20.20
C GLU A 380 15.12 21.28 20.34
N ALA A 381 16.00 20.68 21.16
CA ALA A 381 15.94 19.24 21.37
C ALA A 381 14.67 18.84 22.09
N VAL A 382 14.27 19.60 23.10
CA VAL A 382 13.10 19.23 23.89
C VAL A 382 11.83 19.42 23.09
N ARG A 383 11.74 20.52 22.34
CA ARG A 383 10.57 20.77 21.50
C ARG A 383 10.42 19.67 20.44
N ASN A 384 11.50 19.38 19.71
CA ASN A 384 11.41 18.34 18.69
C ASN A 384 10.92 17.04 19.30
N THR A 385 11.55 16.63 20.42
CA THR A 385 11.21 15.38 21.09
C THR A 385 9.75 15.36 21.55
N LEU A 386 9.26 16.47 22.09
CA LEU A 386 7.84 16.54 22.45
C LEU A 386 6.94 16.44 21.21
N SER A 387 7.28 17.13 20.11
CA SER A 387 6.38 17.09 18.95
C SER A 387 6.20 15.65 18.47
N LEU A 388 7.29 14.85 18.51
CA LEU A 388 7.28 13.50 17.98
C LEU A 388 6.78 12.47 18.99
N MET A 389 6.86 12.76 20.30
CA MET A 389 6.14 11.94 21.27
C MET A 389 4.62 12.16 21.14
N HIS A 390 4.18 13.38 20.82
CA HIS A 390 2.77 13.67 20.62
C HIS A 390 2.18 12.77 19.54
N SER A 391 2.88 12.64 18.41
CA SER A 391 2.31 11.99 17.22
C SER A 391 2.75 10.54 17.01
N CYS A 392 3.89 10.12 17.55
CA CYS A 392 4.44 8.81 17.23
C CYS A 392 4.87 8.04 18.48
N GLY A 393 4.27 8.32 19.62
CA GLY A 393 4.87 7.86 20.84
C GLY A 393 4.26 6.61 21.42
N MET A 394 3.11 6.19 20.89
CA MET A 394 2.34 5.12 21.49
C MET A 394 1.99 4.04 20.47
N TYR A 395 2.92 3.75 19.57
CA TYR A 395 2.75 2.73 18.53
C TYR A 395 1.43 2.97 17.80
N ASP A 396 0.65 1.93 17.54
CA ASP A 396 -0.57 2.18 16.77
C ASP A 396 -1.66 2.91 17.55
N PHE A 397 -1.47 3.18 18.84
CA PHE A 397 -2.44 3.95 19.59
C PHE A 397 -2.18 5.45 19.49
N SER A 398 -1.14 5.86 18.75
CA SER A 398 -0.68 7.26 18.81
C SER A 398 -1.76 8.25 18.38
N GLY A 399 -2.44 8.00 17.25
CA GLY A 399 -3.46 8.95 16.79
C GLY A 399 -4.58 9.11 17.79
N GLN A 400 -5.03 7.98 18.36
CA GLN A 400 -6.09 8.00 19.36
C GLN A 400 -5.59 8.69 20.63
N PHE A 401 -4.33 8.45 20.97
CA PHE A 401 -3.77 9.05 22.17
C PHE A 401 -3.66 10.57 21.99
N ALA A 402 -3.21 11.03 20.83
CA ALA A 402 -3.15 12.47 20.57
C ALA A 402 -4.54 13.09 20.60
N PHE A 403 -5.52 12.41 20.02
CA PHE A 403 -6.84 12.97 19.97
C PHE A 403 -7.47 13.02 21.36
N HIS A 404 -7.53 11.88 22.04
CA HIS A 404 -8.29 11.81 23.30
C HIS A 404 -7.49 12.31 24.51
N VAL A 405 -6.19 12.10 24.55
CA VAL A 405 -5.40 12.51 25.69
C VAL A 405 -4.58 13.75 25.39
N GLY A 406 -4.03 13.88 24.19
CA GLY A 406 -3.40 15.14 23.85
C GLY A 406 -2.21 15.47 24.71
N LEU A 407 -1.38 14.47 25.03
CA LEU A 407 -0.16 14.69 25.79
C LEU A 407 1.02 14.01 25.13
N PRO A 408 2.20 14.64 25.17
CA PRO A 408 3.43 13.93 24.75
C PRO A 408 3.67 12.73 25.66
N ALA A 409 3.77 11.55 25.07
CA ALA A 409 4.00 10.35 25.88
C ALA A 409 4.80 9.36 25.07
N LYS A 410 5.36 8.37 25.77
CA LYS A 410 6.12 7.34 25.07
C LYS A 410 5.94 6.03 25.81
N SER A 411 5.55 5.01 25.08
CA SER A 411 5.28 3.69 25.64
C SER A 411 6.53 2.83 25.56
N GLY A 412 6.65 1.87 26.48
CA GLY A 412 7.69 0.87 26.42
C GLY A 412 7.13 -0.51 26.73
N VAL A 413 7.84 -1.54 26.26
CA VAL A 413 7.36 -2.92 26.41
C VAL A 413 7.47 -3.45 27.84
N ALA A 414 8.33 -2.86 28.67
CA ALA A 414 8.37 -3.26 30.08
C ALA A 414 7.10 -2.84 30.83
N GLY A 415 6.22 -2.05 30.20
CA GLY A 415 5.02 -1.56 30.85
C GLY A 415 5.07 -0.14 31.36
N GLY A 416 6.09 0.65 31.01
CA GLY A 416 6.17 2.05 31.38
C GLY A 416 5.58 2.96 30.33
N ILE A 417 5.10 4.13 30.75
CA ILE A 417 4.65 5.21 29.85
C ILE A 417 5.26 6.50 30.36
N LEU A 418 6.30 6.98 29.70
CA LEU A 418 6.90 8.27 29.99
C LEU A 418 5.99 9.36 29.43
N LEU A 419 5.51 10.26 30.29
CA LEU A 419 4.46 11.22 29.96
C LEU A 419 4.87 12.64 30.35
N VAL A 420 4.55 13.60 29.50
CA VAL A 420 4.99 14.97 29.76
C VAL A 420 3.79 15.90 29.64
N VAL A 421 3.51 16.65 30.71
CA VAL A 421 2.55 17.75 30.59
C VAL A 421 3.38 19.01 30.48
N PRO A 422 3.54 19.56 29.27
CA PRO A 422 4.41 20.73 29.11
C PRO A 422 4.00 21.86 30.03
N ASN A 423 4.99 22.45 30.69
CA ASN A 423 4.94 23.59 31.60
C ASN A 423 4.38 23.22 32.97
N VAL A 424 4.09 21.94 33.24
CA VAL A 424 3.51 21.56 34.53
C VAL A 424 4.35 20.49 35.22
N MET A 425 4.51 19.33 34.59
CA MET A 425 5.11 18.20 35.29
C MET A 425 5.46 17.11 34.29
N GLY A 426 6.32 16.20 34.73
CA GLY A 426 6.58 14.97 34.02
C GLY A 426 6.12 13.82 34.90
N MET A 427 5.85 12.67 34.29
CA MET A 427 5.33 11.51 35.02
C MET A 427 5.94 10.25 34.43
N MET A 428 5.99 9.20 35.23
CA MET A 428 6.26 7.86 34.72
C MET A 428 5.28 6.90 35.38
N CYS A 429 4.37 6.31 34.60
CA CYS A 429 3.50 5.25 35.08
C CYS A 429 4.09 3.92 34.62
N TRP A 430 3.95 2.88 35.45
CA TRP A 430 4.51 1.59 35.07
C TRP A 430 3.63 0.46 35.57
N SER A 431 3.15 -0.37 34.63
CA SER A 431 2.43 -1.60 34.92
C SER A 431 2.74 -2.60 33.81
N PRO A 432 3.37 -3.73 34.11
CA PRO A 432 3.88 -4.64 33.03
C PRO A 432 2.81 -5.16 32.08
N PRO A 433 1.57 -5.45 32.51
CA PRO A 433 0.61 -6.02 31.55
C PRO A 433 0.28 -5.05 30.41
N LEU A 434 0.60 -5.48 29.19
CA LEU A 434 0.38 -4.69 27.98
C LEU A 434 -0.94 -5.06 27.32
N ASP A 435 -1.50 -4.09 26.57
CA ASP A 435 -2.67 -4.36 25.76
C ASP A 435 -2.23 -4.83 24.37
N LYS A 436 -3.21 -5.04 23.49
CA LYS A 436 -2.96 -5.58 22.16
C LYS A 436 -1.95 -4.75 21.36
N MET A 437 -1.81 -3.47 21.67
CA MET A 437 -0.95 -2.61 20.88
C MET A 437 0.43 -2.37 21.49
N GLY A 438 0.71 -2.95 22.65
CA GLY A 438 2.01 -2.81 23.28
C GLY A 438 2.07 -1.80 24.41
N ASN A 439 0.94 -1.16 24.73
CA ASN A 439 0.89 -0.10 25.73
C ASN A 439 0.34 -0.65 27.04
N SER A 440 0.87 -0.15 28.14
CA SER A 440 0.53 -0.73 29.43
C SER A 440 -0.93 -0.43 29.74
N VAL A 441 -1.68 -1.48 30.10
CA VAL A 441 -3.13 -1.33 30.23
C VAL A 441 -3.46 -0.25 31.26
N LYS A 442 -2.97 -0.41 32.49
CA LYS A 442 -3.25 0.57 33.53
C LYS A 442 -2.73 1.95 33.14
N GLY A 443 -1.52 2.01 32.58
CA GLY A 443 -0.95 3.29 32.19
C GLY A 443 -1.88 4.07 31.27
N ILE A 444 -2.43 3.38 30.25
CA ILE A 444 -3.34 4.03 29.31
C ILE A 444 -4.62 4.48 30.02
N HIS A 445 -5.12 3.66 30.94
CA HIS A 445 -6.33 4.03 31.68
C HIS A 445 -6.09 5.29 32.51
N PHE A 446 -4.92 5.35 33.18
CA PHE A 446 -4.56 6.51 33.97
C PHE A 446 -4.49 7.77 33.10
N CYS A 447 -3.97 7.66 31.88
CA CYS A 447 -3.72 8.87 31.11
C CYS A 447 -5.03 9.47 30.62
N HIS A 448 -6.00 8.63 30.27
CA HIS A 448 -7.34 9.11 29.96
C HIS A 448 -8.00 9.76 31.17
N ASP A 449 -7.97 9.09 32.31
CA ASP A 449 -8.53 9.67 33.52
C ASP A 449 -7.91 11.04 33.82
N LEU A 450 -6.59 11.13 33.73
CA LEU A 450 -5.91 12.35 34.10
C LEU A 450 -6.41 13.53 33.28
N VAL A 451 -6.53 13.34 31.97
CA VAL A 451 -6.95 14.43 31.10
C VAL A 451 -8.45 14.69 31.21
N SER A 452 -9.22 13.69 31.61
CA SER A 452 -10.64 13.91 31.80
C SER A 452 -10.91 14.71 33.05
N LEU A 453 -9.96 14.68 33.99
CA LEU A 453 -10.11 15.39 35.24
C LEU A 453 -9.55 16.81 35.17
N CYS A 454 -8.40 17.01 34.53
CA CYS A 454 -7.70 18.28 34.50
C CYS A 454 -7.57 18.80 33.08
N ASN A 455 -7.48 20.12 32.96
CA ASN A 455 -7.39 20.72 31.65
C ASN A 455 -5.95 20.66 31.16
N PHE A 456 -5.34 19.48 31.19
CA PHE A 456 -3.98 19.30 30.72
C PHE A 456 -3.89 18.95 29.24
N HIS A 457 -5.02 18.67 28.59
CA HIS A 457 -5.03 18.34 27.17
C HIS A 457 -4.43 19.49 26.38
N ASN A 458 -3.56 19.14 25.44
CA ASN A 458 -2.88 20.08 24.58
C ASN A 458 -3.80 21.18 24.04
N TYR A 459 -5.04 20.84 23.72
CA TYR A 459 -5.93 21.83 23.16
C TYR A 459 -7.15 22.04 24.05
N ASP A 460 -7.01 21.70 25.34
CA ASP A 460 -7.86 22.31 26.33
C ASP A 460 -7.55 23.80 26.38
N ASN A 461 -8.49 24.56 26.94
CA ASN A 461 -8.31 25.99 27.09
C ASN A 461 -8.05 26.32 28.56
N LEU A 462 -7.14 27.26 28.83
CA LEU A 462 -6.81 27.64 30.19
C LEU A 462 -7.82 28.59 30.81
N ARG A 463 -8.71 29.16 30.02
CA ARG A 463 -9.69 30.13 30.47
C ARG A 463 -11.09 29.55 30.56
N HIS A 464 -11.51 28.79 29.55
CA HIS A 464 -12.83 28.16 29.53
C HIS A 464 -12.65 26.65 29.37
N PHE A 465 -12.88 25.89 30.46
CA PHE A 465 -12.65 24.46 30.41
C PHE A 465 -13.76 23.65 31.07
N ALA A 466 -14.99 24.14 31.00
CA ALA A 466 -16.18 23.33 31.33
C ALA A 466 -16.03 22.78 32.76
N LYS A 467 -16.29 21.50 32.97
CA LYS A 467 -16.32 20.89 34.30
C LYS A 467 -14.93 20.41 34.75
N LYS A 468 -13.89 20.70 33.98
CA LYS A 468 -12.59 20.19 34.36
C LYS A 468 -12.00 21.00 35.53
N LEU A 469 -11.03 20.39 36.21
CA LEU A 469 -10.28 20.99 37.30
C LEU A 469 -8.95 21.52 36.75
N ASP A 470 -8.48 22.65 37.29
CA ASP A 470 -7.20 23.22 36.87
C ASP A 470 -6.27 23.33 38.07
N PRO A 471 -5.29 22.44 38.20
CA PRO A 471 -4.39 22.49 39.37
C PRO A 471 -3.41 23.66 39.34
N ARG A 472 -3.33 24.41 38.25
CA ARG A 472 -2.51 25.61 38.19
C ARG A 472 -3.16 26.80 38.90
N ARG A 473 -4.45 26.70 39.20
CA ARG A 473 -5.27 27.76 39.76
C ARG A 473 -5.51 27.54 41.25
N GLU A 474 -5.94 28.60 41.92
CA GLU A 474 -6.23 28.55 43.35
C GLU A 474 -7.74 28.35 43.58
N PRO B 66 10.74 -56.90 -45.60
CA PRO B 66 11.09 -55.53 -45.21
C PRO B 66 12.12 -55.52 -44.07
N SER B 67 12.75 -54.37 -43.78
CA SER B 67 13.61 -54.26 -42.62
C SER B 67 13.91 -52.81 -42.32
N LEU B 68 13.88 -52.46 -41.03
CA LEU B 68 13.94 -51.05 -40.65
C LEU B 68 15.34 -50.48 -40.77
N GLU B 69 16.38 -51.29 -40.51
CA GLU B 69 17.75 -50.83 -40.71
C GLU B 69 18.09 -50.62 -42.18
N ASP B 70 17.53 -51.45 -43.07
CA ASP B 70 17.83 -51.36 -44.50
C ASP B 70 16.98 -50.31 -45.19
N LEU B 71 15.70 -50.22 -44.82
CA LEU B 71 14.92 -49.06 -45.20
C LEU B 71 15.71 -47.78 -44.91
N LEU B 72 16.25 -47.66 -43.67
CA LEU B 72 17.08 -46.49 -43.36
C LEU B 72 18.23 -46.40 -44.35
N PHE B 73 18.85 -47.55 -44.65
CA PHE B 73 19.98 -47.60 -45.57
C PHE B 73 19.60 -47.06 -46.93
N TYR B 74 18.46 -47.52 -47.47
CA TYR B 74 18.08 -47.10 -48.82
C TYR B 74 17.74 -45.61 -48.86
N THR B 75 17.25 -45.04 -47.75
CA THR B 75 16.88 -43.62 -47.70
C THR B 75 18.07 -42.67 -47.75
N ILE B 76 19.24 -43.10 -47.27
CA ILE B 76 20.50 -42.34 -47.42
C ILE B 76 21.28 -42.87 -48.61
N ALA B 77 20.98 -44.09 -49.05
CA ALA B 77 21.83 -44.88 -49.92
C ALA B 77 22.03 -44.33 -51.30
N GLU B 78 21.26 -43.32 -51.79
CA GLU B 78 21.59 -42.65 -53.06
C GLU B 78 20.94 -43.29 -54.30
N GLY B 79 20.23 -44.39 -54.15
CA GLY B 79 19.88 -45.28 -55.26
C GLY B 79 21.07 -46.17 -55.54
N GLN B 80 22.25 -45.59 -55.30
CA GLN B 80 23.47 -46.33 -55.16
C GLN B 80 23.39 -47.11 -53.84
N GLU B 81 24.33 -48.02 -53.58
CA GLU B 81 24.30 -48.86 -52.38
C GLU B 81 25.68 -49.07 -51.73
N LYS B 82 26.48 -48.00 -51.63
CA LYS B 82 27.47 -47.82 -50.58
C LYS B 82 27.32 -46.36 -50.13
N ILE B 83 27.24 -46.14 -48.82
CA ILE B 83 27.12 -44.81 -48.23
C ILE B 83 28.49 -44.39 -47.70
N PRO B 84 29.09 -43.32 -48.21
CA PRO B 84 30.29 -42.76 -47.56
C PRO B 84 29.98 -42.34 -46.13
N VAL B 85 30.96 -42.47 -45.25
CA VAL B 85 30.66 -42.19 -43.85
C VAL B 85 30.49 -40.68 -43.63
N HIS B 86 31.19 -39.85 -44.40
CA HIS B 86 30.97 -38.40 -44.30
C HIS B 86 29.58 -38.00 -44.79
N LYS B 87 28.97 -38.80 -45.66
CA LYS B 87 27.65 -38.46 -46.19
C LYS B 87 26.58 -38.80 -45.16
N PHE B 88 26.77 -39.89 -44.43
CA PHE B 88 25.84 -40.21 -43.36
C PHE B 88 25.96 -39.20 -42.23
N ILE B 89 27.18 -38.77 -41.90
CA ILE B 89 27.39 -37.82 -40.81
C ILE B 89 26.91 -36.44 -41.21
N THR B 90 27.07 -36.07 -42.47
CA THR B 90 26.55 -34.78 -42.90
C THR B 90 25.03 -34.79 -42.95
N ALA B 91 24.46 -35.87 -43.49
CA ALA B 91 23.02 -36.06 -43.44
C ALA B 91 22.52 -36.09 -42.00
N LEU B 92 23.32 -36.65 -41.09
CA LEU B 92 22.94 -36.68 -39.68
C LEU B 92 22.84 -35.27 -39.11
N LYS B 93 23.88 -34.45 -39.35
CA LYS B 93 23.90 -33.11 -38.77
C LYS B 93 22.75 -32.25 -39.30
N SER B 94 22.34 -32.48 -40.55
CA SER B 94 21.18 -31.77 -41.11
C SER B 94 19.94 -31.96 -40.25
N THR B 95 19.80 -33.12 -39.62
CA THR B 95 18.70 -33.36 -38.70
C THR B 95 18.67 -32.37 -37.54
N GLY B 96 19.83 -31.82 -37.17
CA GLY B 96 19.97 -31.03 -35.97
C GLY B 96 20.59 -31.78 -34.81
N LEU B 97 20.71 -33.10 -34.94
CA LEU B 97 21.42 -33.88 -33.94
C LEU B 97 22.91 -33.64 -34.12
N ARG B 98 23.67 -33.79 -33.05
CA ARG B 98 25.12 -33.73 -33.10
C ARG B 98 25.65 -35.15 -32.93
N THR B 99 26.79 -35.41 -33.58
CA THR B 99 27.41 -36.73 -33.47
C THR B 99 27.73 -37.14 -32.03
N SER B 100 27.85 -36.16 -31.10
CA SER B 100 28.15 -36.48 -29.71
C SER B 100 26.89 -36.56 -28.83
N ASP B 101 25.72 -36.67 -29.44
CA ASP B 101 24.47 -36.91 -28.70
C ASP B 101 24.58 -38.20 -27.89
N PRO B 102 24.36 -38.15 -26.57
CA PRO B 102 24.51 -39.37 -25.76
C PRO B 102 23.66 -40.55 -26.21
N ARG B 103 22.48 -40.31 -26.80
CA ARG B 103 21.63 -41.39 -27.32
C ARG B 103 22.21 -42.07 -28.56
N LEU B 104 23.25 -41.49 -29.15
CA LEU B 104 23.86 -42.01 -30.37
C LEU B 104 25.20 -42.67 -30.11
N LYS B 105 25.59 -42.85 -28.85
CA LYS B 105 26.97 -43.21 -28.59
C LYS B 105 27.34 -44.60 -29.14
N GLU B 106 26.40 -45.56 -29.13
CA GLU B 106 26.78 -46.87 -29.68
C GLU B 106 26.98 -46.80 -31.18
N CYS B 107 26.17 -45.98 -31.86
CA CYS B 107 26.31 -45.88 -33.31
C CYS B 107 27.60 -45.15 -33.66
N MET B 108 27.97 -44.15 -32.85
CA MET B 108 29.27 -43.49 -33.06
C MET B 108 30.40 -44.40 -32.63
N ASP B 109 30.24 -45.11 -31.50
CA ASP B 109 31.25 -46.06 -31.07
C ASP B 109 31.51 -47.10 -32.15
N MET B 110 30.45 -47.50 -32.87
CA MET B 110 30.62 -48.49 -33.92
C MET B 110 31.24 -47.87 -35.15
N LEU B 111 30.92 -46.60 -35.44
CA LEU B 111 31.60 -45.92 -36.52
C LEU B 111 33.06 -45.67 -36.17
N ARG B 112 33.34 -45.36 -34.90
CA ARG B 112 34.72 -45.25 -34.49
C ARG B 112 35.45 -46.56 -34.72
N LEU B 113 34.75 -47.69 -34.57
CA LEU B 113 35.40 -48.99 -34.72
C LEU B 113 35.48 -49.48 -36.17
N THR B 114 34.49 -49.20 -37.03
CA THR B 114 34.64 -49.55 -38.44
C THR B 114 35.66 -48.64 -39.14
N LEU B 115 35.81 -47.43 -38.62
CA LEU B 115 36.77 -46.42 -39.06
C LEU B 115 38.19 -46.79 -38.67
N GLN B 116 38.29 -47.94 -38.00
CA GLN B 116 39.47 -48.73 -37.66
C GLN B 116 39.72 -49.84 -38.70
N THR B 117 38.66 -50.58 -39.11
CA THR B 117 38.63 -51.74 -40.01
C THR B 117 39.90 -51.86 -40.85
N THR B 118 39.85 -51.29 -42.05
CA THR B 118 41.02 -50.92 -42.86
C THR B 118 40.62 -49.65 -43.62
N SER B 119 41.18 -48.51 -43.21
CA SER B 119 40.92 -47.13 -43.68
C SER B 119 40.74 -46.90 -45.19
N ASP B 120 40.56 -47.95 -46.01
CA ASP B 120 40.35 -47.75 -47.45
C ASP B 120 38.85 -47.67 -47.76
N GLY B 121 38.39 -46.57 -48.34
CA GLY B 121 37.00 -46.46 -48.71
C GLY B 121 36.04 -46.06 -47.61
N VAL B 122 35.82 -44.75 -47.42
CA VAL B 122 34.85 -44.15 -46.50
C VAL B 122 33.45 -44.76 -46.57
N MET B 123 33.30 -45.89 -47.26
CA MET B 123 31.98 -46.40 -47.61
C MET B 123 31.53 -47.55 -46.71
N LEU B 124 30.20 -47.64 -46.56
CA LEU B 124 29.48 -48.59 -45.70
C LEU B 124 28.56 -49.37 -46.62
N ASP B 125 28.72 -50.68 -46.66
CA ASP B 125 27.71 -51.42 -47.42
C ASP B 125 26.49 -51.64 -46.53
N LYS B 126 25.48 -52.32 -47.07
CA LYS B 126 24.21 -52.42 -46.35
C LYS B 126 24.36 -53.21 -45.06
N ASP B 127 25.40 -54.05 -44.98
CA ASP B 127 25.64 -54.87 -43.81
C ASP B 127 26.58 -54.20 -42.81
N LEU B 128 27.41 -53.28 -43.27
CA LEU B 128 28.24 -52.52 -42.34
C LEU B 128 27.52 -51.31 -41.79
N PHE B 129 26.67 -50.71 -42.61
CA PHE B 129 25.78 -49.65 -42.14
C PHE B 129 24.84 -50.17 -41.08
N LYS B 130 24.23 -51.33 -41.34
CA LYS B 130 23.32 -51.96 -40.38
C LYS B 130 24.04 -52.26 -39.07
N LYS B 131 25.31 -52.67 -39.18
CA LYS B 131 26.12 -52.99 -38.01
C LYS B 131 26.27 -51.78 -37.10
N CYS B 132 26.26 -50.58 -37.66
CA CYS B 132 26.52 -49.38 -36.87
C CYS B 132 25.24 -48.74 -36.35
N VAL B 133 24.22 -48.61 -37.21
CA VAL B 133 22.99 -47.92 -36.85
C VAL B 133 21.97 -48.81 -36.17
N GLN B 134 22.23 -50.12 -36.10
CA GLN B 134 21.38 -51.06 -35.38
C GLN B 134 20.79 -50.53 -34.07
N SER B 135 21.67 -50.23 -33.12
CA SER B 135 21.21 -49.99 -31.75
C SER B 135 20.41 -48.70 -31.61
N ASN B 136 20.67 -47.70 -32.45
CA ASN B 136 19.97 -46.42 -32.40
C ASN B 136 19.02 -46.24 -33.59
N ILE B 137 18.47 -47.34 -34.12
CA ILE B 137 17.71 -47.26 -35.36
C ILE B 137 16.42 -46.46 -35.17
N VAL B 138 15.77 -46.59 -34.02
CA VAL B 138 14.52 -45.89 -33.80
C VAL B 138 14.75 -44.38 -33.82
N LEU B 139 15.77 -43.92 -33.07
CA LEU B 139 16.06 -42.49 -33.02
C LEU B 139 16.56 -41.96 -34.37
N LEU B 140 17.35 -42.75 -35.08
CA LEU B 140 17.82 -42.31 -36.40
C LEU B 140 16.69 -42.28 -37.42
N THR B 141 15.71 -43.17 -37.30
CA THR B 141 14.67 -43.20 -38.34
C THR B 141 13.76 -41.96 -38.23
N GLN B 142 13.38 -41.54 -37.03
CA GLN B 142 12.58 -40.33 -36.95
C GLN B 142 13.39 -39.08 -37.27
N ALA B 143 14.71 -39.14 -37.10
CA ALA B 143 15.54 -38.02 -37.51
C ALA B 143 15.54 -37.86 -39.02
N PHE B 144 15.66 -38.97 -39.75
CA PHE B 144 15.74 -38.96 -41.19
C PHE B 144 14.39 -38.96 -41.89
N ARG B 145 13.34 -39.47 -41.23
CA ARG B 145 11.98 -39.37 -41.76
C ARG B 145 11.26 -38.11 -41.26
N ARG B 146 12.03 -37.08 -40.91
CA ARG B 146 11.51 -35.74 -40.62
C ARG B 146 10.36 -35.76 -39.61
N LYS B 147 10.54 -36.51 -38.53
CA LYS B 147 9.50 -36.63 -37.51
C LYS B 147 9.84 -35.85 -36.24
N PHE B 148 10.93 -35.10 -36.23
CA PHE B 148 11.24 -34.31 -35.04
C PHE B 148 10.35 -33.07 -35.00
N VAL B 149 10.28 -32.49 -33.79
CA VAL B 149 9.32 -31.43 -33.51
C VAL B 149 9.47 -30.27 -34.49
N ILE B 150 10.68 -30.05 -34.97
CA ILE B 150 11.00 -29.09 -36.02
C ILE B 150 11.52 -29.87 -37.21
N PRO B 151 10.65 -30.19 -38.21
CA PRO B 151 11.10 -31.06 -39.31
C PRO B 151 12.25 -30.46 -40.08
N ASP B 152 12.07 -29.24 -40.61
CA ASP B 152 13.15 -28.59 -41.36
C ASP B 152 13.99 -27.76 -40.40
N PHE B 153 14.83 -28.47 -39.64
CA PHE B 153 15.64 -27.78 -38.63
C PHE B 153 16.66 -26.84 -39.28
N MET B 154 17.10 -27.16 -40.50
CA MET B 154 18.11 -26.31 -41.13
C MET B 154 17.52 -24.96 -41.49
N SER B 155 16.28 -24.93 -41.96
CA SER B 155 15.61 -23.66 -42.18
C SER B 155 15.49 -22.87 -40.89
N PHE B 156 15.10 -23.53 -39.79
CA PHE B 156 14.82 -22.86 -38.53
C PHE B 156 16.06 -22.17 -37.97
N THR B 157 17.22 -22.82 -38.04
CA THR B 157 18.44 -22.19 -37.51
C THR B 157 18.81 -20.95 -38.32
N SER B 158 18.42 -20.89 -39.60
CA SER B 158 18.64 -19.68 -40.37
C SER B 158 17.81 -18.51 -39.85
N HIS B 159 16.61 -18.77 -39.31
CA HIS B 159 15.85 -17.70 -38.66
C HIS B 159 16.47 -17.35 -37.31
N ILE B 160 16.93 -18.35 -36.57
CA ILE B 160 17.61 -18.08 -35.30
C ILE B 160 18.79 -17.14 -35.55
N ASP B 161 19.50 -17.36 -36.66
CA ASP B 161 20.63 -16.52 -37.02
C ASP B 161 20.20 -15.09 -37.32
N GLU B 162 19.10 -14.90 -38.06
CA GLU B 162 18.63 -13.54 -38.28
C GLU B 162 18.24 -12.89 -36.96
N LEU B 163 17.47 -13.61 -36.14
CA LEU B 163 17.05 -13.09 -34.84
C LEU B 163 18.24 -12.73 -33.98
N TYR B 164 19.27 -13.58 -34.00
CA TYR B 164 20.49 -13.32 -33.25
C TYR B 164 21.19 -12.06 -33.75
N GLU B 165 21.39 -11.96 -35.06
CA GLU B 165 22.11 -10.81 -35.61
C GLU B 165 21.35 -9.50 -35.45
N SER B 166 20.01 -9.55 -35.43
CA SER B 166 19.28 -8.30 -35.29
C SER B 166 19.27 -7.86 -33.84
N ALA B 167 19.30 -8.81 -32.88
CA ALA B 167 19.43 -8.41 -31.48
C ALA B 167 20.85 -7.95 -31.17
N LYS B 168 21.83 -8.41 -31.95
CA LYS B 168 23.22 -8.08 -31.67
C LYS B 168 23.49 -6.59 -31.78
N LYS B 169 22.61 -5.84 -32.44
CA LYS B 169 22.75 -4.40 -32.58
C LYS B 169 22.06 -3.61 -31.49
N GLN B 170 21.38 -4.26 -30.54
CA GLN B 170 20.80 -3.52 -29.41
C GLN B 170 21.87 -3.35 -28.33
N SER B 171 22.69 -2.32 -28.50
CA SER B 171 23.87 -2.12 -27.66
C SER B 171 23.55 -1.37 -26.35
N GLY B 172 22.28 -1.19 -26.00
CA GLY B 172 21.97 -0.49 -24.79
C GLY B 172 22.19 -1.34 -23.56
N GLY B 173 22.08 -0.69 -22.41
CA GLY B 173 22.16 -1.38 -21.14
C GLY B 173 23.50 -1.24 -20.46
N LYS B 174 23.50 -1.59 -19.18
CA LYS B 174 24.66 -1.50 -18.31
C LYS B 174 24.94 -2.88 -17.74
N VAL B 175 26.21 -3.28 -17.79
CA VAL B 175 26.60 -4.53 -17.15
C VAL B 175 26.47 -4.34 -15.65
N ALA B 176 26.02 -5.37 -14.95
CA ALA B 176 25.98 -5.26 -13.51
C ALA B 176 27.40 -5.17 -12.99
N ASP B 177 27.67 -4.19 -12.14
CA ASP B 177 29.00 -4.01 -11.59
C ASP B 177 28.99 -4.15 -10.08
N TYR B 178 27.84 -4.49 -9.49
CA TYR B 178 27.76 -4.48 -8.03
C TYR B 178 28.68 -5.51 -7.41
N ILE B 179 29.16 -6.47 -8.19
CA ILE B 179 30.32 -7.27 -7.77
C ILE B 179 31.29 -7.25 -8.94
N PRO B 180 32.61 -7.26 -8.67
CA PRO B 180 33.59 -7.15 -9.77
C PRO B 180 33.61 -8.37 -10.70
N GLN B 181 32.90 -9.45 -10.38
CA GLN B 181 32.95 -10.65 -11.22
C GLN B 181 31.99 -10.54 -12.40
N LEU B 182 30.83 -9.91 -12.20
CA LEU B 182 29.97 -9.58 -13.33
C LEU B 182 30.48 -8.36 -14.07
N ALA B 183 31.17 -7.45 -13.37
CA ALA B 183 31.70 -6.25 -14.00
C ALA B 183 32.86 -6.60 -14.91
N LYS B 184 33.50 -7.74 -14.66
CA LYS B 184 34.59 -8.24 -15.49
C LYS B 184 34.14 -8.60 -16.91
N PHE B 185 32.84 -8.82 -17.12
CA PHE B 185 32.35 -9.36 -18.39
C PHE B 185 32.12 -8.26 -19.42
N SER B 186 32.59 -8.51 -20.63
CA SER B 186 32.47 -7.52 -21.69
C SER B 186 31.03 -7.48 -22.24
N PRO B 187 30.57 -6.29 -22.66
CA PRO B 187 29.21 -6.16 -23.24
C PRO B 187 29.14 -6.72 -24.64
N ASP B 188 30.32 -7.03 -25.17
CA ASP B 188 30.57 -7.66 -26.45
C ASP B 188 29.79 -8.96 -26.58
N LEU B 189 29.74 -9.72 -25.49
CA LEU B 189 29.28 -11.11 -25.49
C LEU B 189 27.78 -11.25 -25.64
N TRP B 190 27.38 -12.17 -26.54
CA TRP B 190 26.00 -12.39 -26.90
C TRP B 190 25.94 -13.77 -27.51
N GLY B 191 25.14 -14.65 -26.92
CA GLY B 191 25.04 -16.01 -27.41
C GLY B 191 23.61 -16.50 -27.29
N VAL B 192 23.22 -17.36 -28.23
CA VAL B 192 21.93 -18.02 -28.21
C VAL B 192 22.13 -19.51 -28.52
N SER B 193 21.52 -20.37 -27.71
CA SER B 193 21.60 -21.82 -27.87
C SER B 193 20.18 -22.39 -27.84
N VAL B 194 19.90 -23.27 -28.79
CA VAL B 194 18.62 -23.94 -28.91
C VAL B 194 18.81 -25.41 -28.55
N CYS B 195 17.81 -26.00 -27.90
CA CYS B 195 17.71 -27.46 -27.83
C CYS B 195 16.23 -27.83 -27.84
N THR B 196 15.84 -28.67 -28.80
CA THR B 196 14.44 -29.00 -28.96
C THR B 196 14.05 -30.15 -28.03
N ALA B 197 12.74 -30.39 -27.92
CA ALA B 197 12.26 -31.56 -27.18
C ALA B 197 12.80 -32.86 -27.75
N ASP B 198 13.40 -32.84 -28.94
CA ASP B 198 13.95 -34.04 -29.57
C ASP B 198 15.48 -34.07 -29.63
N GLY B 199 16.16 -33.11 -29.04
CA GLY B 199 17.61 -33.16 -29.01
C GLY B 199 18.29 -32.50 -30.19
N GLN B 200 17.56 -31.75 -31.01
CA GLN B 200 18.16 -30.96 -32.08
C GLN B 200 18.78 -29.70 -31.49
N ARG B 201 20.02 -29.41 -31.88
CA ARG B 201 20.83 -28.40 -31.24
C ARG B 201 21.29 -27.36 -32.24
N HIS B 202 21.37 -26.11 -31.81
CA HIS B 202 21.93 -25.07 -32.65
C HIS B 202 22.39 -23.93 -31.75
N SER B 203 23.56 -23.37 -32.07
CA SER B 203 24.08 -22.22 -31.33
C SER B 203 24.48 -21.12 -32.30
N THR B 204 24.56 -19.90 -31.76
CA THR B 204 25.10 -18.77 -32.51
C THR B 204 25.57 -17.74 -31.48
N GLY B 205 26.77 -17.21 -31.70
CA GLY B 205 27.42 -16.35 -30.73
C GLY B 205 28.21 -17.10 -29.67
N ASP B 206 28.46 -16.42 -28.55
CA ASP B 206 29.37 -16.88 -27.50
C ASP B 206 28.64 -17.86 -26.56
N THR B 207 28.54 -19.10 -27.02
CA THR B 207 27.70 -20.10 -26.37
C THR B 207 28.49 -21.12 -25.56
N LYS B 208 29.82 -21.04 -25.58
CA LYS B 208 30.68 -21.95 -24.83
C LYS B 208 31.48 -21.19 -23.76
N VAL B 209 31.03 -20.01 -23.39
CA VAL B 209 31.62 -19.23 -22.29
C VAL B 209 30.80 -19.40 -21.05
N PRO B 210 31.39 -19.82 -19.93
CA PRO B 210 30.65 -19.98 -18.70
C PRO B 210 30.35 -18.63 -18.06
N PHE B 211 29.18 -18.59 -17.42
CA PHE B 211 28.68 -17.45 -16.68
C PHE B 211 27.75 -18.01 -15.63
N CYS B 212 27.44 -17.21 -14.60
CA CYS B 212 26.65 -17.73 -13.50
C CYS B 212 25.17 -17.61 -13.76
N LEU B 213 24.41 -18.55 -13.20
CA LEU B 213 22.97 -18.58 -13.41
C LEU B 213 22.33 -17.41 -12.70
N GLN B 214 22.82 -17.10 -11.50
CA GLN B 214 22.23 -16.11 -10.61
C GLN B 214 20.76 -16.49 -10.50
N SER B 215 19.82 -15.55 -10.66
CA SER B 215 18.42 -15.87 -10.44
C SER B 215 17.82 -16.79 -11.49
N CYS B 216 18.57 -17.14 -12.56
CA CYS B 216 18.10 -18.20 -13.46
C CYS B 216 18.10 -19.57 -12.77
N VAL B 217 18.77 -19.69 -11.61
CA VAL B 217 18.78 -20.95 -10.89
C VAL B 217 17.52 -21.13 -10.08
N LYS B 218 16.77 -20.09 -9.87
CA LYS B 218 15.63 -20.21 -8.97
C LYS B 218 14.55 -21.14 -9.52
N PRO B 219 14.19 -21.09 -10.81
CA PRO B 219 13.18 -22.08 -11.26
C PRO B 219 13.69 -23.50 -11.12
N LEU B 220 15.00 -23.69 -11.24
CA LEU B 220 15.55 -25.04 -11.20
C LEU B 220 15.50 -25.61 -9.77
N LYS B 221 15.93 -24.82 -8.77
CA LYS B 221 15.85 -25.34 -7.41
C LYS B 221 14.40 -25.45 -6.94
N TYR B 222 13.52 -24.58 -7.45
CA TYR B 222 12.10 -24.77 -7.18
C TYR B 222 11.64 -26.12 -7.72
N ALA B 223 12.03 -26.45 -8.96
CA ALA B 223 11.63 -27.73 -9.52
C ALA B 223 12.14 -28.89 -8.68
N ILE B 224 13.41 -28.82 -8.25
CA ILE B 224 13.97 -29.87 -7.42
C ILE B 224 13.17 -30.03 -6.12
N ALA B 225 12.73 -28.91 -5.53
CA ALA B 225 11.98 -28.95 -4.28
C ALA B 225 10.64 -29.65 -4.47
N VAL B 226 9.90 -29.27 -5.52
CA VAL B 226 8.60 -29.86 -5.82
C VAL B 226 8.74 -31.31 -6.24
N ASN B 227 9.79 -31.61 -6.99
CA ASN B 227 10.05 -33.00 -7.37
C ASN B 227 10.25 -33.87 -6.14
N ASP B 228 10.90 -33.35 -5.11
CA ASP B 228 11.25 -34.18 -3.97
C ASP B 228 10.20 -34.16 -2.87
N LEU B 229 9.43 -33.09 -2.73
CA LEU B 229 8.52 -32.97 -1.60
C LEU B 229 7.06 -32.78 -2.00
N GLY B 230 6.77 -32.42 -3.22
CA GLY B 230 5.39 -32.27 -3.62
C GLY B 230 4.94 -30.82 -3.54
N THR B 231 3.96 -30.48 -4.39
CA THR B 231 3.45 -29.12 -4.44
C THR B 231 2.92 -28.66 -3.09
N GLU B 232 2.22 -29.54 -2.38
CA GLU B 232 1.55 -29.10 -1.17
C GLU B 232 2.55 -28.70 -0.07
N TYR B 233 3.59 -29.51 0.15
CA TYR B 233 4.59 -29.18 1.16
C TYR B 233 5.34 -27.90 0.80
N VAL B 234 5.80 -27.79 -0.43
CA VAL B 234 6.59 -26.63 -0.83
C VAL B 234 5.79 -25.35 -0.60
N HIS B 235 4.51 -25.37 -0.92
CA HIS B 235 3.71 -24.15 -0.86
C HIS B 235 3.07 -23.91 0.50
N ARG B 236 3.36 -24.73 1.52
CA ARG B 236 3.15 -24.24 2.88
C ARG B 236 4.07 -23.07 3.18
N TYR B 237 5.21 -22.98 2.49
CA TYR B 237 6.25 -22.00 2.80
C TYR B 237 6.39 -20.88 1.78
N VAL B 238 5.82 -21.02 0.58
CA VAL B 238 5.95 -20.05 -0.49
C VAL B 238 4.61 -19.92 -1.20
N GLY B 239 4.26 -18.70 -1.57
CA GLY B 239 3.05 -18.45 -2.34
C GLY B 239 3.19 -18.95 -3.76
N LYS B 240 2.17 -18.64 -4.57
CA LYS B 240 2.20 -19.10 -5.95
C LYS B 240 1.64 -18.07 -6.94
N GLU B 241 1.75 -16.78 -6.62
CA GLU B 241 1.22 -15.70 -7.44
C GLU B 241 2.26 -14.62 -7.57
N PRO B 242 2.14 -13.73 -8.56
CA PRO B 242 2.91 -12.49 -8.58
C PRO B 242 2.43 -11.52 -7.51
N SER B 243 3.37 -10.68 -7.04
CA SER B 243 3.06 -9.83 -5.89
C SER B 243 2.15 -8.67 -6.25
N GLY B 244 2.25 -8.17 -7.47
CA GLY B 244 1.67 -6.92 -7.90
C GLY B 244 2.81 -5.94 -8.08
N LEU B 245 2.89 -5.34 -9.27
CA LEU B 245 4.13 -4.71 -9.70
C LEU B 245 4.38 -3.30 -9.20
N ARG B 246 4.26 -3.11 -7.89
CA ARG B 246 5.40 -2.54 -7.17
C ARG B 246 5.31 -2.91 -5.69
N PHE B 247 5.56 -4.19 -5.43
CA PHE B 247 5.67 -4.80 -4.11
C PHE B 247 6.94 -5.64 -4.07
N ASN B 248 7.95 -5.22 -4.86
CA ASN B 248 9.22 -5.95 -4.90
C ASN B 248 9.94 -5.98 -3.55
N LYS B 249 9.83 -4.93 -2.72
CA LYS B 249 10.42 -5.07 -1.40
C LYS B 249 9.44 -5.44 -0.30
N LEU B 250 8.15 -5.62 -0.56
CA LEU B 250 7.39 -6.27 0.49
C LEU B 250 7.83 -7.73 0.42
N PHE B 251 8.13 -8.33 1.56
CA PHE B 251 8.68 -9.68 1.51
C PHE B 251 7.64 -10.78 1.59
N LEU B 252 6.50 -10.51 2.21
CA LEU B 252 5.53 -11.54 2.52
C LEU B 252 4.19 -11.14 1.95
N ASN B 253 3.35 -12.13 1.69
CA ASN B 253 1.98 -11.89 1.27
C ASN B 253 1.05 -11.88 2.48
N GLU B 254 -0.25 -11.97 2.24
CA GLU B 254 -1.22 -11.86 3.33
C GLU B 254 -1.15 -13.03 4.29
N ASP B 255 -0.60 -14.17 3.86
CA ASP B 255 -0.45 -15.32 4.73
C ASP B 255 0.97 -15.48 5.27
N ASP B 256 1.76 -14.40 5.28
CA ASP B 256 3.13 -14.38 5.82
C ASP B 256 4.05 -15.40 5.16
N LYS B 257 3.83 -15.68 3.88
CA LYS B 257 4.73 -16.43 3.05
C LYS B 257 5.25 -15.54 1.93
N PRO B 258 6.47 -15.75 1.44
CA PRO B 258 6.92 -14.99 0.27
C PRO B 258 6.05 -15.28 -0.94
N HIS B 259 6.00 -14.29 -1.84
CA HIS B 259 4.96 -14.30 -2.86
C HIS B 259 5.08 -15.50 -3.80
N ASN B 260 6.29 -15.83 -4.21
CA ASN B 260 6.51 -16.92 -5.17
C ASN B 260 7.99 -17.30 -5.14
N PRO B 261 8.34 -18.47 -5.71
CA PRO B 261 9.74 -18.89 -5.72
C PRO B 261 10.66 -18.00 -6.52
N MET B 262 10.15 -17.12 -7.37
CA MET B 262 11.05 -16.39 -8.26
C MET B 262 11.60 -15.12 -7.65
N VAL B 263 11.10 -14.68 -6.50
CA VAL B 263 11.66 -13.51 -5.83
C VAL B 263 12.66 -13.97 -4.78
N ASN B 264 13.53 -13.04 -4.36
CA ASN B 264 14.62 -13.42 -3.46
C ASN B 264 14.10 -14.03 -2.17
N ALA B 265 13.07 -13.43 -1.58
CA ALA B 265 12.52 -14.02 -0.36
C ALA B 265 11.95 -15.42 -0.62
N GLY B 266 11.25 -15.61 -1.74
CA GLY B 266 10.72 -16.93 -2.04
C GLY B 266 11.82 -17.94 -2.34
N ALA B 267 12.83 -17.52 -3.11
CA ALA B 267 13.95 -18.39 -3.41
C ALA B 267 14.65 -18.84 -2.14
N ILE B 268 14.83 -17.91 -1.19
CA ILE B 268 15.52 -18.22 0.05
C ILE B 268 14.74 -19.26 0.86
N VAL B 269 13.42 -19.13 0.92
CA VAL B 269 12.65 -20.17 1.61
C VAL B 269 12.80 -21.50 0.88
N VAL B 270 12.78 -21.48 -0.45
CA VAL B 270 12.90 -22.72 -1.22
C VAL B 270 14.24 -23.39 -0.98
N THR B 271 15.32 -22.60 -0.93
CA THR B 271 16.64 -23.18 -0.65
C THR B 271 16.64 -23.94 0.68
N SER B 272 15.91 -23.43 1.68
CA SER B 272 15.83 -24.08 2.99
C SER B 272 15.05 -25.39 2.96
N LEU B 273 14.33 -25.67 1.86
CA LEU B 273 13.51 -26.87 1.75
C LEU B 273 14.24 -28.06 1.15
N ILE B 274 15.31 -27.81 0.39
CA ILE B 274 15.99 -28.85 -0.36
C ILE B 274 16.93 -29.62 0.56
N LYS B 275 16.81 -30.94 0.53
CA LYS B 275 17.73 -31.85 1.21
C LYS B 275 17.97 -31.42 2.65
N GLN B 276 16.89 -31.35 3.42
CA GLN B 276 17.02 -30.97 4.83
C GLN B 276 17.75 -32.08 5.58
N GLY B 277 18.56 -31.69 6.55
CA GLY B 277 19.20 -32.65 7.44
C GLY B 277 20.62 -33.04 7.10
N VAL B 278 21.13 -32.70 5.93
CA VAL B 278 22.54 -32.89 5.62
C VAL B 278 23.20 -31.51 5.58
N ASN B 279 24.54 -31.50 5.55
CA ASN B 279 25.27 -30.24 5.59
C ASN B 279 25.25 -29.56 4.22
N ASN B 280 25.78 -28.35 4.17
CA ASN B 280 25.70 -27.56 2.95
C ASN B 280 26.54 -28.18 1.84
N ALA B 281 27.62 -28.87 2.20
CA ALA B 281 28.44 -29.51 1.18
C ALA B 281 27.66 -30.63 0.48
N GLU B 282 26.91 -31.45 1.24
CA GLU B 282 26.13 -32.51 0.62
C GLU B 282 24.89 -31.94 -0.07
N LYS B 283 24.27 -30.90 0.50
CA LYS B 283 23.18 -30.23 -0.18
C LYS B 283 23.62 -29.71 -1.55
N PHE B 284 24.76 -29.03 -1.59
CA PHE B 284 25.28 -28.52 -2.86
C PHE B 284 25.62 -29.67 -3.82
N ASP B 285 26.19 -30.77 -3.31
CA ASP B 285 26.52 -31.90 -4.17
C ASP B 285 25.26 -32.51 -4.77
N TYR B 286 24.16 -32.48 -4.01
CA TYR B 286 22.88 -33.01 -4.49
C TYR B 286 22.29 -32.14 -5.59
N VAL B 287 22.31 -30.83 -5.41
CA VAL B 287 21.80 -29.96 -6.46
C VAL B 287 22.69 -30.03 -7.69
N MET B 288 24.00 -30.12 -7.50
CA MET B 288 24.88 -30.19 -8.65
C MET B 288 24.60 -31.45 -9.47
N GLN B 289 24.53 -32.61 -8.82
CA GLN B 289 24.13 -33.84 -9.49
C GLN B 289 22.79 -33.67 -10.20
N PHE B 290 21.87 -32.91 -9.58
CA PHE B 290 20.56 -32.77 -10.20
C PHE B 290 20.67 -31.94 -11.48
N LEU B 291 21.41 -30.83 -11.42
CA LEU B 291 21.59 -30.01 -12.60
C LEU B 291 22.41 -30.73 -13.67
N ASN B 292 23.22 -31.71 -13.27
CA ASN B 292 23.94 -32.50 -14.26
C ASN B 292 22.97 -33.33 -15.09
N LYS B 293 22.03 -33.99 -14.44
CA LYS B 293 21.05 -34.77 -15.19
C LYS B 293 20.14 -33.86 -16.02
N MET B 294 19.89 -32.64 -15.54
CA MET B 294 19.05 -31.71 -16.29
C MET B 294 19.71 -31.22 -17.58
N ALA B 295 21.03 -31.10 -17.61
CA ALA B 295 21.73 -30.61 -18.77
C ALA B 295 22.34 -31.73 -19.62
N GLY B 296 21.90 -32.96 -19.40
CA GLY B 296 22.48 -34.08 -20.12
C GLY B 296 23.97 -34.18 -19.95
N ASN B 297 24.47 -33.79 -18.79
CA ASN B 297 25.89 -33.87 -18.45
C ASN B 297 26.74 -32.88 -19.24
N GLU B 298 26.15 -31.78 -19.71
CA GLU B 298 26.99 -30.74 -20.30
C GLU B 298 27.47 -29.84 -19.16
N TYR B 299 28.14 -28.72 -19.49
CA TYR B 299 28.97 -28.02 -18.51
C TYR B 299 28.14 -27.42 -17.39
N VAL B 300 28.40 -27.85 -16.16
CA VAL B 300 27.89 -27.16 -14.98
C VAL B 300 29.04 -26.99 -14.00
N GLY B 301 29.27 -25.76 -13.57
CA GLY B 301 30.38 -25.47 -12.68
C GLY B 301 30.07 -24.51 -11.57
N PHE B 302 31.13 -23.90 -11.03
CA PHE B 302 31.00 -23.04 -9.87
C PHE B 302 32.07 -21.96 -9.91
N SER B 303 31.68 -20.72 -9.66
CA SER B 303 32.62 -19.59 -9.60
C SER B 303 32.71 -19.14 -8.14
N ASN B 304 33.78 -19.54 -7.45
CA ASN B 304 33.96 -19.14 -6.06
C ASN B 304 34.21 -17.64 -5.96
N ALA B 305 34.80 -17.05 -7.01
CA ALA B 305 34.94 -15.62 -7.07
C ALA B 305 33.58 -14.93 -6.95
N THR B 306 32.62 -15.33 -7.77
CA THR B 306 31.28 -14.78 -7.65
C THR B 306 30.69 -15.12 -6.29
N PHE B 307 31.01 -16.30 -5.76
CA PHE B 307 30.42 -16.69 -4.48
C PHE B 307 30.85 -15.76 -3.36
N GLN B 308 32.15 -15.45 -3.26
CA GLN B 308 32.58 -14.66 -2.12
C GLN B 308 32.09 -13.23 -2.21
N SER B 309 31.97 -12.68 -3.43
CA SER B 309 31.48 -11.31 -3.56
C SER B 309 29.98 -11.21 -3.37
N GLU B 310 29.24 -12.28 -3.66
CA GLU B 310 27.81 -12.25 -3.32
C GLU B 310 27.64 -12.29 -1.82
N ARG B 311 28.52 -13.00 -1.11
CA ARG B 311 28.34 -13.13 0.32
C ARG B 311 28.91 -11.94 1.09
N GLU B 312 29.94 -11.24 0.56
CA GLU B 312 30.39 -10.08 1.32
C GLU B 312 29.65 -8.83 0.84
N SER B 313 28.51 -9.01 0.18
CA SER B 313 27.75 -7.88 -0.32
C SER B 313 26.25 -8.13 -0.25
N GLY B 314 25.80 -9.19 0.41
CA GLY B 314 24.40 -9.53 0.34
C GLY B 314 23.59 -8.96 1.49
N ASP B 315 23.75 -7.66 1.74
CA ASP B 315 23.03 -7.05 2.86
C ASP B 315 21.52 -7.15 2.67
N ARG B 316 21.03 -6.97 1.43
CA ARG B 316 19.60 -7.18 1.22
C ARG B 316 19.19 -8.63 1.47
N ASN B 317 20.04 -9.60 1.10
CA ASN B 317 19.68 -11.00 1.35
C ASN B 317 19.75 -11.33 2.84
N PHE B 318 20.68 -10.72 3.58
CA PHE B 318 20.69 -10.90 5.03
C PHE B 318 19.47 -10.25 5.68
N ALA B 319 19.09 -9.05 5.22
CA ALA B 319 17.86 -8.44 5.74
C ALA B 319 16.67 -9.36 5.51
N ILE B 320 16.55 -9.92 4.31
CA ILE B 320 15.46 -10.85 3.99
C ILE B 320 15.51 -12.05 4.92
N GLY B 321 16.70 -12.62 5.12
CA GLY B 321 16.82 -13.80 5.96
C GLY B 321 16.39 -13.54 7.39
N TYR B 322 16.85 -12.44 7.98
CA TYR B 322 16.44 -12.16 9.35
C TYR B 322 14.93 -11.89 9.43
N TYR B 323 14.39 -11.14 8.46
CA TYR B 323 12.95 -10.95 8.41
C TYR B 323 12.22 -12.29 8.38
N LEU B 324 12.67 -13.22 7.52
CA LEU B 324 12.02 -14.54 7.43
C LEU B 324 12.19 -15.33 8.74
N LYS B 325 13.34 -15.21 9.39
CA LYS B 325 13.53 -15.90 10.66
C LYS B 325 12.55 -15.39 11.71
N GLU B 326 12.37 -14.06 11.79
CA GLU B 326 11.46 -13.51 12.78
C GLU B 326 10.02 -13.88 12.48
N LYS B 327 9.62 -13.88 11.21
CA LYS B 327 8.24 -14.24 10.88
C LYS B 327 8.02 -15.75 10.83
N LYS B 328 9.04 -16.54 11.18
CA LYS B 328 8.98 -17.99 11.20
C LYS B 328 8.43 -18.53 9.86
N CYS B 329 9.21 -18.25 8.81
CA CYS B 329 8.89 -18.65 7.46
C CYS B 329 9.66 -19.88 6.99
N PHE B 330 10.68 -20.38 7.80
CA PHE B 330 11.57 -21.50 7.55
C PHE B 330 11.07 -22.78 8.23
N PRO B 331 11.41 -23.95 7.70
CA PRO B 331 11.09 -25.19 8.39
C PRO B 331 11.81 -25.27 9.73
N GLU B 332 11.24 -26.08 10.63
CA GLU B 332 11.82 -26.24 11.96
C GLU B 332 13.25 -26.75 11.85
N GLY B 333 14.13 -26.19 12.68
CA GLY B 333 15.52 -26.61 12.66
C GLY B 333 16.37 -26.01 11.57
N THR B 334 15.93 -24.89 10.99
CA THR B 334 16.67 -24.22 9.94
C THR B 334 17.75 -23.32 10.52
N ASP B 335 18.97 -23.45 9.99
CA ASP B 335 20.08 -22.53 10.27
C ASP B 335 20.04 -21.40 9.25
N MET B 336 19.54 -20.24 9.67
CA MET B 336 19.27 -19.18 8.70
C MET B 336 20.55 -18.72 7.97
N VAL B 337 21.61 -18.35 8.69
CA VAL B 337 22.75 -17.78 7.96
C VAL B 337 23.42 -18.84 7.08
N GLY B 338 23.38 -20.11 7.49
CA GLY B 338 23.90 -21.17 6.63
C GLY B 338 23.12 -21.34 5.34
N ILE B 339 21.78 -21.28 5.40
CA ILE B 339 20.95 -21.31 4.19
C ILE B 339 21.34 -20.18 3.24
N LEU B 340 21.57 -18.97 3.77
CA LEU B 340 21.95 -17.87 2.90
C LEU B 340 23.26 -18.17 2.20
N ASP B 341 24.17 -18.88 2.88
CA ASP B 341 25.41 -19.33 2.25
C ASP B 341 25.12 -20.33 1.13
N PHE B 342 24.27 -21.31 1.40
CA PHE B 342 23.85 -22.23 0.35
C PHE B 342 23.22 -21.47 -0.82
N TYR B 343 22.37 -20.48 -0.53
CA TYR B 343 21.73 -19.70 -1.58
C TYR B 343 22.76 -18.94 -2.41
N PHE B 344 23.72 -18.29 -1.76
CA PHE B 344 24.78 -17.63 -2.52
C PHE B 344 25.55 -18.62 -3.38
N GLN B 345 25.70 -19.86 -2.91
CA GLN B 345 26.39 -20.86 -3.71
C GLN B 345 25.57 -21.18 -4.96
N LEU B 346 24.26 -21.41 -4.79
CA LEU B 346 23.40 -21.75 -5.92
C LEU B 346 23.37 -20.65 -6.97
N CYS B 347 23.57 -19.38 -6.58
CA CYS B 347 23.59 -18.35 -7.60
C CYS B 347 24.96 -18.23 -8.26
N SER B 348 25.99 -18.86 -7.70
CA SER B 348 27.32 -18.83 -8.29
C SER B 348 27.64 -20.05 -9.14
N ILE B 349 26.64 -20.93 -9.34
CA ILE B 349 26.78 -22.06 -10.24
C ILE B 349 26.90 -21.56 -11.66
N GLU B 350 27.78 -22.17 -12.45
CA GLU B 350 28.04 -21.70 -13.80
C GLU B 350 27.47 -22.63 -14.84
N VAL B 351 27.08 -22.02 -15.97
CA VAL B 351 26.57 -22.72 -17.14
C VAL B 351 27.16 -22.01 -18.36
N THR B 352 26.98 -22.62 -19.52
CA THR B 352 27.13 -21.97 -20.81
C THR B 352 25.75 -21.95 -21.47
N CYS B 353 25.64 -21.25 -22.61
CA CYS B 353 24.36 -21.22 -23.30
C CYS B 353 23.97 -22.62 -23.74
N GLU B 354 24.93 -23.37 -24.26
CA GLU B 354 24.66 -24.72 -24.74
C GLU B 354 24.20 -25.61 -23.61
N SER B 355 24.96 -25.60 -22.51
CA SER B 355 24.64 -26.45 -21.38
C SER B 355 23.31 -26.04 -20.76
N ALA B 356 23.04 -24.74 -20.66
CA ALA B 356 21.80 -24.28 -20.06
C ALA B 356 20.60 -24.50 -20.96
N SER B 357 20.77 -24.44 -22.28
CA SER B 357 19.61 -24.65 -23.13
C SER B 357 19.08 -26.07 -23.01
N VAL B 358 19.95 -27.04 -22.70
CA VAL B 358 19.45 -28.39 -22.42
C VAL B 358 18.65 -28.41 -21.14
N MET B 359 19.06 -27.63 -20.12
CA MET B 359 18.25 -27.57 -18.90
C MET B 359 16.87 -27.02 -19.20
N ALA B 360 16.81 -25.95 -19.98
CA ALA B 360 15.54 -25.41 -20.45
C ALA B 360 14.77 -26.46 -21.24
N ALA B 361 15.46 -27.21 -22.11
CA ALA B 361 14.78 -28.22 -22.93
C ALA B 361 14.15 -29.31 -22.09
N THR B 362 14.77 -29.69 -20.96
CA THR B 362 14.12 -30.65 -20.06
C THR B 362 12.78 -30.10 -19.57
N LEU B 363 12.72 -28.80 -19.30
CA LEU B 363 11.47 -28.18 -18.86
C LEU B 363 10.43 -28.11 -19.97
N ALA B 364 10.88 -27.87 -21.21
CA ALA B 364 9.94 -27.91 -22.32
C ALA B 364 9.46 -29.30 -22.63
N ASN B 365 10.11 -30.33 -22.05
CA ASN B 365 9.86 -31.72 -22.41
C ASN B 365 9.26 -32.54 -21.26
N GLY B 366 8.44 -31.91 -20.40
CA GLY B 366 7.76 -32.63 -19.34
C GLY B 366 8.67 -33.27 -18.29
N GLY B 367 9.94 -32.84 -18.21
CA GLY B 367 10.85 -33.35 -17.21
C GLY B 367 11.81 -34.40 -17.69
N PHE B 368 11.79 -34.73 -18.97
CA PHE B 368 12.72 -35.70 -19.54
C PHE B 368 13.81 -34.97 -20.30
N CYS B 369 15.04 -35.27 -19.99
CA CYS B 369 16.14 -34.65 -20.70
C CYS B 369 16.20 -35.14 -22.14
N PRO B 370 16.19 -34.24 -23.14
CA PRO B 370 16.07 -34.69 -24.53
C PRO B 370 17.32 -35.32 -25.11
N ILE B 371 18.51 -35.10 -24.56
CA ILE B 371 19.72 -35.70 -25.11
C ILE B 371 20.14 -36.95 -24.36
N THR B 372 19.36 -37.37 -23.37
CA THR B 372 19.69 -38.61 -22.66
C THR B 372 18.51 -39.56 -22.59
N GLY B 373 17.30 -39.02 -22.59
CA GLY B 373 16.08 -39.74 -22.35
C GLY B 373 15.68 -39.93 -20.91
N GLU B 374 16.46 -39.45 -19.93
CA GLU B 374 16.12 -39.67 -18.52
C GLU B 374 14.96 -38.79 -18.03
N ARG B 375 14.14 -39.38 -17.14
CA ARG B 375 13.19 -38.63 -16.33
C ARG B 375 13.99 -37.94 -15.23
N VAL B 376 14.05 -36.61 -15.26
CA VAL B 376 14.85 -35.86 -14.31
C VAL B 376 13.98 -35.15 -13.29
N LEU B 377 12.82 -34.68 -13.71
CA LEU B 377 11.88 -33.97 -12.87
C LEU B 377 10.50 -34.59 -13.06
N SER B 378 9.72 -34.62 -11.99
CA SER B 378 8.34 -35.08 -12.10
C SER B 378 7.53 -34.07 -12.90
N PRO B 379 6.44 -34.52 -13.55
CA PRO B 379 5.60 -33.59 -14.33
C PRO B 379 4.97 -32.50 -13.47
N GLU B 380 4.62 -32.84 -12.23
CA GLU B 380 4.11 -31.85 -11.29
C GLU B 380 5.15 -30.75 -11.05
N ALA B 381 6.43 -31.13 -10.91
CA ALA B 381 7.49 -30.15 -10.72
C ALA B 381 7.68 -29.24 -11.95
N VAL B 382 7.62 -29.81 -13.15
CA VAL B 382 7.86 -29.02 -14.36
C VAL B 382 6.69 -28.09 -14.63
N ARG B 383 5.45 -28.59 -14.46
CA ARG B 383 4.28 -27.76 -14.72
C ARG B 383 4.27 -26.52 -13.84
N ASN B 384 4.42 -26.73 -12.53
CA ASN B 384 4.44 -25.61 -11.59
C ASN B 384 5.55 -24.63 -11.93
N THR B 385 6.77 -25.13 -12.18
CA THR B 385 7.89 -24.25 -12.48
C THR B 385 7.62 -23.46 -13.75
N LEU B 386 7.08 -24.10 -14.80
CA LEU B 386 6.68 -23.36 -15.99
C LEU B 386 5.60 -22.35 -15.64
N SER B 387 4.65 -22.73 -14.77
CA SER B 387 3.55 -21.83 -14.41
C SER B 387 4.06 -20.54 -13.78
N LEU B 388 5.04 -20.65 -12.86
CA LEU B 388 5.50 -19.46 -12.18
C LEU B 388 6.59 -18.70 -12.96
N MET B 389 7.29 -19.35 -13.90
CA MET B 389 8.15 -18.54 -14.78
C MET B 389 7.32 -17.66 -15.70
N HIS B 390 6.11 -18.11 -16.08
CA HIS B 390 5.22 -17.29 -16.91
C HIS B 390 4.89 -15.97 -16.22
N SER B 391 4.55 -16.02 -14.93
CA SER B 391 4.04 -14.82 -14.28
C SER B 391 5.08 -14.06 -13.47
N CYS B 392 6.17 -14.69 -13.02
CA CYS B 392 7.08 -14.07 -12.06
C CYS B 392 8.52 -14.15 -12.50
N GLY B 393 8.78 -14.27 -13.80
CA GLY B 393 10.10 -14.72 -14.14
C GLY B 393 11.05 -13.63 -14.55
N MET B 394 10.50 -12.47 -14.79
CA MET B 394 11.21 -11.39 -15.48
C MET B 394 11.12 -10.09 -14.69
N TYR B 395 11.12 -10.21 -13.36
CA TYR B 395 11.03 -9.09 -12.44
C TYR B 395 9.87 -8.17 -12.79
N ASP B 396 10.09 -6.85 -12.76
CA ASP B 396 8.97 -5.95 -13.05
C ASP B 396 8.55 -5.99 -14.52
N PHE B 397 9.23 -6.74 -15.37
CA PHE B 397 8.78 -6.93 -16.73
C PHE B 397 7.86 -8.14 -16.90
N SER B 398 7.56 -8.88 -15.83
CA SER B 398 6.84 -10.16 -15.97
C SER B 398 5.49 -9.99 -16.65
N GLY B 399 4.71 -8.99 -16.22
CA GLY B 399 3.40 -8.75 -16.85
C GLY B 399 3.48 -8.38 -18.31
N GLN B 400 4.42 -7.48 -18.67
CA GLN B 400 4.62 -7.11 -20.07
C GLN B 400 5.23 -8.25 -20.87
N PHE B 401 6.12 -9.03 -20.25
CA PHE B 401 6.72 -10.16 -20.94
C PHE B 401 5.70 -11.25 -21.17
N ALA B 402 4.88 -11.53 -20.16
CA ALA B 402 3.82 -12.54 -20.29
C ALA B 402 2.80 -12.14 -21.35
N PHE B 403 2.42 -10.86 -21.39
CA PHE B 403 1.41 -10.39 -22.33
C PHE B 403 1.91 -10.43 -23.77
N HIS B 404 3.09 -9.84 -24.03
CA HIS B 404 3.60 -9.66 -25.38
C HIS B 404 4.39 -10.85 -25.90
N VAL B 405 5.09 -11.58 -25.03
CA VAL B 405 5.93 -12.67 -25.47
C VAL B 405 5.28 -14.02 -25.18
N GLY B 406 4.63 -14.13 -24.03
CA GLY B 406 3.85 -15.31 -23.71
C GLY B 406 4.64 -16.59 -23.60
N LEU B 407 5.85 -16.51 -23.05
CA LEU B 407 6.66 -17.70 -22.82
C LEU B 407 7.20 -17.71 -21.39
N PRO B 408 7.26 -18.89 -20.77
CA PRO B 408 7.98 -19.02 -19.49
C PRO B 408 9.45 -18.69 -19.66
N ALA B 409 9.93 -17.73 -18.87
CA ALA B 409 11.34 -17.38 -18.98
C ALA B 409 11.82 -16.93 -17.62
N LYS B 410 13.14 -16.91 -17.45
CA LYS B 410 13.70 -16.48 -16.17
C LYS B 410 15.02 -15.77 -16.39
N SER B 411 15.14 -14.54 -15.90
CA SER B 411 16.36 -13.76 -16.08
C SER B 411 17.28 -13.82 -14.85
N GLY B 412 18.56 -13.54 -15.09
CA GLY B 412 19.54 -13.42 -14.02
C GLY B 412 20.44 -12.21 -14.28
N VAL B 413 21.13 -11.76 -13.21
CA VAL B 413 21.89 -10.50 -13.29
C VAL B 413 23.15 -10.64 -14.16
N ALA B 414 23.69 -11.85 -14.32
CA ALA B 414 24.82 -12.05 -15.21
C ALA B 414 24.47 -11.87 -16.69
N GLY B 415 23.19 -11.66 -17.02
CA GLY B 415 22.75 -11.46 -18.39
C GLY B 415 22.07 -12.65 -19.07
N GLY B 416 21.69 -13.69 -18.32
CA GLY B 416 21.02 -14.84 -18.89
C GLY B 416 19.50 -14.72 -18.90
N ILE B 417 18.88 -15.36 -19.89
CA ILE B 417 17.43 -15.51 -19.94
C ILE B 417 17.17 -16.95 -20.32
N LEU B 418 16.81 -17.76 -19.33
CA LEU B 418 16.41 -19.14 -19.57
C LEU B 418 15.00 -19.13 -20.12
N LEU B 419 14.81 -19.69 -21.31
CA LEU B 419 13.55 -19.55 -22.04
C LEU B 419 13.02 -20.92 -22.41
N VAL B 420 11.71 -21.11 -22.28
CA VAL B 420 11.09 -22.41 -22.57
C VAL B 420 9.92 -22.20 -23.51
N VAL B 421 9.96 -22.88 -24.65
CA VAL B 421 8.79 -22.98 -25.53
C VAL B 421 8.19 -24.36 -25.26
N PRO B 422 7.10 -24.44 -24.49
CA PRO B 422 6.54 -25.76 -24.13
C PRO B 422 6.26 -26.60 -25.36
N ASN B 423 6.74 -27.87 -25.30
CA ASN B 423 6.59 -28.93 -26.30
C ASN B 423 7.45 -28.71 -27.55
N VAL B 424 8.32 -27.70 -27.58
CA VAL B 424 9.10 -27.43 -28.78
C VAL B 424 10.59 -27.40 -28.49
N MET B 425 11.04 -26.47 -27.63
CA MET B 425 12.47 -26.26 -27.45
C MET B 425 12.70 -25.43 -26.20
N GLY B 426 13.93 -25.52 -25.67
CA GLY B 426 14.39 -24.68 -24.58
C GLY B 426 15.53 -23.83 -25.09
N MET B 427 15.80 -22.69 -24.47
CA MET B 427 16.82 -21.76 -24.95
C MET B 427 17.52 -21.13 -23.76
N MET B 428 18.74 -20.67 -24.00
CA MET B 428 19.45 -19.76 -23.10
C MET B 428 20.06 -18.65 -23.93
N CYS B 429 19.55 -17.44 -23.75
CA CYS B 429 20.15 -16.25 -24.34
C CYS B 429 21.01 -15.61 -23.28
N TRP B 430 22.14 -15.05 -23.70
CA TRP B 430 23.04 -14.45 -22.72
C TRP B 430 23.74 -13.25 -23.32
N SER B 431 23.51 -12.07 -22.71
CA SER B 431 24.24 -10.82 -22.99
C SER B 431 24.31 -9.96 -21.73
N PRO B 432 25.51 -9.70 -21.19
CA PRO B 432 25.64 -9.14 -19.81
C PRO B 432 24.97 -7.79 -19.63
N PRO B 433 24.95 -6.88 -20.62
CA PRO B 433 24.32 -5.58 -20.39
C PRO B 433 22.83 -5.71 -20.08
N LEU B 434 22.45 -5.31 -18.87
CA LEU B 434 21.09 -5.37 -18.37
C LEU B 434 20.37 -4.05 -18.59
N ASP B 435 19.06 -4.14 -18.66
CA ASP B 435 18.26 -2.94 -18.81
C ASP B 435 17.85 -2.35 -17.47
N LYS B 436 17.07 -1.28 -17.58
CA LYS B 436 16.71 -0.48 -16.44
C LYS B 436 15.99 -1.32 -15.39
N MET B 437 15.40 -2.47 -15.78
CA MET B 437 14.66 -3.42 -14.94
C MET B 437 15.42 -4.69 -14.54
N GLY B 438 16.65 -4.89 -15.01
CA GLY B 438 17.46 -6.02 -14.65
C GLY B 438 17.55 -7.13 -15.70
N ASN B 439 16.90 -6.96 -16.84
CA ASN B 439 16.81 -8.01 -17.84
C ASN B 439 17.78 -7.71 -18.98
N SER B 440 18.31 -8.77 -19.58
CA SER B 440 19.37 -8.58 -20.56
C SER B 440 18.77 -7.95 -21.81
N VAL B 441 19.41 -6.87 -22.26
CA VAL B 441 18.83 -6.08 -23.35
C VAL B 441 18.69 -6.94 -24.61
N LYS B 442 19.80 -7.51 -25.09
CA LYS B 442 19.74 -8.32 -26.30
C LYS B 442 18.77 -9.48 -26.13
N GLY B 443 18.85 -10.16 -24.98
CA GLY B 443 17.97 -11.30 -24.74
C GLY B 443 16.51 -10.93 -24.83
N ILE B 444 16.13 -9.81 -24.19
CA ILE B 444 14.74 -9.34 -24.24
C ILE B 444 14.35 -8.97 -25.67
N HIS B 445 15.27 -8.35 -26.42
CA HIS B 445 14.95 -8.00 -27.79
C HIS B 445 14.69 -9.23 -28.63
N PHE B 446 15.51 -10.26 -28.43
CA PHE B 446 15.36 -11.53 -29.14
C PHE B 446 14.04 -12.22 -28.82
N CYS B 447 13.62 -12.21 -27.55
CA CYS B 447 12.44 -12.99 -27.21
C CYS B 447 11.19 -12.40 -27.84
N HIS B 448 11.13 -11.07 -27.96
CA HIS B 448 10.06 -10.43 -28.71
C HIS B 448 10.11 -10.83 -30.19
N ASP B 449 11.29 -10.68 -30.81
CA ASP B 449 11.42 -11.03 -32.22
C ASP B 449 10.99 -12.47 -32.46
N LEU B 450 11.44 -13.38 -31.60
CA LEU B 450 11.15 -14.81 -31.78
C LEU B 450 9.65 -15.06 -31.79
N VAL B 451 8.93 -14.51 -30.83
CA VAL B 451 7.49 -14.70 -30.77
C VAL B 451 6.77 -13.87 -31.82
N SER B 452 7.38 -12.78 -32.28
CA SER B 452 6.78 -12.02 -33.36
C SER B 452 6.92 -12.73 -34.69
N LEU B 453 7.90 -13.64 -34.81
CA LEU B 453 8.14 -14.40 -36.03
C LEU B 453 7.38 -15.74 -36.03
N CYS B 454 7.33 -16.43 -34.89
CA CYS B 454 6.75 -17.77 -34.83
C CYS B 454 5.54 -17.77 -33.90
N ASN B 455 4.61 -18.69 -34.17
CA ASN B 455 3.40 -18.79 -33.37
C ASN B 455 3.72 -19.57 -32.10
N PHE B 456 4.77 -19.16 -31.41
CA PHE B 456 5.20 -19.76 -30.17
C PHE B 456 4.56 -19.13 -28.95
N HIS B 457 3.89 -17.97 -29.12
CA HIS B 457 3.22 -17.32 -28.00
C HIS B 457 2.20 -18.27 -27.43
N ASN B 458 2.21 -18.39 -26.10
CA ASN B 458 1.35 -19.33 -25.39
C ASN B 458 -0.10 -19.31 -25.86
N TYR B 459 -0.59 -18.18 -26.34
CA TYR B 459 -1.97 -18.06 -26.80
C TYR B 459 -2.06 -17.68 -28.26
N ASP B 460 -1.00 -17.95 -29.03
CA ASP B 460 -1.14 -18.12 -30.46
C ASP B 460 -1.97 -19.36 -30.73
N ASN B 461 -2.52 -19.44 -31.93
CA ASN B 461 -3.32 -20.60 -32.29
C ASN B 461 -2.49 -21.44 -33.27
N LEU B 462 -2.57 -22.76 -33.13
CA LEU B 462 -1.78 -23.63 -33.97
C LEU B 462 -2.41 -23.81 -35.35
N ARG B 463 -3.66 -23.38 -35.51
CA ARG B 463 -4.41 -23.51 -36.75
C ARG B 463 -4.58 -22.20 -37.51
N HIS B 464 -4.94 -21.10 -36.85
CA HIS B 464 -5.10 -19.81 -37.53
C HIS B 464 -4.14 -18.80 -36.89
N PHE B 465 -3.05 -18.47 -37.59
CA PHE B 465 -2.05 -17.62 -36.95
C PHE B 465 -1.48 -16.51 -37.85
N ALA B 466 -2.27 -15.99 -38.79
CA ALA B 466 -1.98 -14.72 -39.48
C ALA B 466 -0.61 -14.75 -40.16
N LYS B 467 0.25 -13.74 -39.97
CA LYS B 467 1.50 -13.59 -40.70
C LYS B 467 2.62 -14.46 -40.15
N LYS B 468 2.35 -15.22 -39.09
CA LYS B 468 3.42 -15.89 -38.41
C LYS B 468 3.76 -17.25 -39.04
N LEU B 469 4.98 -17.68 -38.77
CA LEU B 469 5.54 -18.93 -39.24
C LEU B 469 5.45 -19.99 -38.14
N ASP B 470 5.23 -21.25 -38.53
CA ASP B 470 5.17 -22.36 -37.57
C ASP B 470 6.24 -23.38 -37.92
N PRO B 471 7.35 -23.41 -37.17
CA PRO B 471 8.44 -24.34 -37.49
C PRO B 471 8.09 -25.80 -37.23
N ARG B 472 6.96 -26.09 -36.60
CA ARG B 472 6.53 -27.47 -36.47
C ARG B 472 5.89 -28.00 -37.75
N ARG B 473 5.51 -27.15 -38.71
CA ARG B 473 4.88 -27.64 -39.93
C ARG B 473 5.91 -27.79 -41.02
N GLU B 474 5.49 -28.43 -42.10
CA GLU B 474 6.35 -28.69 -43.24
C GLU B 474 6.13 -27.67 -44.37
N GLY B 475 5.14 -27.93 -45.23
CA GLY B 475 4.88 -27.03 -46.34
C GLY B 475 3.72 -26.08 -46.14
N PRO C 66 -11.03 -43.32 -58.08
CA PRO C 66 -11.46 -42.98 -56.73
C PRO C 66 -12.42 -41.81 -56.71
N SER C 67 -13.09 -41.56 -55.59
CA SER C 67 -13.92 -40.37 -55.39
C SER C 67 -14.30 -40.29 -53.92
N LEU C 68 -14.31 -39.07 -53.36
CA LEU C 68 -14.40 -38.91 -51.92
C LEU C 68 -15.78 -39.26 -51.38
N GLU C 69 -16.83 -38.97 -52.16
CA GLU C 69 -18.17 -39.37 -51.76
C GLU C 69 -18.29 -40.89 -51.75
N ASP C 70 -17.52 -41.57 -52.61
CA ASP C 70 -17.57 -43.03 -52.74
C ASP C 70 -16.79 -43.71 -51.62
N LEU C 71 -15.59 -43.20 -51.32
CA LEU C 71 -14.83 -43.63 -50.15
C LEU C 71 -15.69 -43.63 -48.89
N LEU C 72 -16.24 -42.46 -48.57
CA LEU C 72 -17.06 -42.30 -47.38
C LEU C 72 -18.21 -43.30 -47.37
N PHE C 73 -18.80 -43.57 -48.55
CA PHE C 73 -19.88 -44.54 -48.60
C PHE C 73 -19.41 -45.89 -48.09
N TYR C 74 -18.25 -46.35 -48.57
CA TYR C 74 -17.81 -47.71 -48.23
C TYR C 74 -17.44 -47.86 -46.75
N THR C 75 -16.88 -46.82 -46.12
CA THR C 75 -16.58 -46.95 -44.69
C THR C 75 -17.85 -46.95 -43.86
N ILE C 76 -18.94 -46.37 -44.37
CA ILE C 76 -20.23 -46.48 -43.74
C ILE C 76 -21.05 -47.60 -44.38
N ALA C 77 -20.78 -47.94 -45.65
CA ALA C 77 -21.62 -48.88 -46.37
C ALA C 77 -21.63 -50.23 -45.71
N GLU C 78 -20.66 -50.47 -44.86
CA GLU C 78 -20.76 -51.47 -43.76
C GLU C 78 -20.63 -52.88 -44.34
N GLY C 79 -20.08 -52.99 -45.55
CA GLY C 79 -20.21 -54.11 -46.45
C GLY C 79 -21.42 -54.25 -47.38
N GLN C 80 -22.57 -53.75 -46.94
CA GLN C 80 -23.79 -53.65 -47.73
C GLN C 80 -23.66 -52.55 -48.80
N GLU C 81 -24.72 -52.45 -49.61
CA GLU C 81 -24.75 -51.50 -50.72
C GLU C 81 -25.98 -50.61 -50.65
N LYS C 82 -26.66 -50.56 -49.50
CA LYS C 82 -27.55 -49.47 -49.13
C LYS C 82 -27.34 -49.16 -47.65
N ILE C 83 -27.21 -47.88 -47.34
CA ILE C 83 -27.05 -47.41 -45.95
C ILE C 83 -28.40 -46.90 -45.47
N PRO C 84 -28.97 -47.46 -44.41
CA PRO C 84 -30.17 -46.85 -43.84
C PRO C 84 -29.84 -45.44 -43.39
N VAL C 85 -30.79 -44.52 -43.58
CA VAL C 85 -30.44 -43.13 -43.29
C VAL C 85 -30.39 -42.93 -41.78
N HIS C 86 -31.19 -43.68 -41.02
CA HIS C 86 -31.14 -43.57 -39.56
C HIS C 86 -29.78 -43.99 -39.05
N LYS C 87 -29.11 -44.84 -39.81
CA LYS C 87 -27.80 -45.32 -39.45
C LYS C 87 -26.71 -44.33 -39.83
N PHE C 88 -26.91 -43.59 -40.94
CA PHE C 88 -25.97 -42.53 -41.30
C PHE C 88 -26.03 -41.38 -40.31
N ILE C 89 -27.23 -41.07 -39.82
CA ILE C 89 -27.40 -39.98 -38.87
C ILE C 89 -26.78 -40.35 -37.52
N THR C 90 -26.84 -41.64 -37.14
CA THR C 90 -26.22 -42.06 -35.89
C THR C 90 -24.70 -42.06 -35.98
N ALA C 91 -24.17 -42.58 -37.09
CA ALA C 91 -22.72 -42.51 -37.32
C ALA C 91 -22.23 -41.07 -37.29
N LEU C 92 -23.05 -40.15 -37.82
CA LEU C 92 -22.72 -38.74 -37.81
C LEU C 92 -22.69 -38.17 -36.40
N LYS C 93 -23.74 -38.45 -35.61
CA LYS C 93 -23.83 -37.85 -34.28
C LYS C 93 -22.69 -38.30 -33.37
N SER C 94 -22.27 -39.57 -33.52
CA SER C 94 -21.19 -40.10 -32.71
C SER C 94 -19.90 -39.29 -32.87
N THR C 95 -19.65 -38.75 -34.07
CA THR C 95 -18.50 -37.87 -34.23
C THR C 95 -18.55 -36.68 -33.28
N GLY C 96 -19.73 -36.31 -32.79
CA GLY C 96 -19.89 -35.12 -32.00
C GLY C 96 -20.58 -33.98 -32.73
N LEU C 97 -20.79 -34.07 -34.04
CA LEU C 97 -21.54 -33.04 -34.72
C LEU C 97 -23.04 -33.19 -34.42
N ARG C 98 -23.74 -32.08 -34.50
CA ARG C 98 -25.18 -32.04 -34.38
C ARG C 98 -25.74 -31.89 -35.78
N THR C 99 -26.86 -32.56 -36.07
CA THR C 99 -27.39 -32.50 -37.43
C THR C 99 -27.76 -31.07 -37.84
N SER C 100 -27.96 -30.15 -36.90
CA SER C 100 -28.29 -28.79 -37.26
C SER C 100 -27.05 -27.89 -37.35
N ASP C 101 -25.85 -28.48 -37.41
CA ASP C 101 -24.64 -27.73 -37.64
C ASP C 101 -24.79 -26.93 -38.93
N PRO C 102 -24.66 -25.60 -38.89
CA PRO C 102 -24.88 -24.81 -40.12
C PRO C 102 -24.01 -25.24 -41.29
N ARG C 103 -22.84 -25.82 -41.06
CA ARG C 103 -21.99 -26.34 -42.12
C ARG C 103 -22.58 -27.59 -42.76
N LEU C 104 -23.62 -28.18 -42.15
CA LEU C 104 -24.21 -29.41 -42.62
C LEU C 104 -25.57 -29.19 -43.28
N LYS C 105 -25.98 -27.95 -43.46
CA LYS C 105 -27.37 -27.69 -43.82
C LYS C 105 -27.74 -28.27 -45.18
N GLU C 106 -26.81 -28.25 -46.14
CA GLU C 106 -27.17 -28.77 -47.46
C GLU C 106 -27.33 -30.27 -47.44
N CYS C 107 -26.52 -30.97 -46.64
CA CYS C 107 -26.68 -32.41 -46.57
C CYS C 107 -27.97 -32.78 -45.85
N MET C 108 -28.32 -32.03 -44.80
CA MET C 108 -29.57 -32.30 -44.10
C MET C 108 -30.79 -31.91 -44.94
N ASP C 109 -30.74 -30.77 -45.63
CA ASP C 109 -31.86 -30.40 -46.49
C ASP C 109 -32.12 -31.47 -47.55
N MET C 110 -31.04 -32.08 -48.06
CA MET C 110 -31.17 -33.11 -49.08
C MET C 110 -31.60 -34.46 -48.54
N LEU C 111 -31.20 -34.80 -47.31
CA LEU C 111 -31.73 -36.02 -46.72
C LEU C 111 -33.22 -35.86 -46.39
N ARG C 112 -33.62 -34.69 -45.92
CA ARG C 112 -35.04 -34.45 -45.68
C ARG C 112 -35.84 -34.51 -46.97
N LEU C 113 -35.25 -34.05 -48.08
CA LEU C 113 -35.97 -34.06 -49.35
C LEU C 113 -35.94 -35.44 -49.98
N THR C 114 -34.88 -36.22 -49.75
CA THR C 114 -34.93 -37.60 -50.18
C THR C 114 -35.94 -38.39 -49.37
N LEU C 115 -36.14 -38.01 -48.10
CA LEU C 115 -37.12 -38.69 -47.27
C LEU C 115 -38.54 -38.31 -47.63
N GLN C 116 -38.72 -37.31 -48.49
CA GLN C 116 -40.02 -36.95 -49.03
C GLN C 116 -40.29 -37.56 -50.39
N THR C 117 -39.36 -37.37 -51.34
CA THR C 117 -39.51 -37.85 -52.72
C THR C 117 -39.55 -39.37 -52.79
N THR C 118 -38.86 -40.07 -51.91
CA THR C 118 -38.83 -41.53 -51.97
C THR C 118 -39.09 -42.08 -50.58
N SER C 119 -40.37 -42.31 -50.29
CA SER C 119 -40.75 -42.93 -49.03
C SER C 119 -40.49 -44.42 -49.09
N ASP C 120 -40.39 -44.94 -50.31
CA ASP C 120 -40.30 -46.36 -50.63
C ASP C 120 -38.96 -46.95 -50.20
N GLY C 121 -38.81 -47.13 -48.87
CA GLY C 121 -37.53 -47.65 -48.39
C GLY C 121 -36.60 -46.55 -47.97
N VAL C 122 -36.32 -46.46 -46.68
CA VAL C 122 -35.41 -45.48 -46.11
C VAL C 122 -33.91 -45.81 -46.33
N MET C 123 -33.55 -46.37 -47.49
CA MET C 123 -32.16 -46.79 -47.72
C MET C 123 -31.48 -45.91 -48.77
N LEU C 124 -30.16 -45.75 -48.64
CA LEU C 124 -29.34 -44.87 -49.49
C LEU C 124 -28.32 -45.71 -50.26
N ASP C 125 -28.41 -45.71 -51.59
CA ASP C 125 -27.39 -46.33 -52.41
C ASP C 125 -26.29 -45.29 -52.67
N LYS C 126 -25.29 -45.68 -53.49
CA LYS C 126 -24.07 -44.89 -53.68
C LYS C 126 -24.35 -43.62 -54.47
N ASP C 127 -25.37 -43.64 -55.34
CA ASP C 127 -25.60 -42.50 -56.20
C ASP C 127 -26.50 -41.47 -55.56
N LEU C 128 -27.32 -41.91 -54.62
CA LEU C 128 -28.10 -40.99 -53.82
C LEU C 128 -27.37 -40.56 -52.54
N PHE C 129 -26.56 -41.44 -51.96
CA PHE C 129 -25.65 -41.01 -50.92
C PHE C 129 -24.71 -39.96 -51.48
N LYS C 130 -24.26 -40.13 -52.73
CA LYS C 130 -23.46 -39.06 -53.31
C LYS C 130 -24.26 -37.76 -53.27
N LYS C 131 -25.54 -37.82 -53.64
CA LYS C 131 -26.39 -36.65 -53.84
C LYS C 131 -26.52 -35.81 -52.57
N CYS C 132 -26.43 -36.42 -51.41
CA CYS C 132 -26.65 -35.74 -50.14
C CYS C 132 -25.36 -35.20 -49.53
N VAL C 133 -24.30 -36.00 -49.50
CA VAL C 133 -23.08 -35.58 -48.85
C VAL C 133 -22.20 -34.74 -49.76
N GLN C 134 -22.53 -34.67 -51.05
CA GLN C 134 -21.82 -33.85 -52.03
C GLN C 134 -21.30 -32.51 -51.47
N SER C 135 -22.24 -31.65 -51.03
CA SER C 135 -21.90 -30.26 -50.72
C SER C 135 -21.08 -30.12 -49.44
N ASN C 136 -21.27 -31.04 -48.49
CA ASN C 136 -20.57 -31.02 -47.21
C ASN C 136 -19.56 -32.17 -47.08
N ILE C 137 -18.97 -32.61 -48.20
CA ILE C 137 -18.16 -33.83 -48.25
C ILE C 137 -16.88 -33.68 -47.43
N VAL C 138 -16.25 -32.50 -47.46
CA VAL C 138 -14.98 -32.34 -46.76
C VAL C 138 -15.18 -32.50 -45.26
N LEU C 139 -16.16 -31.78 -44.71
CA LEU C 139 -16.37 -31.81 -43.27
C LEU C 139 -16.81 -33.19 -42.82
N LEU C 140 -17.60 -33.87 -43.64
CA LEU C 140 -18.08 -35.19 -43.27
C LEU C 140 -16.93 -36.19 -43.21
N THR C 141 -15.93 -36.04 -44.09
CA THR C 141 -14.86 -37.02 -44.11
C THR C 141 -13.96 -36.89 -42.88
N GLN C 142 -13.63 -35.66 -42.48
CA GLN C 142 -12.82 -35.53 -41.28
C GLN C 142 -13.60 -35.98 -40.06
N ALA C 143 -14.93 -35.92 -40.12
CA ALA C 143 -15.75 -36.43 -39.02
C ALA C 143 -15.66 -37.95 -38.93
N PHE C 144 -15.76 -38.63 -40.08
CA PHE C 144 -15.80 -40.09 -40.12
C PHE C 144 -14.42 -40.73 -40.15
N ARG C 145 -13.38 -40.02 -40.65
CA ARG C 145 -12.00 -40.50 -40.60
C ARG C 145 -11.25 -40.00 -39.39
N ARG C 146 -11.98 -39.60 -38.38
CA ARG C 146 -11.46 -39.49 -37.05
C ARG C 146 -10.25 -38.58 -36.92
N LYS C 147 -10.41 -37.45 -37.58
CA LYS C 147 -9.47 -36.35 -37.70
C LYS C 147 -9.92 -35.10 -36.94
N PHE C 148 -11.03 -35.17 -36.18
CA PHE C 148 -11.40 -34.01 -35.37
C PHE C 148 -10.49 -33.96 -34.14
N VAL C 149 -10.42 -32.78 -33.50
CA VAL C 149 -9.45 -32.57 -32.45
C VAL C 149 -9.57 -33.61 -31.35
N ILE C 150 -10.77 -34.10 -31.09
CA ILE C 150 -11.02 -35.17 -30.13
C ILE C 150 -11.61 -36.35 -30.88
N PRO C 151 -10.78 -37.34 -31.24
CA PRO C 151 -11.28 -38.44 -32.08
C PRO C 151 -12.39 -39.25 -31.42
N ASP C 152 -12.17 -39.75 -30.20
CA ASP C 152 -13.20 -40.53 -29.50
C ASP C 152 -14.04 -39.56 -28.66
N PHE C 153 -14.91 -38.83 -29.36
CA PHE C 153 -15.74 -37.84 -28.67
C PHE C 153 -16.77 -38.49 -27.75
N MET C 154 -17.24 -39.69 -28.07
CA MET C 154 -18.23 -40.27 -27.19
C MET C 154 -17.59 -40.71 -25.88
N SER C 155 -16.35 -41.18 -25.92
CA SER C 155 -15.67 -41.49 -24.67
C SER C 155 -15.53 -40.24 -23.80
N PHE C 156 -15.07 -39.14 -24.40
CA PHE C 156 -14.78 -37.91 -23.67
C PHE C 156 -16.04 -37.35 -23.00
N THR C 157 -17.17 -37.38 -23.70
CA THR C 157 -18.39 -36.87 -23.08
C THR C 157 -18.80 -37.72 -21.88
N SER C 158 -18.46 -39.00 -21.88
CA SER C 158 -18.69 -39.78 -20.68
C SER C 158 -17.82 -39.26 -19.53
N HIS C 159 -16.65 -38.70 -19.84
CA HIS C 159 -15.83 -38.09 -18.80
C HIS C 159 -16.40 -36.75 -18.37
N ILE C 160 -16.90 -35.94 -19.31
CA ILE C 160 -17.55 -34.69 -18.94
C ILE C 160 -18.73 -34.96 -18.02
N ASP C 161 -19.54 -35.98 -18.33
CA ASP C 161 -20.68 -36.31 -17.50
C ASP C 161 -20.23 -36.75 -16.10
N GLU C 162 -19.19 -37.56 -16.00
CA GLU C 162 -18.69 -37.94 -14.68
C GLU C 162 -18.26 -36.72 -13.91
N LEU C 163 -17.52 -35.82 -14.58
CA LEU C 163 -17.09 -34.57 -13.96
C LEU C 163 -18.28 -33.73 -13.53
N TYR C 164 -19.32 -33.66 -14.36
CA TYR C 164 -20.51 -32.90 -14.02
C TYR C 164 -21.18 -33.45 -12.76
N GLU C 165 -21.39 -34.76 -12.71
CA GLU C 165 -22.00 -35.37 -11.53
C GLU C 165 -21.12 -35.25 -10.29
N SER C 166 -19.81 -35.11 -10.47
CA SER C 166 -18.92 -35.00 -9.33
C SER C 166 -19.00 -33.61 -8.71
N ALA C 167 -19.12 -32.55 -9.53
CA ALA C 167 -19.33 -31.21 -9.01
C ALA C 167 -20.75 -30.99 -8.53
N LYS C 168 -21.71 -31.78 -9.02
CA LYS C 168 -23.11 -31.56 -8.64
C LYS C 168 -23.31 -31.80 -7.15
N LYS C 169 -22.38 -32.49 -6.50
CA LYS C 169 -22.46 -32.74 -5.07
C LYS C 169 -21.82 -31.64 -4.22
N GLN C 170 -21.22 -30.61 -4.84
CA GLN C 170 -20.70 -29.45 -4.11
C GLN C 170 -21.79 -28.39 -3.97
N SER C 171 -22.68 -28.60 -3.00
CA SER C 171 -23.87 -27.77 -2.86
C SER C 171 -23.63 -26.52 -2.00
N GLY C 172 -22.38 -26.18 -1.70
CA GLY C 172 -22.06 -24.95 -0.98
C GLY C 172 -22.17 -23.69 -1.85
N GLY C 173 -21.94 -22.54 -1.21
CA GLY C 173 -21.90 -21.26 -1.89
C GLY C 173 -23.19 -20.48 -1.73
N LYS C 174 -23.13 -19.18 -2.06
CA LYS C 174 -24.26 -18.28 -1.90
C LYS C 174 -24.64 -17.64 -3.24
N VAL C 175 -25.94 -17.72 -3.58
CA VAL C 175 -26.43 -17.08 -4.80
C VAL C 175 -26.43 -15.57 -4.60
N ALA C 176 -26.03 -14.84 -5.65
CA ALA C 176 -25.95 -13.38 -5.57
C ALA C 176 -27.34 -12.80 -5.43
N ASP C 177 -27.51 -11.91 -4.46
CA ASP C 177 -28.81 -11.31 -4.21
C ASP C 177 -28.81 -9.79 -4.37
N TYR C 178 -27.67 -9.17 -4.74
CA TYR C 178 -27.61 -7.70 -4.70
C TYR C 178 -28.60 -7.05 -5.66
N ILE C 179 -29.19 -7.79 -6.59
CA ILE C 179 -30.40 -7.35 -7.27
C ILE C 179 -31.37 -8.54 -7.28
N PRO C 180 -32.68 -8.31 -7.28
CA PRO C 180 -33.64 -9.43 -7.19
C PRO C 180 -33.61 -10.37 -8.39
N GLN C 181 -32.90 -10.03 -9.46
CA GLN C 181 -32.92 -10.91 -10.63
C GLN C 181 -31.94 -12.06 -10.53
N LEU C 182 -30.77 -11.84 -9.93
CA LEU C 182 -29.88 -12.97 -9.67
C LEU C 182 -30.36 -13.76 -8.46
N ALA C 183 -31.14 -13.13 -7.58
CA ALA C 183 -31.56 -13.82 -6.37
C ALA C 183 -32.61 -14.89 -6.64
N LYS C 184 -33.44 -14.74 -7.65
CA LYS C 184 -34.37 -15.83 -7.83
C LYS C 184 -33.84 -17.04 -8.61
N PHE C 185 -32.55 -17.14 -8.92
CA PHE C 185 -32.09 -18.35 -9.61
C PHE C 185 -31.86 -19.47 -8.58
N SER C 186 -32.35 -20.67 -8.89
CA SER C 186 -32.25 -21.77 -7.93
C SER C 186 -30.78 -22.15 -7.74
N PRO C 187 -30.40 -22.60 -6.55
CA PRO C 187 -28.97 -22.88 -6.31
C PRO C 187 -28.43 -24.17 -6.92
N ASP C 188 -29.28 -25.14 -7.29
CA ASP C 188 -28.88 -26.37 -7.97
C ASP C 188 -29.33 -26.46 -9.43
N LEU C 189 -29.44 -25.30 -10.05
CA LEU C 189 -29.21 -25.22 -11.48
C LEU C 189 -27.71 -25.41 -11.72
N TRP C 190 -27.38 -26.26 -12.70
CA TRP C 190 -25.99 -26.66 -12.95
C TRP C 190 -25.91 -27.18 -14.37
N GLY C 191 -25.09 -26.55 -15.21
CA GLY C 191 -24.94 -27.02 -16.58
C GLY C 191 -23.55 -26.75 -17.11
N VAL C 192 -23.06 -27.65 -17.96
CA VAL C 192 -21.80 -27.45 -18.66
C VAL C 192 -22.01 -27.80 -20.13
N SER C 193 -21.51 -26.95 -21.02
CA SER C 193 -21.66 -27.17 -22.45
C SER C 193 -20.28 -27.10 -23.09
N VAL C 194 -19.99 -28.07 -23.93
CA VAL C 194 -18.72 -28.17 -24.63
C VAL C 194 -18.97 -27.85 -26.09
N CYS C 195 -18.00 -27.18 -26.71
CA CYS C 195 -17.95 -27.04 -28.15
C CYS C 195 -16.50 -27.06 -28.56
N THR C 196 -16.11 -27.99 -29.42
CA THR C 196 -14.71 -28.13 -29.76
C THR C 196 -14.32 -27.17 -30.89
N ALA C 197 -13.01 -27.04 -31.10
CA ALA C 197 -12.57 -26.23 -32.23
C ALA C 197 -13.10 -26.75 -33.55
N ASP C 198 -13.68 -27.95 -33.59
CA ASP C 198 -14.26 -28.49 -34.82
C ASP C 198 -15.78 -28.52 -34.79
N GLY C 199 -16.40 -27.99 -33.73
CA GLY C 199 -17.84 -27.91 -33.66
C GLY C 199 -18.54 -29.10 -33.05
N GLN C 200 -17.79 -30.03 -32.47
CA GLN C 200 -18.42 -31.14 -31.76
C GLN C 200 -18.99 -30.62 -30.44
N ARG C 201 -20.24 -30.97 -30.16
CA ARG C 201 -21.00 -30.37 -29.08
C ARG C 201 -21.45 -31.44 -28.11
N HIS C 202 -21.49 -31.07 -26.82
CA HIS C 202 -22.03 -31.92 -25.78
C HIS C 202 -22.49 -31.04 -24.62
N SER C 203 -23.65 -31.36 -24.08
CA SER C 203 -24.17 -30.65 -22.93
C SER C 203 -24.61 -31.63 -21.86
N THR C 204 -24.68 -31.14 -20.63
CA THR C 204 -25.22 -31.94 -19.53
C THR C 204 -25.69 -31.00 -18.43
N GLY C 205 -26.88 -31.28 -17.90
CA GLY C 205 -27.50 -30.35 -16.98
C GLY C 205 -28.30 -29.24 -17.62
N ASP C 206 -28.44 -28.12 -16.90
CA ASP C 206 -29.33 -27.02 -17.30
C ASP C 206 -28.61 -26.09 -18.29
N THR C 207 -28.51 -26.56 -19.54
CA THR C 207 -27.68 -25.88 -20.52
C THR C 207 -28.48 -25.05 -21.51
N LYS C 208 -29.82 -25.05 -21.40
CA LYS C 208 -30.64 -24.23 -22.27
C LYS C 208 -31.47 -23.17 -21.52
N VAL C 209 -31.09 -22.80 -20.31
CA VAL C 209 -31.80 -21.76 -19.56
C VAL C 209 -30.98 -20.49 -19.58
N PRO C 210 -31.56 -19.34 -19.91
CA PRO C 210 -30.78 -18.09 -20.04
C PRO C 210 -30.37 -17.49 -18.71
N PHE C 211 -29.23 -16.81 -18.77
CA PHE C 211 -28.66 -16.07 -17.66
C PHE C 211 -27.77 -15.00 -18.28
N CYS C 212 -27.43 -13.99 -17.49
CA CYS C 212 -26.67 -12.90 -18.07
C CYS C 212 -25.19 -13.21 -18.02
N LEU C 213 -24.45 -12.55 -18.89
CA LEU C 213 -23.02 -12.80 -18.90
C LEU C 213 -22.38 -12.20 -17.66
N GLN C 214 -22.84 -11.01 -17.25
CA GLN C 214 -22.22 -10.18 -16.21
C GLN C 214 -20.77 -10.00 -16.62
N SER C 215 -19.79 -10.16 -15.72
CA SER C 215 -18.41 -9.88 -16.13
C SER C 215 -17.86 -10.87 -17.13
N CYS C 216 -18.62 -11.90 -17.49
CA CYS C 216 -18.20 -12.75 -18.60
C CYS C 216 -18.22 -11.99 -19.90
N VAL C 217 -18.84 -10.81 -19.93
CA VAL C 217 -18.81 -10.01 -21.14
C VAL C 217 -17.51 -9.24 -21.26
N LYS C 218 -16.76 -9.08 -20.17
CA LYS C 218 -15.55 -8.26 -20.25
C LYS C 218 -14.52 -8.80 -21.25
N PRO C 219 -14.19 -10.10 -21.28
CA PRO C 219 -13.24 -10.55 -22.32
C PRO C 219 -13.78 -10.41 -23.73
N LEU C 220 -15.11 -10.50 -23.94
CA LEU C 220 -15.64 -10.40 -25.28
C LEU C 220 -15.56 -8.97 -25.79
N LYS C 221 -15.91 -7.98 -24.95
CA LYS C 221 -15.84 -6.60 -25.39
C LYS C 221 -14.41 -6.19 -25.65
N TYR C 222 -13.50 -6.68 -24.81
CA TYR C 222 -12.09 -6.37 -25.03
C TYR C 222 -11.65 -6.92 -26.38
N ALA C 223 -12.03 -8.16 -26.70
CA ALA C 223 -11.66 -8.73 -27.99
C ALA C 223 -12.19 -7.89 -29.13
N ILE C 224 -13.45 -7.45 -29.03
CA ILE C 224 -14.04 -6.58 -30.04
C ILE C 224 -13.27 -5.26 -30.14
N ALA C 225 -12.90 -4.68 -29.00
CA ALA C 225 -12.16 -3.42 -29.01
C ALA C 225 -10.84 -3.58 -29.73
N VAL C 226 -10.11 -4.67 -29.43
CA VAL C 226 -8.81 -4.88 -30.06
C VAL C 226 -8.97 -5.21 -31.52
N ASN C 227 -9.99 -6.02 -31.83
CA ASN C 227 -10.26 -6.40 -33.19
C ASN C 227 -10.47 -5.19 -34.09
N ASP C 228 -11.12 -4.15 -33.56
CA ASP C 228 -11.50 -2.96 -34.32
C ASP C 228 -10.46 -1.85 -34.26
N LEU C 229 -9.69 -1.74 -33.17
CA LEU C 229 -8.81 -0.61 -32.91
C LEU C 229 -7.34 -0.97 -32.71
N GLY C 230 -7.00 -2.22 -32.43
CA GLY C 230 -5.60 -2.56 -32.33
C GLY C 230 -5.12 -2.59 -30.90
N THR C 231 -4.06 -3.38 -30.66
CA THR C 231 -3.51 -3.49 -29.31
C THR C 231 -3.06 -2.14 -28.76
N GLU C 232 -2.36 -1.36 -29.59
CA GLU C 232 -1.71 -0.16 -29.09
C GLU C 232 -2.74 0.87 -28.65
N TYR C 233 -3.78 1.09 -29.46
CA TYR C 233 -4.80 2.05 -29.08
C TYR C 233 -5.49 1.63 -27.79
N VAL C 234 -5.96 0.38 -27.72
CA VAL C 234 -6.74 -0.04 -26.56
C VAL C 234 -5.90 0.10 -25.31
N HIS C 235 -4.64 -0.28 -25.39
CA HIS C 235 -3.82 -0.29 -24.18
C HIS C 235 -3.16 1.06 -23.92
N ARG C 236 -3.42 2.07 -24.74
CA ARG C 236 -3.22 3.42 -24.25
C ARG C 236 -4.13 3.71 -23.06
N TYR C 237 -5.29 3.06 -22.98
CA TYR C 237 -6.22 3.46 -21.95
C TYR C 237 -6.35 2.45 -20.82
N VAL C 238 -5.91 1.21 -20.99
CA VAL C 238 -6.03 0.18 -19.95
C VAL C 238 -4.75 -0.66 -19.95
N GLY C 239 -4.28 -1.01 -18.75
CA GLY C 239 -3.07 -1.79 -18.62
C GLY C 239 -3.23 -3.20 -19.15
N LYS C 240 -2.21 -4.03 -18.89
CA LYS C 240 -2.27 -5.40 -19.37
C LYS C 240 -1.72 -6.42 -18.37
N GLU C 241 -1.84 -6.14 -17.07
CA GLU C 241 -1.28 -7.01 -16.04
C GLU C 241 -2.32 -7.18 -14.92
N PRO C 242 -2.18 -8.24 -14.13
CA PRO C 242 -2.98 -8.30 -12.90
C PRO C 242 -2.50 -7.27 -11.88
N SER C 243 -3.45 -6.80 -11.07
CA SER C 243 -3.16 -5.70 -10.15
C SER C 243 -2.35 -6.17 -8.94
N GLY C 244 -2.54 -7.40 -8.49
CA GLY C 244 -1.94 -7.86 -7.26
C GLY C 244 -2.95 -7.92 -6.14
N LEU C 245 -2.93 -8.96 -5.30
CA LEU C 245 -4.03 -9.11 -4.36
C LEU C 245 -3.85 -8.13 -3.20
N ARG C 246 -3.35 -6.93 -3.55
CA ARG C 246 -3.35 -5.74 -2.70
C ARG C 246 -3.87 -4.53 -3.43
N PHE C 247 -4.23 -4.68 -4.71
CA PHE C 247 -4.71 -3.58 -5.54
C PHE C 247 -6.02 -3.99 -6.22
N ASN C 248 -6.71 -4.99 -5.67
CA ASN C 248 -8.10 -5.27 -6.04
C ASN C 248 -9.00 -4.09 -5.68
N LYS C 249 -8.60 -3.31 -4.68
CA LYS C 249 -9.38 -2.16 -4.25
C LYS C 249 -9.08 -0.89 -5.03
N LEU C 250 -7.87 -0.76 -5.55
CA LEU C 250 -7.48 0.42 -6.33
C LEU C 250 -8.08 0.41 -7.73
N PHE C 251 -8.41 1.61 -8.22
CA PHE C 251 -8.94 1.76 -9.57
C PHE C 251 -7.85 1.96 -10.62
N LEU C 252 -6.69 2.53 -10.27
CA LEU C 252 -5.70 2.96 -11.24
C LEU C 252 -4.33 2.36 -10.93
N ASN C 253 -3.52 2.23 -11.96
CA ASN C 253 -2.14 1.82 -11.82
C ASN C 253 -1.22 3.04 -11.81
N GLU C 254 0.08 2.79 -11.91
CA GLU C 254 1.09 3.84 -11.78
C GLU C 254 1.05 4.82 -12.95
N ASP C 255 0.48 4.43 -14.09
CA ASP C 255 0.35 5.32 -15.25
C ASP C 255 -1.07 5.86 -15.41
N ASP C 256 -1.85 5.86 -14.32
CA ASP C 256 -3.23 6.39 -14.30
C ASP C 256 -4.15 5.70 -15.30
N LYS C 257 -3.96 4.41 -15.50
CA LYS C 257 -4.89 3.58 -16.24
C LYS C 257 -5.45 2.49 -15.33
N PRO C 258 -6.67 2.01 -15.58
CA PRO C 258 -7.13 0.83 -14.82
C PRO C 258 -6.20 -0.33 -15.17
N HIS C 259 -6.09 -1.26 -14.23
CA HIS C 259 -5.00 -2.23 -14.27
C HIS C 259 -5.08 -3.16 -15.47
N ASN C 260 -6.28 -3.63 -15.80
CA ASN C 260 -6.47 -4.58 -16.89
C ASN C 260 -7.94 -4.53 -17.32
N PRO C 261 -8.26 -5.07 -18.50
CA PRO C 261 -9.66 -5.06 -18.98
C PRO C 261 -10.65 -5.90 -18.17
N MET C 262 -10.19 -6.78 -17.30
CA MET C 262 -11.13 -7.67 -16.63
C MET C 262 -11.69 -7.10 -15.31
N VAL C 263 -11.13 -6.01 -14.79
CA VAL C 263 -11.71 -5.40 -13.59
C VAL C 263 -12.67 -4.31 -14.05
N ASN C 264 -13.55 -3.90 -13.12
CA ASN C 264 -14.65 -3.04 -13.52
C ASN C 264 -14.16 -1.73 -14.13
N ALA C 265 -13.14 -1.09 -13.52
CA ALA C 265 -12.64 0.16 -14.11
C ALA C 265 -12.08 -0.09 -15.51
N GLY C 266 -11.36 -1.20 -15.70
CA GLY C 266 -10.87 -1.49 -17.04
C GLY C 266 -11.99 -1.80 -18.01
N ALA C 267 -12.98 -2.60 -17.57
CA ALA C 267 -14.12 -2.87 -18.44
C ALA C 267 -14.84 -1.59 -18.82
N ILE C 268 -14.97 -0.65 -17.87
CA ILE C 268 -15.68 0.59 -18.14
C ILE C 268 -14.94 1.44 -19.15
N VAL C 269 -13.60 1.55 -19.04
CA VAL C 269 -12.89 2.29 -20.07
C VAL C 269 -12.99 1.57 -21.41
N VAL C 270 -12.85 0.24 -21.42
CA VAL C 270 -12.93 -0.50 -22.69
C VAL C 270 -14.28 -0.25 -23.33
N THR C 271 -15.35 -0.27 -22.53
CA THR C 271 -16.69 0.00 -23.05
C THR C 271 -16.75 1.38 -23.68
N SER C 272 -16.01 2.34 -23.12
CA SER C 272 -16.01 3.69 -23.69
C SER C 272 -15.27 3.78 -25.02
N LEU C 273 -14.51 2.74 -25.40
CA LEU C 273 -13.73 2.76 -26.65
C LEU C 273 -14.48 2.20 -27.87
N ILE C 274 -15.51 1.36 -27.66
CA ILE C 274 -16.14 0.60 -28.76
C ILE C 274 -17.10 1.50 -29.53
N LYS C 275 -16.96 1.51 -30.85
CA LYS C 275 -17.88 2.18 -31.78
C LYS C 275 -18.22 3.59 -31.32
N GLN C 276 -17.18 4.41 -31.18
CA GLN C 276 -17.37 5.79 -30.75
C GLN C 276 -18.06 6.62 -31.82
N GLY C 277 -18.90 7.55 -31.37
CA GLY C 277 -19.56 8.50 -32.26
C GLY C 277 -21.01 8.19 -32.62
N VAL C 278 -21.50 6.99 -32.33
CA VAL C 278 -22.93 6.68 -32.45
C VAL C 278 -23.51 6.56 -31.06
N ASN C 279 -24.84 6.49 -30.98
CA ASN C 279 -25.57 6.43 -29.73
C ASN C 279 -25.58 5.02 -29.13
N ASN C 280 -26.17 4.89 -27.93
CA ASN C 280 -26.12 3.62 -27.20
C ASN C 280 -26.94 2.53 -27.89
N ALA C 281 -27.97 2.90 -28.65
CA ALA C 281 -28.76 1.89 -29.36
C ALA C 281 -27.96 1.22 -30.46
N GLU C 282 -27.19 2.00 -31.23
CA GLU C 282 -26.39 1.44 -32.32
C GLU C 282 -25.14 0.74 -31.80
N LYS C 283 -24.53 1.29 -30.76
CA LYS C 283 -23.44 0.61 -30.07
C LYS C 283 -23.89 -0.76 -29.61
N PHE C 284 -25.07 -0.83 -28.98
CA PHE C 284 -25.57 -2.09 -28.47
C PHE C 284 -25.81 -3.09 -29.60
N ASP C 285 -26.44 -2.66 -30.68
CA ASP C 285 -26.67 -3.59 -31.77
C ASP C 285 -25.36 -4.00 -32.43
N TYR C 286 -24.36 -3.12 -32.43
CA TYR C 286 -23.09 -3.51 -33.02
C TYR C 286 -22.40 -4.61 -32.21
N VAL C 287 -22.45 -4.55 -30.87
CA VAL C 287 -21.85 -5.62 -30.06
C VAL C 287 -22.67 -6.91 -30.16
N MET C 288 -24.01 -6.81 -30.11
CA MET C 288 -24.86 -7.99 -30.20
C MET C 288 -24.64 -8.72 -31.51
N GLN C 289 -24.61 -7.97 -32.60
CA GLN C 289 -24.33 -8.55 -33.89
C GLN C 289 -22.98 -9.27 -33.84
N PHE C 290 -22.05 -8.72 -33.06
CA PHE C 290 -20.71 -9.31 -32.94
C PHE C 290 -20.74 -10.60 -32.12
N LEU C 291 -21.44 -10.58 -30.98
CA LEU C 291 -21.58 -11.78 -30.16
C LEU C 291 -22.46 -12.82 -30.84
N ASN C 292 -23.32 -12.41 -31.77
CA ASN C 292 -24.10 -13.39 -32.50
C ASN C 292 -23.17 -14.28 -33.34
N LYS C 293 -22.21 -13.67 -34.03
CA LYS C 293 -21.30 -14.48 -34.84
C LYS C 293 -20.40 -15.34 -33.97
N MET C 294 -20.05 -14.86 -32.78
CA MET C 294 -19.20 -15.67 -31.91
C MET C 294 -19.92 -16.92 -31.45
N ALA C 295 -21.25 -16.87 -31.38
CA ALA C 295 -22.06 -17.98 -30.91
C ALA C 295 -22.69 -18.79 -32.04
N GLY C 296 -22.19 -18.63 -33.27
CA GLY C 296 -22.75 -19.34 -34.42
C GLY C 296 -24.25 -19.13 -34.55
N ASN C 297 -24.71 -17.95 -34.13
CA ASN C 297 -26.10 -17.53 -34.18
C ASN C 297 -26.99 -18.33 -33.21
N GLU C 298 -26.44 -18.88 -32.14
CA GLU C 298 -27.30 -19.49 -31.13
C GLU C 298 -27.74 -18.35 -30.19
N TYR C 299 -28.43 -18.67 -29.10
CA TYR C 299 -29.21 -17.66 -28.39
C TYR C 299 -28.29 -16.62 -27.74
N VAL C 300 -28.45 -15.37 -28.14
CA VAL C 300 -27.88 -14.23 -27.44
C VAL C 300 -29.01 -13.25 -27.21
N GLY C 301 -29.27 -12.90 -25.96
CA GLY C 301 -30.42 -12.06 -25.66
C GLY C 301 -30.17 -10.93 -24.66
N PHE C 302 -31.25 -10.42 -24.07
CA PHE C 302 -31.10 -9.25 -23.21
C PHE C 302 -32.15 -9.26 -22.11
N SER C 303 -31.72 -8.97 -20.89
CA SER C 303 -32.63 -8.91 -19.76
C SER C 303 -32.75 -7.45 -19.33
N ASN C 304 -33.86 -6.82 -19.71
CA ASN C 304 -34.07 -5.44 -19.30
C ASN C 304 -34.30 -5.35 -17.78
N ALA C 305 -34.89 -6.38 -17.18
CA ALA C 305 -35.05 -6.43 -15.73
C ALA C 305 -33.70 -6.35 -15.01
N THR C 306 -32.73 -7.15 -15.45
CA THR C 306 -31.39 -7.05 -14.86
C THR C 306 -30.76 -5.70 -15.14
N PHE C 307 -31.01 -5.13 -16.31
CA PHE C 307 -30.43 -3.84 -16.65
C PHE C 307 -30.98 -2.74 -15.74
N GLN C 308 -32.30 -2.75 -15.46
CA GLN C 308 -32.89 -1.68 -14.66
C GLN C 308 -32.44 -1.78 -13.21
N SER C 309 -32.27 -3.00 -12.70
CA SER C 309 -31.80 -3.17 -11.34
C SER C 309 -30.30 -2.97 -11.23
N GLU C 310 -29.56 -3.26 -12.30
CA GLU C 310 -28.12 -3.00 -12.29
C GLU C 310 -27.81 -1.51 -12.33
N ARG C 311 -28.65 -0.69 -12.97
CA ARG C 311 -28.34 0.73 -13.01
C ARG C 311 -28.77 1.44 -11.73
N GLU C 312 -29.80 0.94 -11.05
CA GLU C 312 -30.18 1.42 -9.72
C GLU C 312 -29.47 0.72 -8.57
N SER C 313 -28.33 0.19 -8.82
CA SER C 313 -27.56 -0.32 -7.70
C SER C 313 -26.08 -0.11 -8.00
N GLY C 314 -25.74 0.63 -9.05
CA GLY C 314 -24.36 0.76 -9.48
C GLY C 314 -23.67 2.00 -8.97
N ASP C 315 -23.81 2.28 -7.67
CA ASP C 315 -23.09 3.43 -7.12
C ASP C 315 -21.58 3.20 -7.14
N ARG C 316 -21.13 1.96 -6.97
CA ARG C 316 -19.71 1.67 -7.11
C ARG C 316 -19.22 1.94 -8.52
N ASN C 317 -20.00 1.57 -9.54
CA ASN C 317 -19.57 1.86 -10.91
C ASN C 317 -19.74 3.34 -11.26
N PHE C 318 -20.71 4.02 -10.65
CA PHE C 318 -20.77 5.47 -10.78
C PHE C 318 -19.59 6.13 -10.08
N ALA C 319 -19.19 5.58 -8.92
CA ALA C 319 -17.94 6.00 -8.29
C ALA C 319 -16.77 5.82 -9.24
N ILE C 320 -16.70 4.65 -9.89
CA ILE C 320 -15.62 4.41 -10.85
C ILE C 320 -15.70 5.41 -12.00
N GLY C 321 -16.90 5.67 -12.50
CA GLY C 321 -17.02 6.54 -13.65
C GLY C 321 -16.49 7.94 -13.37
N TYR C 322 -16.89 8.52 -12.24
CA TYR C 322 -16.46 9.88 -11.95
C TYR C 322 -14.96 9.94 -11.70
N TYR C 323 -14.44 8.96 -10.94
CA TYR C 323 -12.99 8.91 -10.71
C TYR C 323 -12.22 8.88 -12.02
N LEU C 324 -12.62 7.99 -12.95
CA LEU C 324 -11.94 7.94 -14.24
C LEU C 324 -12.09 9.24 -15.01
N LYS C 325 -13.24 9.92 -14.86
CA LYS C 325 -13.40 11.21 -15.51
C LYS C 325 -12.40 12.24 -14.96
N GLU C 326 -12.25 12.28 -13.64
CA GLU C 326 -11.35 13.27 -13.06
C GLU C 326 -9.90 12.97 -13.41
N LYS C 327 -9.52 11.70 -13.40
CA LYS C 327 -8.17 11.31 -13.77
C LYS C 327 -8.01 11.20 -15.29
N LYS C 328 -9.05 11.59 -16.05
CA LYS C 328 -9.04 11.66 -17.52
C LYS C 328 -8.56 10.35 -18.16
N CYS C 329 -9.32 9.29 -17.90
CA CYS C 329 -8.99 7.98 -18.41
C CYS C 329 -9.80 7.59 -19.64
N PHE C 330 -10.77 8.40 -20.03
CA PHE C 330 -11.64 8.16 -21.17
C PHE C 330 -11.14 8.88 -22.41
N PRO C 331 -11.53 8.40 -23.60
CA PRO C 331 -11.26 9.16 -24.81
C PRO C 331 -11.93 10.53 -24.76
N GLU C 332 -11.34 11.49 -25.47
CA GLU C 332 -11.92 12.83 -25.51
C GLU C 332 -13.33 12.78 -26.09
N GLY C 333 -14.24 13.52 -25.47
CA GLY C 333 -15.62 13.53 -25.90
C GLY C 333 -16.46 12.37 -25.41
N THR C 334 -16.02 11.70 -24.34
CA THR C 334 -16.79 10.59 -23.78
C THR C 334 -17.91 11.14 -22.90
N ASP C 335 -19.14 10.67 -23.14
CA ASP C 335 -20.25 10.95 -22.22
C ASP C 335 -20.22 9.85 -21.16
N MET C 336 -19.60 10.16 -20.02
CA MET C 336 -19.32 9.14 -19.01
C MET C 336 -20.60 8.47 -18.53
N VAL C 337 -21.61 9.26 -18.17
CA VAL C 337 -22.80 8.66 -17.61
C VAL C 337 -23.50 7.80 -18.66
N GLY C 338 -23.42 8.19 -19.94
CA GLY C 338 -23.96 7.32 -20.98
C GLY C 338 -23.17 6.02 -21.13
N ILE C 339 -21.83 6.11 -21.12
CA ILE C 339 -20.99 4.91 -21.16
C ILE C 339 -21.37 3.96 -20.05
N LEU C 340 -21.65 4.50 -18.85
CA LEU C 340 -22.07 3.64 -17.76
C LEU C 340 -23.37 2.92 -18.09
N ASP C 341 -24.29 3.60 -18.78
CA ASP C 341 -25.52 2.94 -19.20
C ASP C 341 -25.23 1.81 -20.16
N PHE C 342 -24.38 2.07 -21.16
CA PHE C 342 -23.92 1.02 -22.08
C PHE C 342 -23.28 -0.14 -21.32
N TYR C 343 -22.44 0.18 -20.33
CA TYR C 343 -21.81 -0.84 -19.51
C TYR C 343 -22.87 -1.67 -18.80
N PHE C 344 -23.88 -1.01 -18.22
CA PHE C 344 -24.93 -1.77 -17.55
C PHE C 344 -25.68 -2.65 -18.54
N GLN C 345 -25.81 -2.22 -19.79
CA GLN C 345 -26.45 -3.07 -20.79
C GLN C 345 -25.61 -4.31 -21.13
N LEU C 346 -24.31 -4.12 -21.36
CA LEU C 346 -23.47 -5.26 -21.78
C LEU C 346 -23.44 -6.38 -20.74
N CYS C 347 -23.63 -6.08 -19.45
CA CYS C 347 -23.62 -7.17 -18.49
C CYS C 347 -25.00 -7.83 -18.35
N SER C 348 -26.05 -7.20 -18.87
CA SER C 348 -27.39 -7.79 -18.82
C SER C 348 -27.74 -8.59 -20.08
N ILE C 349 -26.77 -8.77 -20.98
CA ILE C 349 -26.95 -9.61 -22.16
C ILE C 349 -27.05 -11.07 -21.72
N GLU C 350 -28.01 -11.81 -22.28
CA GLU C 350 -28.21 -13.18 -21.82
C GLU C 350 -27.71 -14.20 -22.84
N VAL C 351 -27.30 -15.36 -22.30
CA VAL C 351 -26.82 -16.51 -23.05
C VAL C 351 -27.37 -17.76 -22.37
N THR C 352 -27.17 -18.90 -23.01
CA THR C 352 -27.27 -20.17 -22.34
C THR C 352 -25.88 -20.78 -22.28
N CYS C 353 -25.76 -21.90 -21.57
CA CYS C 353 -24.48 -22.60 -21.58
C CYS C 353 -24.12 -23.02 -22.99
N GLU C 354 -25.10 -23.46 -23.78
CA GLU C 354 -24.82 -23.92 -25.13
C GLU C 354 -24.33 -22.80 -26.01
N SER C 355 -25.08 -21.70 -26.10
CA SER C 355 -24.68 -20.58 -26.97
C SER C 355 -23.39 -19.94 -26.49
N ALA C 356 -23.20 -19.84 -25.18
CA ALA C 356 -21.98 -19.20 -24.69
C ALA C 356 -20.76 -20.06 -24.99
N SER C 357 -20.91 -21.38 -24.93
CA SER C 357 -19.76 -22.27 -25.15
C SER C 357 -19.25 -22.19 -26.59
N VAL C 358 -20.13 -21.87 -27.55
CA VAL C 358 -19.64 -21.59 -28.89
C VAL C 358 -18.83 -20.29 -28.91
N MET C 359 -19.22 -19.30 -28.11
CA MET C 359 -18.39 -18.09 -28.01
C MET C 359 -17.00 -18.46 -27.49
N ALA C 360 -16.96 -19.26 -26.42
CA ALA C 360 -15.68 -19.73 -25.91
C ALA C 360 -14.90 -20.51 -26.97
N ALA C 361 -15.60 -21.33 -27.75
CA ALA C 361 -14.93 -22.11 -28.79
C ALA C 361 -14.33 -21.21 -29.86
N THR C 362 -14.98 -20.07 -30.17
CA THR C 362 -14.41 -19.12 -31.12
C THR C 362 -13.05 -18.59 -30.67
N LEU C 363 -12.89 -18.30 -29.36
CA LEU C 363 -11.60 -17.85 -28.84
C LEU C 363 -10.59 -18.99 -28.81
N ALA C 364 -11.05 -20.21 -28.53
CA ALA C 364 -10.17 -21.38 -28.58
C ALA C 364 -9.73 -21.73 -30.00
N ASN C 365 -10.39 -21.15 -31.01
CA ASN C 365 -10.17 -21.48 -32.40
C ASN C 365 -9.58 -20.31 -33.19
N GLY C 366 -8.77 -19.47 -32.53
CA GLY C 366 -8.07 -18.40 -33.22
C GLY C 366 -8.96 -17.34 -33.86
N GLY C 367 -10.23 -17.25 -33.44
CA GLY C 367 -11.12 -16.21 -33.92
C GLY C 367 -12.14 -16.67 -34.94
N PHE C 368 -12.15 -17.96 -35.28
CA PHE C 368 -13.13 -18.52 -36.20
C PHE C 368 -14.20 -19.24 -35.41
N CYS C 369 -15.42 -18.92 -35.68
CA CYS C 369 -16.51 -19.59 -35.02
C CYS C 369 -16.57 -21.01 -35.54
N PRO C 370 -16.49 -22.03 -34.68
CA PRO C 370 -16.24 -23.39 -35.18
C PRO C 370 -17.44 -24.03 -35.86
N ILE C 371 -18.67 -23.59 -35.58
CA ILE C 371 -19.82 -24.22 -36.19
C ILE C 371 -20.29 -23.50 -37.45
N THR C 372 -19.60 -22.43 -37.85
CA THR C 372 -19.94 -21.74 -39.09
C THR C 372 -18.78 -21.54 -40.05
N GLY C 373 -17.52 -21.51 -39.60
CA GLY C 373 -16.40 -21.17 -40.45
C GLY C 373 -16.09 -19.69 -40.57
N GLU C 374 -16.79 -18.81 -39.84
CA GLU C 374 -16.65 -17.36 -39.95
C GLU C 374 -15.40 -16.85 -39.21
N ARG C 375 -14.68 -15.89 -39.80
CA ARG C 375 -13.66 -15.14 -39.06
C ARG C 375 -14.36 -14.04 -38.29
N VAL C 376 -14.35 -14.13 -36.96
CA VAL C 376 -15.10 -13.21 -36.12
C VAL C 376 -14.19 -12.23 -35.39
N LEU C 377 -13.00 -12.68 -34.98
CA LEU C 377 -12.03 -11.85 -34.30
C LEU C 377 -10.65 -12.06 -34.93
N SER C 378 -9.86 -10.99 -34.96
CA SER C 378 -8.49 -11.09 -35.42
C SER C 378 -7.66 -11.93 -34.45
N PRO C 379 -6.60 -12.58 -34.91
CA PRO C 379 -5.79 -13.41 -33.99
C PRO C 379 -5.13 -12.62 -32.88
N GLU C 380 -4.72 -11.39 -33.17
CA GLU C 380 -4.22 -10.48 -32.13
C GLU C 380 -5.30 -10.19 -31.09
N ALA C 381 -6.55 -10.06 -31.53
CA ALA C 381 -7.63 -9.86 -30.59
C ALA C 381 -7.80 -11.09 -29.70
N VAL C 382 -7.72 -12.28 -30.27
CA VAL C 382 -7.98 -13.49 -29.48
C VAL C 382 -6.81 -13.79 -28.55
N ARG C 383 -5.58 -13.59 -29.02
CA ARG C 383 -4.41 -13.86 -28.20
C ARG C 383 -4.40 -12.95 -26.96
N ASN C 384 -4.59 -11.65 -27.15
CA ASN C 384 -4.61 -10.74 -26.02
C ASN C 384 -5.69 -11.14 -25.01
N THR C 385 -6.92 -11.37 -25.48
CA THR C 385 -8.02 -11.70 -24.59
C THR C 385 -7.74 -12.96 -23.81
N LEU C 386 -7.15 -13.98 -24.47
CA LEU C 386 -6.75 -15.19 -23.75
C LEU C 386 -5.68 -14.88 -22.70
N SER C 387 -4.69 -14.05 -23.06
CA SER C 387 -3.63 -13.76 -22.11
C SER C 387 -4.18 -13.09 -20.85
N LEU C 388 -5.19 -12.21 -21.00
CA LEU C 388 -5.72 -11.49 -19.84
C LEU C 388 -6.81 -12.27 -19.11
N MET C 389 -7.47 -13.25 -19.73
CA MET C 389 -8.25 -14.13 -18.87
C MET C 389 -7.36 -15.08 -18.09
N HIS C 390 -6.18 -15.44 -18.64
CA HIS C 390 -5.28 -16.31 -17.90
C HIS C 390 -4.93 -15.72 -16.54
N SER C 391 -4.55 -14.44 -16.51
CA SER C 391 -3.99 -13.82 -15.32
C SER C 391 -4.99 -12.98 -14.52
N CYS C 392 -6.08 -12.51 -15.14
CA CYS C 392 -6.94 -11.52 -14.48
C CYS C 392 -8.42 -11.92 -14.52
N GLY C 393 -8.72 -13.21 -14.63
CA GLY C 393 -10.05 -13.58 -15.04
C GLY C 393 -11.00 -14.07 -13.97
N MET C 394 -10.48 -14.33 -12.79
CA MET C 394 -11.25 -14.98 -11.75
C MET C 394 -11.17 -14.18 -10.46
N TYR C 395 -11.21 -12.85 -10.61
CA TYR C 395 -11.13 -11.94 -9.47
C TYR C 395 -9.92 -12.29 -8.63
N ASP C 396 -10.05 -12.31 -7.31
CA ASP C 396 -8.86 -12.57 -6.49
C ASP C 396 -8.39 -14.02 -6.58
N PHE C 397 -9.15 -14.89 -7.25
CA PHE C 397 -8.74 -16.26 -7.40
C PHE C 397 -7.84 -16.51 -8.61
N SER C 398 -7.51 -15.47 -9.39
CA SER C 398 -6.83 -15.69 -10.67
C SER C 398 -5.47 -16.37 -10.52
N GLY C 399 -4.64 -15.93 -9.57
CA GLY C 399 -3.33 -16.54 -9.40
C GLY C 399 -3.41 -18.01 -9.08
N GLN C 400 -4.29 -18.37 -8.13
CA GLN C 400 -4.45 -19.78 -7.76
C GLN C 400 -5.00 -20.56 -8.92
N PHE C 401 -5.92 -19.93 -9.67
CA PHE C 401 -6.53 -20.56 -10.82
C PHE C 401 -5.52 -20.74 -11.96
N ALA C 402 -4.72 -19.72 -12.24
CA ALA C 402 -3.68 -19.87 -13.26
C ALA C 402 -2.70 -20.96 -12.87
N PHE C 403 -2.33 -21.02 -11.59
CA PHE C 403 -1.37 -21.99 -11.12
C PHE C 403 -1.93 -23.41 -11.20
N HIS C 404 -3.12 -23.65 -10.60
CA HIS C 404 -3.68 -25.00 -10.51
C HIS C 404 -4.45 -25.43 -11.74
N VAL C 405 -5.15 -24.52 -12.43
CA VAL C 405 -5.98 -24.91 -13.56
C VAL C 405 -5.31 -24.57 -14.88
N GLY C 406 -4.65 -23.41 -14.95
CA GLY C 406 -3.84 -23.09 -16.10
C GLY C 406 -4.62 -22.99 -17.38
N LEU C 407 -5.83 -22.45 -17.32
CA LEU C 407 -6.65 -22.25 -18.49
C LEU C 407 -7.18 -20.83 -18.49
N PRO C 408 -7.29 -20.23 -19.67
CA PRO C 408 -8.00 -18.94 -19.78
C PRO C 408 -9.46 -19.12 -19.39
N ALA C 409 -9.91 -18.33 -18.41
CA ALA C 409 -11.31 -18.43 -17.98
C ALA C 409 -11.79 -17.07 -17.50
N LYS C 410 -13.11 -16.89 -17.44
CA LYS C 410 -13.66 -15.62 -16.96
C LYS C 410 -14.96 -15.88 -16.21
N SER C 411 -15.02 -15.33 -15.01
CA SER C 411 -16.07 -15.51 -14.03
C SER C 411 -17.14 -14.42 -14.14
N GLY C 412 -18.36 -14.77 -13.75
CA GLY C 412 -19.42 -13.79 -13.63
C GLY C 412 -20.27 -14.03 -12.39
N VAL C 413 -20.90 -12.95 -11.91
CA VAL C 413 -21.68 -12.97 -10.67
C VAL C 413 -22.96 -13.79 -10.84
N ALA C 414 -23.41 -14.00 -12.08
CA ALA C 414 -24.53 -14.90 -12.32
C ALA C 414 -24.20 -16.37 -12.09
N GLY C 415 -22.92 -16.71 -11.91
CA GLY C 415 -22.50 -18.09 -11.77
C GLY C 415 -21.91 -18.72 -13.01
N GLY C 416 -21.60 -17.94 -14.04
CA GLY C 416 -20.96 -18.46 -15.24
C GLY C 416 -19.45 -18.41 -15.17
N ILE C 417 -18.80 -19.36 -15.84
CA ILE C 417 -17.34 -19.36 -16.04
C ILE C 417 -17.09 -19.70 -17.49
N LEU C 418 -16.80 -18.69 -18.30
CA LEU C 418 -16.45 -18.92 -19.70
C LEU C 418 -15.03 -19.47 -19.75
N LEU C 419 -14.85 -20.67 -20.29
CA LEU C 419 -13.59 -21.39 -20.19
C LEU C 419 -13.09 -21.79 -21.58
N VAL C 420 -11.80 -21.63 -21.81
CA VAL C 420 -11.23 -21.87 -23.13
C VAL C 420 -10.03 -22.79 -22.99
N VAL C 421 -10.06 -23.93 -23.66
CA VAL C 421 -8.85 -24.74 -23.80
C VAL C 421 -8.32 -24.43 -25.19
N PRO C 422 -7.26 -23.64 -25.29
CA PRO C 422 -6.74 -23.23 -26.60
C PRO C 422 -6.45 -24.42 -27.51
N ASN C 423 -6.96 -24.33 -28.74
CA ASN C 423 -6.81 -25.31 -29.81
C ASN C 423 -7.65 -26.56 -29.62
N VAL C 424 -8.50 -26.62 -28.59
CA VAL C 424 -9.26 -27.83 -28.32
C VAL C 424 -10.75 -27.54 -28.27
N MET C 425 -11.19 -26.72 -27.32
CA MET C 425 -12.62 -26.55 -27.11
C MET C 425 -12.88 -25.32 -26.27
N GLY C 426 -14.14 -24.85 -26.33
CA GLY C 426 -14.63 -23.83 -25.44
C GLY C 426 -15.74 -24.42 -24.58
N MET C 427 -15.93 -23.82 -23.41
CA MET C 427 -16.92 -24.32 -22.46
C MET C 427 -17.58 -23.14 -21.78
N MET C 428 -18.78 -23.37 -21.28
CA MET C 428 -19.41 -22.48 -20.30
C MET C 428 -19.98 -23.36 -19.21
N CYS C 429 -19.47 -23.20 -17.98
CA CYS C 429 -20.04 -23.85 -16.82
C CYS C 429 -20.94 -22.85 -16.09
N TRP C 430 -22.06 -23.32 -15.55
CA TRP C 430 -22.97 -22.37 -14.89
C TRP C 430 -23.65 -22.98 -13.69
N SER C 431 -23.41 -22.36 -12.52
CA SER C 431 -24.06 -22.65 -11.25
C SER C 431 -24.13 -21.37 -10.41
N PRO C 432 -25.33 -20.90 -10.07
CA PRO C 432 -25.49 -19.56 -9.43
C PRO C 432 -24.81 -19.39 -8.08
N PRO C 433 -24.75 -20.42 -7.20
CA PRO C 433 -24.14 -20.18 -5.89
C PRO C 433 -22.67 -19.82 -6.01
N LEU C 434 -22.34 -18.59 -5.59
CA LEU C 434 -20.96 -18.12 -5.66
C LEU C 434 -20.24 -18.42 -4.35
N ASP C 435 -18.92 -18.62 -4.45
CA ASP C 435 -18.08 -18.80 -3.28
C ASP C 435 -17.64 -17.43 -2.79
N LYS C 436 -16.81 -17.40 -1.72
CA LYS C 436 -16.43 -16.15 -1.08
C LYS C 436 -15.86 -15.10 -2.05
N MET C 437 -15.22 -15.54 -3.13
CA MET C 437 -14.55 -14.58 -4.00
C MET C 437 -15.37 -14.16 -5.22
N GLY C 438 -16.58 -14.68 -5.37
CA GLY C 438 -17.43 -14.32 -6.47
C GLY C 438 -17.50 -15.34 -7.58
N ASN C 439 -16.87 -16.50 -7.42
CA ASN C 439 -16.77 -17.53 -8.44
C ASN C 439 -17.73 -18.67 -8.15
N SER C 440 -18.29 -19.26 -9.22
CA SER C 440 -19.33 -20.25 -9.03
C SER C 440 -18.72 -21.50 -8.42
N VAL C 441 -19.31 -21.97 -7.30
CA VAL C 441 -18.68 -23.03 -6.54
C VAL C 441 -18.51 -24.26 -7.42
N LYS C 442 -19.62 -24.74 -8.02
CA LYS C 442 -19.55 -25.91 -8.88
C LYS C 442 -18.65 -25.66 -10.09
N GLY C 443 -18.72 -24.46 -10.67
CA GLY C 443 -17.85 -24.18 -11.80
C GLY C 443 -16.38 -24.37 -11.47
N ILE C 444 -15.93 -23.78 -10.35
CA ILE C 444 -14.53 -23.86 -9.98
C ILE C 444 -14.12 -25.30 -9.68
N HIS C 445 -15.00 -26.06 -9.02
CA HIS C 445 -14.70 -27.46 -8.71
C HIS C 445 -14.55 -28.30 -10.00
N PHE C 446 -15.43 -28.07 -10.97
CA PHE C 446 -15.33 -28.73 -12.27
C PHE C 446 -14.00 -28.40 -12.96
N CYS C 447 -13.53 -27.16 -12.84
CA CYS C 447 -12.37 -26.77 -13.63
C CYS C 447 -11.10 -27.40 -13.08
N HIS C 448 -11.00 -27.52 -11.77
CA HIS C 448 -9.92 -28.30 -11.15
C HIS C 448 -10.00 -29.76 -11.58
N ASP C 449 -11.19 -30.36 -11.47
CA ASP C 449 -11.36 -31.74 -11.87
C ASP C 449 -10.89 -31.96 -13.30
N LEU C 450 -11.29 -31.07 -14.21
CA LEU C 450 -11.00 -31.25 -15.62
C LEU C 450 -9.50 -31.35 -15.87
N VAL C 451 -8.73 -30.44 -15.27
CA VAL C 451 -7.28 -30.43 -15.50
C VAL C 451 -6.56 -31.54 -14.72
N SER C 452 -7.15 -32.02 -13.62
CA SER C 452 -6.55 -33.18 -12.98
C SER C 452 -6.78 -34.44 -13.79
N LEU C 453 -7.82 -34.44 -14.63
CA LEU C 453 -8.13 -35.60 -15.46
C LEU C 453 -7.41 -35.57 -16.81
N CYS C 454 -7.35 -34.41 -17.46
CA CYS C 454 -6.80 -34.29 -18.81
C CYS C 454 -5.63 -33.34 -18.82
N ASN C 455 -4.73 -33.53 -19.78
CA ASN C 455 -3.56 -32.67 -19.87
C ASN C 455 -3.88 -31.38 -20.62
N PHE C 456 -4.95 -30.68 -20.21
CA PHE C 456 -5.30 -29.40 -20.82
C PHE C 456 -4.62 -28.21 -20.15
N HIS C 457 -3.96 -28.44 -19.01
CA HIS C 457 -3.27 -27.37 -18.32
C HIS C 457 -2.29 -26.72 -19.27
N ASN C 458 -2.28 -25.40 -19.26
CA ASN C 458 -1.38 -24.61 -20.08
C ASN C 458 0.06 -25.12 -20.12
N TYR C 459 0.56 -25.67 -19.01
CA TYR C 459 1.93 -26.16 -18.95
C TYR C 459 2.00 -27.63 -18.58
N ASP C 460 0.92 -28.38 -18.84
CA ASP C 460 1.09 -29.81 -19.00
C ASP C 460 1.96 -30.05 -20.24
N ASN C 461 2.49 -31.25 -20.37
CA ASN C 461 3.26 -31.62 -21.55
C ASN C 461 2.43 -32.54 -22.43
N LEU C 462 2.49 -32.35 -23.75
CA LEU C 462 1.68 -33.16 -24.67
C LEU C 462 2.27 -34.53 -24.94
N ARG C 463 3.53 -34.77 -24.57
CA ARG C 463 4.19 -36.05 -24.82
C ARG C 463 4.37 -36.87 -23.55
N HIS C 464 4.80 -36.25 -22.47
CA HIS C 464 4.98 -36.91 -21.18
C HIS C 464 4.04 -36.22 -20.19
N PHE C 465 2.92 -36.87 -19.86
CA PHE C 465 1.91 -36.26 -19.01
C PHE C 465 1.43 -37.25 -17.96
N ALA C 466 2.33 -38.12 -17.50
CA ALA C 466 2.13 -38.95 -16.31
C ALA C 466 0.85 -39.76 -16.52
N LYS C 467 -0.02 -39.86 -15.52
CA LYS C 467 -1.21 -40.67 -15.59
C LYS C 467 -2.43 -39.91 -16.12
N LYS C 468 -2.25 -38.68 -16.61
CA LYS C 468 -3.40 -37.96 -17.09
C LYS C 468 -3.86 -38.51 -18.46
N LEU C 469 -5.08 -38.14 -18.84
CA LEU C 469 -5.69 -38.52 -20.11
C LEU C 469 -5.51 -37.42 -21.14
N ASP C 470 -5.32 -37.80 -22.41
CA ASP C 470 -5.24 -36.83 -23.51
C ASP C 470 -6.31 -37.13 -24.54
N PRO C 471 -7.41 -36.37 -24.56
CA PRO C 471 -8.49 -36.66 -25.52
C PRO C 471 -8.15 -36.33 -26.98
N ARG C 472 -6.99 -35.73 -27.24
CA ARG C 472 -6.57 -35.50 -28.62
C ARG C 472 -6.00 -36.74 -29.30
N ARG C 473 -5.67 -37.78 -28.53
CA ARG C 473 -5.06 -39.01 -29.02
C ARG C 473 -6.06 -40.15 -29.01
N GLU C 474 -5.72 -41.25 -29.68
CA GLU C 474 -6.64 -42.37 -29.73
C GLU C 474 -6.32 -43.40 -28.65
N GLY C 475 -5.36 -44.28 -28.89
CA GLY C 475 -5.05 -45.35 -27.95
C GLY C 475 -3.86 -46.20 -28.34
N PRO D 66 -13.35 54.33 47.49
CA PRO D 66 -12.70 54.08 46.20
C PRO D 66 -13.71 54.02 45.06
N SER D 67 -13.26 54.06 43.80
CA SER D 67 -14.17 53.85 42.68
C SER D 67 -13.39 53.60 41.40
N LEU D 68 -13.85 52.60 40.63
CA LEU D 68 -13.07 52.09 39.51
C LEU D 68 -13.12 53.05 38.32
N GLU D 69 -14.27 53.71 38.13
CA GLU D 69 -14.36 54.70 37.07
C GLU D 69 -13.46 55.89 37.38
N ASP D 70 -13.24 56.18 38.67
CA ASP D 70 -12.41 57.33 39.06
C ASP D 70 -10.94 56.99 38.94
N LEU D 71 -10.54 55.81 39.43
CA LEU D 71 -9.20 55.29 39.20
C LEU D 71 -8.81 55.37 37.73
N LEU D 72 -9.64 54.79 36.85
CA LEU D 72 -9.35 54.83 35.42
C LEU D 72 -9.20 56.26 34.92
N PHE D 73 -10.04 57.18 35.40
CA PHE D 73 -9.97 58.57 34.96
C PHE D 73 -8.63 59.19 35.33
N TYR D 74 -8.15 58.95 36.56
CA TYR D 74 -6.91 59.58 36.99
C TYR D 74 -5.69 59.03 36.26
N THR D 75 -5.67 57.72 35.94
CA THR D 75 -4.53 57.21 35.19
C THR D 75 -4.54 57.65 33.74
N ILE D 76 -5.69 58.02 33.18
CA ILE D 76 -5.70 58.57 31.83
C ILE D 76 -5.60 60.09 31.85
N ALA D 77 -6.14 60.76 32.88
CA ALA D 77 -6.15 62.21 32.84
C ALA D 77 -4.75 62.77 33.05
N GLU D 78 -3.91 62.03 33.77
CA GLU D 78 -2.46 62.24 33.83
C GLU D 78 -2.08 63.42 34.72
N GLY D 79 -2.78 63.56 35.84
CA GLY D 79 -2.71 64.78 36.63
C GLY D 79 -3.54 65.92 36.12
N GLN D 80 -3.80 65.98 34.81
CA GLN D 80 -4.76 66.95 34.34
C GLN D 80 -6.15 66.55 34.81
N GLU D 81 -7.11 67.45 34.56
CA GLU D 81 -8.38 67.40 35.26
C GLU D 81 -9.55 67.44 34.24
N LYS D 82 -9.21 67.48 32.94
CA LYS D 82 -10.12 67.24 31.82
C LYS D 82 -9.43 66.35 30.78
N ILE D 83 -10.13 65.33 30.29
CA ILE D 83 -9.62 64.47 29.24
C ILE D 83 -10.33 64.80 27.93
N PRO D 84 -9.61 65.20 26.89
CA PRO D 84 -10.23 65.30 25.56
C PRO D 84 -10.73 63.95 25.07
N VAL D 85 -11.76 63.97 24.24
CA VAL D 85 -12.34 62.71 23.80
C VAL D 85 -11.40 62.00 22.83
N HIS D 86 -10.67 62.74 22.01
CA HIS D 86 -9.70 62.12 21.11
C HIS D 86 -8.55 61.47 21.87
N LYS D 87 -8.25 61.97 23.07
CA LYS D 87 -7.14 61.39 23.82
C LYS D 87 -7.54 60.08 24.48
N PHE D 88 -8.80 59.96 24.89
CA PHE D 88 -9.29 58.68 25.40
C PHE D 88 -9.41 57.66 24.28
N ILE D 89 -9.84 58.08 23.08
CA ILE D 89 -10.00 57.18 21.95
C ILE D 89 -8.65 56.71 21.46
N THR D 90 -7.63 57.58 21.52
CA THR D 90 -6.29 57.18 21.13
C THR D 90 -5.71 56.22 22.15
N ALA D 91 -5.86 56.54 23.43
CA ALA D 91 -5.44 55.61 24.47
C ALA D 91 -6.14 54.26 24.32
N LEU D 92 -7.42 54.28 23.93
CA LEU D 92 -8.17 53.04 23.75
C LEU D 92 -7.59 52.22 22.60
N LYS D 93 -7.34 52.85 21.45
CA LYS D 93 -6.83 52.10 20.31
C LYS D 93 -5.45 51.52 20.62
N SER D 94 -4.65 52.25 21.41
CA SER D 94 -3.34 51.77 21.85
C SER D 94 -3.43 50.41 22.55
N THR D 95 -4.50 50.16 23.31
CA THR D 95 -4.70 48.84 23.90
C THR D 95 -4.84 47.75 22.84
N GLY D 96 -5.24 48.11 21.62
CA GLY D 96 -5.52 47.15 20.59
C GLY D 96 -7.00 46.90 20.36
N LEU D 97 -7.87 47.38 21.24
CA LEU D 97 -9.29 47.27 20.98
C LEU D 97 -9.70 48.27 19.90
N ARG D 98 -10.76 47.95 19.19
CA ARG D 98 -11.32 48.84 18.17
C ARG D 98 -12.55 49.54 18.72
N THR D 99 -12.75 50.79 18.31
CA THR D 99 -13.90 51.55 18.80
C THR D 99 -15.22 50.85 18.47
N SER D 100 -15.25 50.01 17.44
CA SER D 100 -16.49 49.32 17.07
C SER D 100 -16.61 47.96 17.73
N ASP D 101 -15.78 47.67 18.73
CA ASP D 101 -15.88 46.46 19.54
C ASP D 101 -17.27 46.37 20.12
N PRO D 102 -18.02 45.29 19.85
CA PRO D 102 -19.41 45.20 20.35
C PRO D 102 -19.54 45.32 21.86
N ARG D 103 -18.53 44.90 22.63
CA ARG D 103 -18.54 45.00 24.08
C ARG D 103 -18.41 46.43 24.60
N LEU D 104 -18.08 47.37 23.71
CA LEU D 104 -17.89 48.78 24.04
C LEU D 104 -19.04 49.64 23.55
N LYS D 105 -20.11 49.01 23.06
CA LYS D 105 -21.12 49.76 22.33
C LYS D 105 -21.87 50.72 23.25
N GLU D 106 -22.05 50.36 24.53
CA GLU D 106 -22.75 51.29 25.43
C GLU D 106 -21.91 52.51 25.68
N CYS D 107 -20.58 52.31 25.78
CA CYS D 107 -19.67 53.43 26.03
C CYS D 107 -19.52 54.29 24.80
N MET D 108 -19.46 53.66 23.62
CA MET D 108 -19.39 54.44 22.40
C MET D 108 -20.71 55.14 22.13
N ASP D 109 -21.83 54.47 22.39
CA ASP D 109 -23.12 55.11 22.20
C ASP D 109 -23.22 56.38 23.04
N MET D 110 -22.70 56.33 24.27
CA MET D 110 -22.76 57.44 25.21
C MET D 110 -21.78 58.54 24.85
N LEU D 111 -20.66 58.19 24.21
CA LEU D 111 -19.79 59.21 23.66
C LEU D 111 -20.44 59.90 22.47
N ARG D 112 -21.14 59.14 21.61
CA ARG D 112 -21.86 59.79 20.53
C ARG D 112 -22.94 60.73 21.07
N LEU D 113 -23.55 60.37 22.20
CA LEU D 113 -24.62 61.21 22.71
C LEU D 113 -24.07 62.41 23.48
N THR D 114 -22.91 62.25 24.13
CA THR D 114 -22.26 63.41 24.74
C THR D 114 -21.75 64.36 23.67
N LEU D 115 -21.38 63.84 22.50
CA LEU D 115 -20.92 64.63 21.37
C LEU D 115 -22.04 65.33 20.61
N GLN D 116 -23.29 65.20 21.04
CA GLN D 116 -24.42 65.97 20.53
C GLN D 116 -24.63 67.24 21.33
N THR D 117 -24.32 67.22 22.63
CA THR D 117 -24.49 68.38 23.49
C THR D 117 -23.72 69.59 22.98
N THR D 118 -22.51 69.34 22.49
CA THR D 118 -21.57 70.39 22.16
C THR D 118 -20.68 70.03 20.96
N SER D 119 -20.52 70.97 20.04
CA SER D 119 -19.24 71.12 19.35
C SER D 119 -18.20 71.85 20.19
N ASP D 120 -18.63 72.67 21.15
CA ASP D 120 -17.77 73.47 22.02
C ASP D 120 -17.27 72.68 23.24
N GLY D 121 -15.96 72.65 23.46
CA GLY D 121 -15.41 71.96 24.61
C GLY D 121 -14.87 70.57 24.34
N VAL D 122 -15.76 69.60 24.12
CA VAL D 122 -15.43 68.23 23.68
C VAL D 122 -14.56 67.49 24.70
N MET D 123 -14.51 67.99 25.95
CA MET D 123 -13.65 67.42 27.00
C MET D 123 -14.50 66.83 28.12
N LEU D 124 -13.96 65.84 28.84
CA LEU D 124 -14.69 65.05 29.83
C LEU D 124 -14.08 65.20 31.23
N ASP D 125 -14.90 65.64 32.19
CA ASP D 125 -14.51 65.66 33.59
C ASP D 125 -14.81 64.28 34.19
N LYS D 126 -14.61 64.09 35.49
CA LYS D 126 -14.77 62.74 35.99
C LYS D 126 -16.19 62.21 35.88
N ASP D 127 -17.21 63.09 35.95
CA ASP D 127 -18.52 62.49 35.98
C ASP D 127 -19.09 62.37 34.57
N LEU D 128 -18.54 63.11 33.61
CA LEU D 128 -18.93 62.84 32.24
C LEU D 128 -18.16 61.66 31.67
N PHE D 129 -16.90 61.51 32.08
CA PHE D 129 -16.15 60.29 31.78
C PHE D 129 -16.79 59.09 32.46
N LYS D 130 -17.16 59.25 33.73
CA LYS D 130 -17.83 58.15 34.44
C LYS D 130 -19.14 57.81 33.76
N LYS D 131 -19.85 58.83 33.28
CA LYS D 131 -21.14 58.63 32.65
C LYS D 131 -21.03 57.74 31.42
N CYS D 132 -19.89 57.78 30.72
CA CYS D 132 -19.75 57.03 29.49
C CYS D 132 -19.16 55.64 29.71
N VAL D 133 -18.08 55.55 30.50
CA VAL D 133 -17.37 54.29 30.66
C VAL D 133 -17.94 53.42 31.75
N GLN D 134 -18.83 53.94 32.60
CA GLN D 134 -19.50 53.14 33.62
C GLN D 134 -19.85 51.75 33.10
N SER D 135 -20.57 51.70 31.99
CA SER D 135 -21.19 50.46 31.55
C SER D 135 -20.13 49.42 31.18
N ASN D 136 -18.98 49.85 30.67
CA ASN D 136 -17.92 48.95 30.23
C ASN D 136 -16.66 49.04 31.09
N ILE D 137 -16.79 49.39 32.37
CA ILE D 137 -15.60 49.68 33.19
C ILE D 137 -14.75 48.44 33.41
N VAL D 138 -15.37 47.25 33.50
CA VAL D 138 -14.56 46.06 33.72
C VAL D 138 -13.61 45.86 32.54
N LEU D 139 -14.15 45.87 31.33
CA LEU D 139 -13.34 45.64 30.14
C LEU D 139 -12.35 46.77 29.90
N LEU D 140 -12.74 48.02 30.17
CA LEU D 140 -11.82 49.11 29.90
C LEU D 140 -10.61 49.10 30.84
N THR D 141 -10.80 48.71 32.10
CA THR D 141 -9.68 48.78 33.04
C THR D 141 -8.65 47.69 32.74
N GLN D 142 -9.09 46.49 32.39
CA GLN D 142 -8.10 45.47 32.09
C GLN D 142 -7.32 45.80 30.83
N ALA D 143 -7.91 46.58 29.92
CA ALA D 143 -7.21 47.07 28.75
C ALA D 143 -6.16 48.10 29.13
N PHE D 144 -6.51 49.04 30.02
CA PHE D 144 -5.61 50.12 30.40
C PHE D 144 -4.65 49.73 31.51
N ARG D 145 -4.96 48.70 32.30
CA ARG D 145 -4.01 48.13 33.25
C ARG D 145 -3.22 46.96 32.67
N ARG D 146 -3.09 46.92 31.33
CA ARG D 146 -2.22 45.97 30.65
C ARG D 146 -2.44 44.53 31.11
N LYS D 147 -3.71 44.15 31.22
CA LYS D 147 -4.05 42.81 31.66
C LYS D 147 -4.49 41.91 30.50
N PHE D 148 -4.41 42.40 29.27
CA PHE D 148 -4.74 41.57 28.13
C PHE D 148 -3.60 40.61 27.84
N VAL D 149 -3.92 39.58 27.06
CA VAL D 149 -3.00 38.47 26.82
C VAL D 149 -1.69 38.95 26.24
N ILE D 150 -1.74 40.02 25.46
CA ILE D 150 -0.55 40.68 24.92
C ILE D 150 -0.49 42.07 25.54
N PRO D 151 0.29 42.26 26.62
CA PRO D 151 0.28 43.56 27.31
C PRO D 151 0.74 44.69 26.42
N ASP D 152 1.93 44.56 25.82
CA ASP D 152 2.45 45.56 24.88
C ASP D 152 2.02 45.15 23.48
N PHE D 153 0.74 45.39 23.19
CA PHE D 153 0.20 45.03 21.89
C PHE D 153 0.77 45.90 20.78
N MET D 154 1.13 47.15 21.07
CA MET D 154 1.66 48.00 20.02
C MET D 154 3.02 47.50 19.54
N SER D 155 3.84 47.00 20.47
CA SER D 155 5.08 46.34 20.08
C SER D 155 4.79 45.13 19.20
N PHE D 156 3.84 44.30 19.62
CA PHE D 156 3.58 43.05 18.92
C PHE D 156 3.18 43.30 17.47
N THR D 157 2.32 44.31 17.24
CA THR D 157 1.88 44.56 15.87
C THR D 157 3.02 45.04 14.98
N SER D 158 4.00 45.78 15.51
CA SER D 158 5.12 46.10 14.65
C SER D 158 5.92 44.84 14.29
N HIS D 159 5.95 43.82 15.19
CA HIS D 159 6.53 42.53 14.81
C HIS D 159 5.67 41.81 13.78
N ILE D 160 4.33 41.91 13.91
CA ILE D 160 3.46 41.37 12.86
C ILE D 160 3.75 42.04 11.52
N ASP D 161 3.96 43.37 11.54
CA ASP D 161 4.22 44.11 10.31
C ASP D 161 5.52 43.66 9.64
N GLU D 162 6.59 43.47 10.41
CA GLU D 162 7.82 43.02 9.78
C GLU D 162 7.65 41.63 9.17
N LEU D 163 7.00 40.73 9.90
CA LEU D 163 6.76 39.39 9.36
C LEU D 163 5.97 39.46 8.06
N TYR D 164 4.93 40.29 8.02
CA TYR D 164 4.14 40.46 6.80
C TYR D 164 5.00 40.97 5.66
N GLU D 165 5.85 41.98 5.92
CA GLU D 165 6.72 42.50 4.87
C GLU D 165 7.76 41.47 4.41
N SER D 166 8.13 40.56 5.29
CA SER D 166 9.13 39.58 4.93
C SER D 166 8.56 38.48 4.05
N ALA D 167 7.29 38.07 4.28
CA ALA D 167 6.67 37.12 3.36
C ALA D 167 6.26 37.78 2.06
N LYS D 168 6.02 39.09 2.10
CA LYS D 168 5.53 39.78 0.92
C LYS D 168 6.54 39.67 -0.21
N LYS D 169 7.79 39.33 0.10
CA LYS D 169 8.84 39.16 -0.88
C LYS D 169 8.91 37.75 -1.44
N GLN D 170 8.13 36.78 -0.91
CA GLN D 170 8.08 35.42 -1.46
C GLN D 170 7.00 35.35 -2.54
N SER D 171 7.35 35.81 -3.75
CA SER D 171 6.36 35.95 -4.81
C SER D 171 6.20 34.69 -5.64
N GLY D 172 6.70 33.56 -5.15
CA GLY D 172 6.52 32.29 -5.83
C GLY D 172 5.10 31.76 -5.69
N GLY D 173 4.86 30.61 -6.32
CA GLY D 173 3.60 29.89 -6.24
C GLY D 173 2.70 30.16 -7.43
N LYS D 174 1.67 29.30 -7.60
CA LYS D 174 0.73 29.34 -8.72
C LYS D 174 -0.65 29.58 -8.13
N VAL D 175 -1.36 30.55 -8.68
CA VAL D 175 -2.75 30.73 -8.28
C VAL D 175 -3.59 29.60 -8.84
N ALA D 176 -4.51 29.11 -8.03
CA ALA D 176 -5.41 28.05 -8.47
C ALA D 176 -6.27 28.57 -9.63
N ASP D 177 -6.34 27.77 -10.71
CA ASP D 177 -7.10 28.12 -11.91
C ASP D 177 -8.21 27.13 -12.26
N TYR D 178 -8.37 26.05 -11.52
CA TYR D 178 -9.27 24.97 -11.93
C TYR D 178 -10.73 25.40 -11.99
N ILE D 179 -11.08 26.53 -11.38
CA ILE D 179 -12.35 27.18 -11.67
C ILE D 179 -11.99 28.63 -11.96
N PRO D 180 -12.73 29.31 -12.86
CA PRO D 180 -12.33 30.68 -13.23
C PRO D 180 -12.43 31.69 -12.09
N GLN D 181 -13.05 31.33 -10.96
CA GLN D 181 -13.21 32.27 -9.85
C GLN D 181 -12.00 32.30 -8.92
N LEU D 182 -11.32 31.17 -8.74
CA LEU D 182 -10.05 31.26 -8.03
C LEU D 182 -9.00 31.85 -8.94
N ALA D 183 -9.22 31.71 -10.25
CA ALA D 183 -8.32 32.27 -11.24
C ALA D 183 -8.48 33.79 -11.36
N LYS D 184 -9.62 34.42 -10.96
CA LYS D 184 -9.61 35.88 -11.13
C LYS D 184 -8.58 36.55 -10.22
N PHE D 185 -8.13 35.86 -9.18
CA PHE D 185 -7.50 36.57 -8.08
C PHE D 185 -6.04 36.89 -8.38
N SER D 186 -5.67 38.14 -8.09
CA SER D 186 -4.33 38.59 -8.39
C SER D 186 -3.34 37.85 -7.50
N PRO D 187 -2.15 37.55 -8.00
CA PRO D 187 -1.17 36.82 -7.18
C PRO D 187 -0.47 37.66 -6.13
N ASP D 188 -0.55 38.99 -6.19
CA ASP D 188 0.07 39.84 -5.19
C ASP D 188 -0.82 40.21 -4.01
N LEU D 189 -2.03 39.69 -3.93
CA LEU D 189 -2.89 40.00 -2.79
C LEU D 189 -2.33 39.28 -1.57
N TRP D 190 -2.28 39.99 -0.45
CA TRP D 190 -1.62 39.43 0.71
C TRP D 190 -2.12 40.18 1.93
N GLY D 191 -2.75 39.46 2.85
CA GLY D 191 -3.30 40.07 4.04
C GLY D 191 -3.12 39.17 5.24
N VAL D 192 -2.92 39.81 6.38
CA VAL D 192 -2.81 39.14 7.66
C VAL D 192 -3.65 39.91 8.65
N SER D 193 -4.50 39.19 9.39
CA SER D 193 -5.36 39.77 10.40
C SER D 193 -5.21 38.97 11.69
N VAL D 194 -5.03 39.69 12.80
CA VAL D 194 -4.87 39.09 14.13
C VAL D 194 -6.11 39.44 14.94
N CYS D 195 -6.54 38.51 15.78
CA CYS D 195 -7.47 38.81 16.87
C CYS D 195 -7.10 37.95 18.06
N THR D 196 -6.88 38.58 19.22
CA THR D 196 -6.45 37.85 20.41
C THR D 196 -7.66 37.32 21.17
N ALA D 197 -7.40 36.43 22.13
CA ALA D 197 -8.48 35.95 22.99
C ALA D 197 -9.18 37.09 23.74
N ASP D 198 -8.63 38.31 23.73
CA ASP D 198 -9.23 39.46 24.39
C ASP D 198 -9.79 40.50 23.43
N GLY D 199 -9.76 40.25 22.13
CA GLY D 199 -10.36 41.20 21.22
C GLY D 199 -9.46 42.29 20.73
N GLN D 200 -8.15 42.18 20.97
CA GLN D 200 -7.21 43.10 20.37
C GLN D 200 -7.03 42.76 18.90
N ARG D 201 -7.09 43.77 18.04
CA ARG D 201 -7.17 43.57 16.61
C ARG D 201 -6.04 44.28 15.89
N HIS D 202 -5.55 43.64 14.82
CA HIS D 202 -4.58 44.29 13.96
C HIS D 202 -4.61 43.64 12.57
N SER D 203 -4.56 44.47 11.54
CA SER D 203 -4.51 43.98 10.18
C SER D 203 -3.36 44.65 9.45
N THR D 204 -2.91 43.98 8.40
CA THR D 204 -1.86 44.52 7.57
C THR D 204 -2.03 43.82 6.22
N GLY D 205 -1.98 44.60 5.14
CA GLY D 205 -2.31 44.09 3.82
C GLY D 205 -3.78 44.10 3.45
N ASP D 206 -4.17 43.19 2.54
CA ASP D 206 -5.52 43.15 1.96
C ASP D 206 -6.45 42.34 2.86
N THR D 207 -6.88 42.97 3.94
CA THR D 207 -7.61 42.26 4.96
C THR D 207 -9.11 42.52 4.92
N LYS D 208 -9.58 43.39 4.03
CA LYS D 208 -11.01 43.68 3.91
C LYS D 208 -11.57 43.28 2.56
N VAL D 209 -10.89 42.44 1.80
CA VAL D 209 -11.40 41.95 0.52
C VAL D 209 -11.86 40.50 0.70
N PRO D 210 -13.09 40.17 0.32
CA PRO D 210 -13.59 38.81 0.55
C PRO D 210 -13.01 37.78 -0.39
N PHE D 211 -12.93 36.55 0.11
CA PHE D 211 -12.49 35.40 -0.63
C PHE D 211 -13.14 34.18 0.01
N CYS D 212 -13.15 33.08 -0.73
CA CYS D 212 -13.89 31.93 -0.26
C CYS D 212 -13.07 31.12 0.72
N LEU D 213 -13.79 30.49 1.64
CA LEU D 213 -13.10 29.72 2.67
C LEU D 213 -12.49 28.48 2.07
N GLN D 214 -13.23 27.82 1.17
CA GLN D 214 -12.89 26.51 0.59
C GLN D 214 -12.63 25.57 1.77
N SER D 215 -11.53 24.82 1.78
CA SER D 215 -11.35 23.85 2.85
C SER D 215 -11.07 24.47 4.20
N CYS D 216 -10.93 25.79 4.30
CA CYS D 216 -10.89 26.40 5.62
C CYS D 216 -12.25 26.28 6.31
N VAL D 217 -13.30 25.94 5.56
CA VAL D 217 -14.59 25.73 6.18
C VAL D 217 -14.68 24.36 6.81
N LYS D 218 -13.73 23.47 6.50
CA LYS D 218 -13.81 22.11 7.02
C LYS D 218 -13.74 22.05 8.54
N PRO D 219 -12.79 22.71 9.22
CA PRO D 219 -12.80 22.66 10.69
C PRO D 219 -14.02 23.34 11.30
N LEU D 220 -14.59 24.33 10.61
CA LEU D 220 -15.72 25.05 11.18
C LEU D 220 -16.96 24.17 11.21
N LYS D 221 -17.27 23.50 10.10
CA LYS D 221 -18.46 22.65 10.10
C LYS D 221 -18.25 21.41 10.97
N TYR D 222 -17.01 20.94 11.09
CA TYR D 222 -16.73 19.89 12.06
C TYR D 222 -17.04 20.36 13.46
N ALA D 223 -16.61 21.59 13.81
CA ALA D 223 -16.90 22.09 15.15
C ALA D 223 -18.39 22.17 15.38
N ILE D 224 -19.15 22.65 14.38
CA ILE D 224 -20.61 22.72 14.48
C ILE D 224 -21.21 21.34 14.70
N ALA D 225 -20.71 20.34 13.97
CA ALA D 225 -21.28 18.99 14.07
C ALA D 225 -21.06 18.42 15.45
N VAL D 226 -19.85 18.59 16.00
CA VAL D 226 -19.55 18.05 17.32
C VAL D 226 -20.29 18.85 18.38
N ASN D 227 -20.41 20.15 18.18
CA ASN D 227 -21.17 20.97 19.11
C ASN D 227 -22.62 20.52 19.20
N ASP D 228 -23.21 20.07 18.10
CA ASP D 228 -24.63 19.74 18.12
C ASP D 228 -24.90 18.28 18.46
N LEU D 229 -23.99 17.37 18.10
CA LEU D 229 -24.25 15.95 18.17
C LEU D 229 -23.26 15.19 19.05
N GLY D 230 -22.13 15.76 19.40
CA GLY D 230 -21.23 15.09 20.31
C GLY D 230 -20.13 14.35 19.59
N THR D 231 -19.00 14.20 20.28
CA THR D 231 -17.82 13.52 19.71
C THR D 231 -18.15 12.08 19.29
N GLU D 232 -18.92 11.35 20.11
CA GLU D 232 -19.15 9.93 19.86
C GLU D 232 -20.00 9.73 18.60
N TYR D 233 -21.05 10.53 18.43
CA TYR D 233 -21.86 10.44 17.21
C TYR D 233 -21.07 10.85 15.97
N VAL D 234 -20.37 11.98 16.03
CA VAL D 234 -19.67 12.45 14.83
C VAL D 234 -18.63 11.42 14.36
N HIS D 235 -17.90 10.83 15.30
CA HIS D 235 -16.82 9.91 14.95
C HIS D 235 -17.26 8.47 14.77
N ARG D 236 -18.56 8.19 14.80
CA ARG D 236 -19.07 6.98 14.17
C ARG D 236 -18.88 6.99 12.67
N TYR D 237 -18.85 8.17 12.06
CA TYR D 237 -18.84 8.33 10.62
C TYR D 237 -17.53 8.84 10.07
N VAL D 238 -16.64 9.33 10.92
CA VAL D 238 -15.37 9.93 10.50
C VAL D 238 -14.29 9.51 11.48
N GLY D 239 -13.10 9.22 10.96
CA GLY D 239 -11.95 8.89 11.80
C GLY D 239 -11.45 10.12 12.52
N LYS D 240 -10.33 9.94 13.24
CA LYS D 240 -9.77 11.06 13.98
C LYS D 240 -8.23 11.04 13.95
N GLU D 241 -7.64 10.54 12.87
CA GLU D 241 -6.21 10.40 12.72
C GLU D 241 -5.79 10.91 11.36
N PRO D 242 -4.51 11.26 11.17
CA PRO D 242 -4.01 11.49 9.82
C PRO D 242 -3.87 10.18 9.07
N SER D 243 -4.05 10.26 7.75
CA SER D 243 -4.10 9.03 6.94
C SER D 243 -2.70 8.42 6.78
N GLY D 244 -1.66 9.25 6.78
CA GLY D 244 -0.33 8.79 6.49
C GLY D 244 0.08 9.17 5.09
N LEU D 245 1.31 9.66 4.89
CA LEU D 245 1.74 10.25 3.62
C LEU D 245 1.87 9.15 2.59
N ARG D 246 0.81 8.38 2.48
CA ARG D 246 0.70 7.20 1.66
C ARG D 246 -0.69 6.98 1.10
N PHE D 247 -1.70 7.54 1.75
CA PHE D 247 -3.10 7.32 1.44
C PHE D 247 -3.89 8.63 1.32
N ASN D 248 -3.23 9.66 0.78
CA ASN D 248 -3.95 10.83 0.28
C ASN D 248 -4.94 10.42 -0.80
N LYS D 249 -4.65 9.32 -1.48
CA LYS D 249 -5.46 8.77 -2.55
C LYS D 249 -6.55 7.82 -2.06
N LEU D 250 -6.37 7.15 -0.92
CA LEU D 250 -7.44 6.30 -0.37
C LEU D 250 -8.53 7.14 0.29
N PHE D 251 -9.76 6.70 0.12
CA PHE D 251 -10.87 7.44 0.71
C PHE D 251 -11.20 6.98 2.12
N LEU D 252 -10.94 5.71 2.43
CA LEU D 252 -11.44 5.08 3.65
C LEU D 252 -10.32 4.44 4.42
N ASN D 253 -10.52 4.32 5.72
CA ASN D 253 -9.67 3.55 6.60
C ASN D 253 -10.25 2.16 6.80
N GLU D 254 -9.69 1.48 7.77
CA GLU D 254 -9.90 0.07 8.06
C GLU D 254 -11.25 -0.19 8.70
N ASP D 255 -11.87 0.84 9.29
CA ASP D 255 -13.24 0.71 9.73
C ASP D 255 -14.19 1.36 8.74
N ASP D 256 -13.71 1.57 7.52
CA ASP D 256 -14.51 2.08 6.41
C ASP D 256 -15.18 3.42 6.75
N LYS D 257 -14.45 4.27 7.46
CA LYS D 257 -14.71 5.67 7.72
C LYS D 257 -13.62 6.50 7.05
N PRO D 258 -13.94 7.70 6.57
CA PRO D 258 -12.86 8.60 6.13
C PRO D 258 -11.95 8.93 7.30
N HIS D 259 -10.70 9.26 6.97
CA HIS D 259 -9.66 9.26 7.99
C HIS D 259 -9.91 10.33 9.04
N ASN D 260 -10.36 11.50 8.61
CA ASN D 260 -10.55 12.61 9.53
C ASN D 260 -11.45 13.64 8.86
N PRO D 261 -12.01 14.59 9.63
CA PRO D 261 -12.89 15.60 9.03
C PRO D 261 -12.19 16.57 8.07
N MET D 262 -10.85 16.59 8.02
CA MET D 262 -10.14 17.58 7.22
C MET D 262 -9.89 17.13 5.79
N VAL D 263 -10.11 15.86 5.45
CA VAL D 263 -9.98 15.45 4.06
C VAL D 263 -11.35 15.50 3.40
N ASN D 264 -11.35 15.53 2.05
CA ASN D 264 -12.59 15.70 1.31
C ASN D 264 -13.60 14.61 1.63
N ALA D 265 -13.16 13.34 1.70
CA ALA D 265 -14.11 12.30 2.07
C ALA D 265 -14.64 12.56 3.48
N GLY D 266 -13.76 12.94 4.41
CA GLY D 266 -14.21 13.23 5.76
C GLY D 266 -15.11 14.45 5.86
N ALA D 267 -14.74 15.54 5.17
CA ALA D 267 -15.59 16.72 5.18
C ALA D 267 -16.98 16.42 4.63
N ILE D 268 -17.04 15.62 3.56
CA ILE D 268 -18.33 15.30 2.93
C ILE D 268 -19.22 14.55 3.89
N VAL D 269 -18.65 13.61 4.66
CA VAL D 269 -19.47 12.91 5.64
C VAL D 269 -19.95 13.88 6.73
N VAL D 270 -19.07 14.79 7.18
CA VAL D 270 -19.47 15.73 8.23
C VAL D 270 -20.61 16.60 7.74
N THR D 271 -20.56 17.01 6.46
CA THR D 271 -21.66 17.79 5.90
C THR D 271 -22.99 17.04 6.00
N SER D 272 -22.96 15.72 5.83
CA SER D 272 -24.18 14.94 5.91
C SER D 272 -24.75 14.86 7.31
N LEU D 273 -23.97 15.24 8.34
CA LEU D 273 -24.38 15.13 9.74
C LEU D 273 -25.08 16.37 10.30
N ILE D 274 -24.85 17.53 9.69
CA ILE D 274 -25.29 18.81 10.22
C ILE D 274 -26.75 19.03 9.90
N LYS D 275 -27.53 19.39 10.92
CA LYS D 275 -28.94 19.75 10.78
C LYS D 275 -29.66 18.80 9.84
N GLN D 276 -29.67 17.51 10.21
CA GLN D 276 -30.36 16.51 9.40
C GLN D 276 -31.86 16.74 9.47
N GLY D 277 -32.54 16.42 8.38
CA GLY D 277 -33.99 16.46 8.40
C GLY D 277 -34.61 17.73 7.89
N VAL D 278 -33.81 18.78 7.68
CA VAL D 278 -34.27 19.98 7.02
C VAL D 278 -33.62 20.02 5.65
N ASN D 279 -34.11 20.94 4.80
CA ASN D 279 -33.63 21.08 3.44
C ASN D 279 -32.33 21.88 3.37
N ASN D 280 -31.78 21.97 2.16
CA ASN D 280 -30.46 22.58 2.01
C ASN D 280 -30.49 24.08 2.28
N ALA D 281 -31.64 24.74 2.03
CA ALA D 281 -31.73 26.17 2.28
C ALA D 281 -31.63 26.49 3.76
N GLU D 282 -32.32 25.70 4.61
CA GLU D 282 -32.25 25.92 6.05
C GLU D 282 -30.96 25.39 6.65
N LYS D 283 -30.44 24.27 6.13
CA LYS D 283 -29.12 23.83 6.57
C LYS D 283 -28.09 24.92 6.33
N PHE D 284 -28.08 25.48 5.13
CA PHE D 284 -27.14 26.56 4.82
C PHE D 284 -27.41 27.79 5.69
N ASP D 285 -28.68 28.13 5.90
CA ASP D 285 -29.00 29.29 6.75
C ASP D 285 -28.49 29.08 8.17
N TYR D 286 -28.61 27.85 8.68
CA TYR D 286 -28.16 27.58 10.04
C TYR D 286 -26.65 27.68 10.15
N VAL D 287 -25.90 27.18 9.17
CA VAL D 287 -24.45 27.33 9.23
C VAL D 287 -24.04 28.79 9.12
N MET D 288 -24.71 29.55 8.26
CA MET D 288 -24.43 30.97 8.12
C MET D 288 -24.65 31.67 9.46
N GLN D 289 -25.77 31.35 10.12
CA GLN D 289 -26.00 31.73 11.49
C GLN D 289 -24.82 31.43 12.39
N PHE D 290 -24.27 30.20 12.29
CA PHE D 290 -23.26 29.77 13.23
C PHE D 290 -21.95 30.53 12.98
N LEU D 291 -21.57 30.69 11.71
CA LEU D 291 -20.35 31.44 11.43
C LEU D 291 -20.53 32.92 11.75
N ASN D 292 -21.76 33.42 11.78
CA ASN D 292 -21.95 34.80 12.21
C ASN D 292 -21.53 34.97 13.66
N LYS D 293 -22.00 34.07 14.55
CA LYS D 293 -21.57 34.17 15.95
C LYS D 293 -20.08 33.88 16.09
N MET D 294 -19.54 33.01 15.23
CA MET D 294 -18.11 32.70 15.32
C MET D 294 -17.26 33.91 14.97
N ALA D 295 -17.75 34.75 14.07
CA ALA D 295 -17.01 35.92 13.60
C ALA D 295 -17.46 37.21 14.26
N GLY D 296 -18.20 37.13 15.36
CA GLY D 296 -18.70 38.33 16.03
C GLY D 296 -19.49 39.24 15.12
N ASN D 297 -20.16 38.67 14.13
CA ASN D 297 -20.99 39.37 13.17
C ASN D 297 -20.19 40.22 12.19
N GLU D 298 -18.92 39.89 11.98
CA GLU D 298 -18.14 40.56 10.95
C GLU D 298 -18.43 39.86 9.62
N TYR D 299 -17.75 40.23 8.55
CA TYR D 299 -18.26 39.90 7.21
C TYR D 299 -18.27 38.41 6.97
N VAL D 300 -19.45 37.86 6.68
CA VAL D 300 -19.57 36.50 6.17
C VAL D 300 -20.50 36.50 4.97
N GLY D 301 -20.03 35.95 3.85
CA GLY D 301 -20.82 35.97 2.64
C GLY D 301 -20.83 34.68 1.85
N PHE D 302 -21.19 34.79 0.57
CA PHE D 302 -21.37 33.64 -0.30
C PHE D 302 -21.06 34.02 -1.75
N SER D 303 -20.28 33.19 -2.43
CA SER D 303 -19.96 33.41 -3.83
C SER D 303 -20.66 32.32 -4.64
N ASN D 304 -21.79 32.68 -5.25
CA ASN D 304 -22.53 31.75 -6.10
C ASN D 304 -21.75 31.47 -7.38
N ALA D 305 -20.93 32.41 -7.84
CA ALA D 305 -20.01 32.14 -8.93
C ALA D 305 -19.06 31.00 -8.59
N THR D 306 -18.42 31.06 -7.41
CA THR D 306 -17.59 29.94 -6.97
C THR D 306 -18.43 28.69 -6.79
N PHE D 307 -19.67 28.85 -6.32
CA PHE D 307 -20.53 27.70 -6.11
C PHE D 307 -20.85 27.00 -7.43
N GLN D 308 -21.17 27.78 -8.46
CA GLN D 308 -21.56 27.20 -9.75
C GLN D 308 -20.37 26.56 -10.46
N SER D 309 -19.17 27.09 -10.26
CA SER D 309 -18.02 26.46 -10.89
C SER D 309 -17.54 25.23 -10.14
N GLU D 310 -17.71 25.21 -8.81
CA GLU D 310 -17.29 24.05 -8.02
C GLU D 310 -18.13 22.82 -8.35
N ARG D 311 -19.39 23.04 -8.66
CA ARG D 311 -20.34 21.99 -9.05
C ARG D 311 -20.21 21.55 -10.51
N GLU D 312 -19.75 22.40 -11.43
CA GLU D 312 -19.53 21.91 -12.79
C GLU D 312 -18.12 21.34 -12.95
N SER D 313 -17.46 21.06 -11.84
CA SER D 313 -16.11 20.55 -11.88
C SER D 313 -15.83 19.59 -10.73
N GLY D 314 -16.83 19.19 -9.97
CA GLY D 314 -16.55 18.40 -8.79
C GLY D 314 -16.64 16.92 -9.08
N ASP D 315 -16.00 16.49 -10.17
CA ASP D 315 -16.04 15.07 -10.52
C ASP D 315 -15.33 14.24 -9.46
N ARG D 316 -14.22 14.75 -8.88
CA ARG D 316 -13.64 13.98 -7.78
C ARG D 316 -14.61 13.91 -6.61
N ASN D 317 -15.35 14.98 -6.33
CA ASN D 317 -16.28 14.94 -5.21
C ASN D 317 -17.48 14.03 -5.47
N PHE D 318 -17.93 13.95 -6.72
CA PHE D 318 -18.97 12.99 -7.03
C PHE D 318 -18.45 11.56 -6.93
N ALA D 319 -17.20 11.33 -7.36
CA ALA D 319 -16.59 10.03 -7.16
C ALA D 319 -16.57 9.66 -5.69
N ILE D 320 -16.09 10.59 -4.84
CA ILE D 320 -16.08 10.35 -3.40
C ILE D 320 -17.49 10.11 -2.89
N GLY D 321 -18.45 10.93 -3.34
CA GLY D 321 -19.82 10.77 -2.88
C GLY D 321 -20.39 9.42 -3.22
N TYR D 322 -20.18 8.97 -4.46
CA TYR D 322 -20.71 7.66 -4.83
C TYR D 322 -20.00 6.54 -4.09
N TYR D 323 -18.67 6.62 -3.95
CA TYR D 323 -17.95 5.63 -3.16
C TYR D 323 -18.50 5.53 -1.75
N LEU D 324 -18.66 6.68 -1.07
CA LEU D 324 -19.19 6.69 0.29
C LEU D 324 -20.60 6.13 0.35
N LYS D 325 -21.41 6.42 -0.69
CA LYS D 325 -22.76 5.87 -0.73
C LYS D 325 -22.72 4.35 -0.80
N GLU D 326 -21.82 3.81 -1.62
CA GLU D 326 -21.70 2.38 -1.77
C GLU D 326 -21.16 1.73 -0.50
N LYS D 327 -20.20 2.39 0.16
CA LYS D 327 -19.68 1.84 1.41
C LYS D 327 -20.58 2.12 2.61
N LYS D 328 -21.77 2.71 2.41
CA LYS D 328 -22.71 3.05 3.49
C LYS D 328 -22.01 3.85 4.59
N CYS D 329 -21.47 5.00 4.20
CA CYS D 329 -20.74 5.83 5.13
C CYS D 329 -21.54 7.02 5.64
N PHE D 330 -22.74 7.26 5.08
CA PHE D 330 -23.66 8.33 5.42
C PHE D 330 -24.70 7.87 6.41
N PRO D 331 -25.29 8.78 7.19
CA PRO D 331 -26.44 8.40 8.01
C PRO D 331 -27.59 7.91 7.13
N GLU D 332 -28.43 7.07 7.73
CA GLU D 332 -29.59 6.55 7.02
C GLU D 332 -30.49 7.70 6.60
N GLY D 333 -31.02 7.61 5.39
CA GLY D 333 -31.88 8.65 4.85
C GLY D 333 -31.15 9.84 4.26
N THR D 334 -29.86 9.68 3.92
CA THR D 334 -29.09 10.75 3.30
C THR D 334 -29.32 10.79 1.79
N ASP D 335 -29.67 11.96 1.27
CA ASP D 335 -29.66 12.19 -0.17
C ASP D 335 -28.27 12.67 -0.53
N MET D 336 -27.44 11.76 -1.03
CA MET D 336 -26.02 12.05 -1.21
C MET D 336 -25.81 13.24 -2.13
N VAL D 337 -26.46 13.23 -3.30
CA VAL D 337 -26.19 14.26 -4.30
C VAL D 337 -26.53 15.64 -3.77
N GLY D 338 -27.56 15.73 -2.91
CA GLY D 338 -27.84 16.98 -2.26
C GLY D 338 -26.76 17.39 -1.27
N ILE D 339 -26.24 16.43 -0.48
CA ILE D 339 -25.13 16.73 0.41
C ILE D 339 -23.95 17.32 -0.37
N LEU D 340 -23.66 16.78 -1.55
CA LEU D 340 -22.59 17.37 -2.35
C LEU D 340 -22.92 18.81 -2.73
N ASP D 341 -24.20 19.08 -3.02
CA ASP D 341 -24.60 20.45 -3.32
C ASP D 341 -24.42 21.36 -2.11
N PHE D 342 -24.87 20.90 -0.93
CA PHE D 342 -24.61 21.61 0.31
C PHE D 342 -23.11 21.81 0.54
N TYR D 343 -22.31 20.78 0.28
CA TYR D 343 -20.86 20.85 0.45
C TYR D 343 -20.23 21.91 -0.45
N PHE D 344 -20.66 21.95 -1.71
CA PHE D 344 -20.18 22.99 -2.61
C PHE D 344 -20.58 24.37 -2.12
N GLN D 345 -21.75 24.49 -1.52
CA GLN D 345 -22.13 25.79 -0.97
C GLN D 345 -21.20 26.18 0.17
N LEU D 346 -20.97 25.26 1.10
CA LEU D 346 -20.13 25.57 2.27
C LEU D 346 -18.72 25.99 1.88
N CYS D 347 -18.20 25.51 0.75
CA CYS D 347 -16.86 25.96 0.38
C CYS D 347 -16.87 27.28 -0.39
N SER D 348 -18.03 27.75 -0.83
CA SER D 348 -18.13 29.05 -1.50
C SER D 348 -18.52 30.16 -0.55
N ILE D 349 -18.57 29.88 0.75
CA ILE D 349 -18.80 30.91 1.76
C ILE D 349 -17.61 31.87 1.76
N GLU D 350 -17.88 33.16 1.91
CA GLU D 350 -16.83 34.16 1.84
C GLU D 350 -16.57 34.82 3.20
N VAL D 351 -15.30 35.16 3.40
CA VAL D 351 -14.81 35.84 4.60
C VAL D 351 -13.77 36.86 4.16
N THR D 352 -13.37 37.72 5.09
CA THR D 352 -12.16 38.50 4.93
C THR D 352 -11.14 38.02 5.94
N CYS D 353 -9.92 38.55 5.83
CA CYS D 353 -8.93 38.20 6.83
C CYS D 353 -9.39 38.66 8.20
N GLU D 354 -10.00 39.84 8.27
CA GLU D 354 -10.47 40.34 9.55
C GLU D 354 -11.57 39.46 10.11
N SER D 355 -12.62 39.21 9.34
CA SER D 355 -13.72 38.42 9.89
C SER D 355 -13.28 36.99 10.16
N ALA D 356 -12.39 36.45 9.34
CA ALA D 356 -11.95 35.08 9.59
C ALA D 356 -11.06 34.99 10.83
N SER D 357 -10.26 36.03 11.12
CA SER D 357 -9.41 35.93 12.29
C SER D 357 -10.23 35.87 13.56
N VAL D 358 -11.41 36.49 13.57
CA VAL D 358 -12.31 36.39 14.71
C VAL D 358 -12.86 34.98 14.84
N MET D 359 -13.15 34.32 13.71
CA MET D 359 -13.54 32.91 13.78
C MET D 359 -12.41 32.09 14.38
N ALA D 360 -11.17 32.33 13.91
CA ALA D 360 -10.01 31.67 14.48
C ALA D 360 -9.83 31.98 15.97
N ALA D 361 -10.09 33.24 16.37
CA ALA D 361 -9.95 33.63 17.76
C ALA D 361 -10.95 32.91 18.66
N THR D 362 -12.15 32.64 18.15
CA THR D 362 -13.12 31.88 18.93
C THR D 362 -12.58 30.50 19.30
N LEU D 363 -11.89 29.84 18.35
CA LEU D 363 -11.29 28.54 18.63
C LEU D 363 -10.11 28.66 19.60
N ALA D 364 -9.34 29.76 19.50
CA ALA D 364 -8.27 30.04 20.45
C ALA D 364 -8.79 30.40 21.84
N ASN D 365 -10.07 30.69 21.97
CA ASN D 365 -10.66 31.19 23.20
C ASN D 365 -11.65 30.20 23.80
N GLY D 366 -11.42 28.90 23.62
CA GLY D 366 -12.27 27.90 24.23
C GLY D 366 -13.73 27.90 23.78
N GLY D 367 -14.06 28.52 22.65
CA GLY D 367 -15.42 28.53 22.14
C GLY D 367 -16.19 29.81 22.37
N PHE D 368 -15.58 30.82 22.97
CA PHE D 368 -16.21 32.12 23.19
C PHE D 368 -15.67 33.13 22.17
N CYS D 369 -16.57 33.78 21.48
CA CYS D 369 -16.13 34.77 20.52
C CYS D 369 -15.56 35.96 21.30
N PRO D 370 -14.32 36.38 21.04
CA PRO D 370 -13.67 37.35 21.94
C PRO D 370 -14.17 38.78 21.80
N ILE D 371 -14.84 39.15 20.70
CA ILE D 371 -15.32 40.53 20.57
C ILE D 371 -16.80 40.68 20.96
N THR D 372 -17.46 39.59 21.35
CA THR D 372 -18.83 39.66 21.81
C THR D 372 -19.02 39.04 23.18
N GLY D 373 -18.17 38.10 23.58
CA GLY D 373 -18.30 37.36 24.81
C GLY D 373 -19.26 36.18 24.75
N GLU D 374 -19.87 35.91 23.61
CA GLU D 374 -20.88 34.86 23.54
C GLU D 374 -20.22 33.47 23.47
N ARG D 375 -20.79 32.50 24.19
CA ARG D 375 -20.37 31.10 24.07
C ARG D 375 -20.90 30.54 22.74
N VAL D 376 -20.00 30.22 21.81
CA VAL D 376 -20.39 29.84 20.46
C VAL D 376 -20.17 28.35 20.20
N LEU D 377 -19.11 27.77 20.76
CA LEU D 377 -18.86 26.35 20.60
C LEU D 377 -18.58 25.73 21.96
N SER D 378 -18.99 24.49 22.14
CA SER D 378 -18.67 23.76 23.36
C SER D 378 -17.16 23.45 23.43
N PRO D 379 -16.62 23.29 24.64
CA PRO D 379 -15.18 23.02 24.76
C PRO D 379 -14.74 21.71 24.14
N GLU D 380 -15.59 20.69 24.16
CA GLU D 380 -15.28 19.44 23.46
C GLU D 380 -15.14 19.67 21.95
N ALA D 381 -16.03 20.49 21.37
CA ALA D 381 -15.98 20.79 19.93
C ALA D 381 -14.72 21.54 19.54
N VAL D 382 -14.30 22.52 20.35
CA VAL D 382 -13.11 23.28 20.00
C VAL D 382 -11.86 22.42 20.15
N ARG D 383 -11.80 21.62 21.23
CA ARG D 383 -10.63 20.77 21.45
C ARG D 383 -10.44 19.80 20.29
N ASN D 384 -11.51 19.08 19.93
CA ASN D 384 -11.43 18.15 18.80
C ASN D 384 -10.99 18.87 17.53
N THR D 385 -11.61 20.01 17.21
CA THR D 385 -11.24 20.74 15.99
C THR D 385 -9.79 21.20 16.02
N LEU D 386 -9.33 21.72 17.17
CA LEU D 386 -7.92 22.09 17.26
C LEU D 386 -7.03 20.84 17.16
N SER D 387 -7.44 19.74 17.79
CA SER D 387 -6.64 18.52 17.75
C SER D 387 -6.48 18.02 16.31
N LEU D 388 -7.56 18.09 15.50
CA LEU D 388 -7.50 17.62 14.12
C LEU D 388 -6.98 18.68 13.18
N MET D 389 -7.02 19.96 13.54
CA MET D 389 -6.30 20.92 12.73
C MET D 389 -4.79 20.76 12.90
N HIS D 390 -4.36 20.33 14.09
CA HIS D 390 -2.94 20.12 14.37
C HIS D 390 -2.33 19.09 13.43
N SER D 391 -3.01 17.96 13.25
CA SER D 391 -2.39 16.83 12.57
C SER D 391 -2.78 16.68 11.10
N CYS D 392 -3.93 17.22 10.66
CA CYS D 392 -4.45 16.94 9.33
C CYS D 392 -4.82 18.20 8.57
N GLY D 393 -4.19 19.32 8.89
CA GLY D 393 -4.77 20.59 8.48
C GLY D 393 -4.17 21.22 7.26
N MET D 394 -3.02 20.72 6.83
CA MET D 394 -2.24 21.38 5.80
C MET D 394 -1.89 20.39 4.68
N TYR D 395 -2.83 19.51 4.36
CA TYR D 395 -2.71 18.52 3.27
C TYR D 395 -1.43 17.71 3.48
N ASP D 396 -0.62 17.48 2.45
CA ASP D 396 0.58 16.68 2.59
C ASP D 396 1.66 17.38 3.40
N PHE D 397 1.46 18.65 3.74
CA PHE D 397 2.39 19.38 4.59
C PHE D 397 2.08 19.25 6.07
N SER D 398 1.03 18.50 6.44
CA SER D 398 0.57 18.51 7.83
C SER D 398 1.68 18.07 8.79
N GLY D 399 2.38 16.99 8.46
CA GLY D 399 3.46 16.52 9.31
C GLY D 399 4.58 17.54 9.48
N GLN D 400 5.00 18.16 8.37
CA GLN D 400 6.07 19.15 8.44
C GLN D 400 5.62 20.40 9.17
N PHE D 401 4.35 20.78 8.98
CA PHE D 401 3.83 21.97 9.64
C PHE D 401 3.69 21.74 11.14
N ALA D 402 3.14 20.58 11.52
CA ALA D 402 3.02 20.26 12.95
C ALA D 402 4.39 20.20 13.61
N PHE D 403 5.38 19.64 12.92
CA PHE D 403 6.72 19.55 13.49
C PHE D 403 7.38 20.93 13.60
N HIS D 404 7.39 21.71 12.51
CA HIS D 404 8.13 22.97 12.54
C HIS D 404 7.34 24.13 13.09
N VAL D 405 6.03 24.18 12.88
CA VAL D 405 5.25 25.34 13.32
C VAL D 405 4.49 25.04 14.61
N GLY D 406 3.93 23.84 14.70
CA GLY D 406 3.29 23.41 15.94
C GLY D 406 2.09 24.23 16.33
N LEU D 407 1.28 24.63 15.37
CA LEU D 407 0.07 25.38 15.64
C LEU D 407 -1.06 24.71 14.89
N PRO D 408 -2.25 24.63 15.47
CA PRO D 408 -3.42 24.18 14.69
C PRO D 408 -3.66 25.16 13.56
N ALA D 409 -3.68 24.65 12.33
CA ALA D 409 -3.90 25.53 11.19
C ALA D 409 -4.67 24.77 10.13
N LYS D 410 -5.26 25.51 9.20
CA LYS D 410 -6.01 24.87 8.12
C LYS D 410 -5.92 25.69 6.85
N SER D 411 -5.47 25.07 5.78
CA SER D 411 -5.32 25.79 4.52
C SER D 411 -6.53 25.58 3.60
N GLY D 412 -6.71 26.54 2.69
CA GLY D 412 -7.68 26.39 1.63
C GLY D 412 -7.09 26.86 0.31
N VAL D 413 -7.67 26.34 -0.78
CA VAL D 413 -7.14 26.54 -2.14
C VAL D 413 -7.27 27.98 -2.62
N ALA D 414 -8.15 28.79 -2.01
CA ALA D 414 -8.20 30.21 -2.31
C ALA D 414 -6.98 30.95 -1.81
N GLY D 415 -6.13 30.32 -1.01
CA GLY D 415 -4.96 30.96 -0.43
C GLY D 415 -5.08 31.41 1.01
N GLY D 416 -6.13 31.02 1.73
CA GLY D 416 -6.24 31.33 3.13
C GLY D 416 -5.59 30.27 3.98
N ILE D 417 -5.07 30.68 5.13
CA ILE D 417 -4.58 29.76 6.16
C ILE D 417 -5.15 30.27 7.47
N LEU D 418 -6.19 29.62 7.95
CA LEU D 418 -6.78 29.92 9.25
C LEU D 418 -5.88 29.35 10.34
N LEU D 419 -5.35 30.19 11.20
CA LEU D 419 -4.31 29.81 12.13
C LEU D 419 -4.71 30.13 13.57
N VAL D 420 -4.44 29.23 14.49
CA VAL D 420 -4.89 29.40 15.86
C VAL D 420 -3.69 29.21 16.79
N VAL D 421 -3.40 30.22 17.61
CA VAL D 421 -2.47 30.07 18.73
C VAL D 421 -3.33 29.92 19.98
N PRO D 422 -3.51 28.71 20.48
CA PRO D 422 -4.40 28.51 21.64
C PRO D 422 -4.00 29.39 22.81
N ASN D 423 -5.01 30.02 23.42
CA ASN D 423 -4.92 30.87 24.61
C ASN D 423 -4.29 32.21 24.32
N VAL D 424 -4.02 32.52 23.05
CA VAL D 424 -3.36 33.77 22.71
C VAL D 424 -4.14 34.53 21.65
N MET D 425 -4.35 33.92 20.48
CA MET D 425 -4.91 34.69 19.36
C MET D 425 -5.39 33.78 18.23
N GLY D 426 -6.25 34.36 17.38
CA GLY D 426 -6.67 33.74 16.13
C GLY D 426 -6.17 34.60 14.97
N MET D 427 -5.99 34.00 13.80
CA MET D 427 -5.44 34.70 12.66
C MET D 427 -6.04 34.17 11.37
N MET D 428 -6.05 35.02 10.33
CA MET D 428 -6.30 34.55 8.96
C MET D 428 -5.29 35.17 8.01
N CYS D 429 -4.41 34.35 7.45
CA CYS D 429 -3.48 34.79 6.42
C CYS D 429 -4.08 34.49 5.06
N TRP D 430 -3.82 35.37 4.10
CA TRP D 430 -4.38 35.17 2.76
C TRP D 430 -3.44 35.72 1.70
N SER D 431 -2.97 34.82 0.80
CA SER D 431 -2.30 35.19 -0.45
C SER D 431 -2.58 34.08 -1.47
N PRO D 432 -3.21 34.40 -2.61
CA PRO D 432 -3.73 33.34 -3.52
C PRO D 432 -2.69 32.36 -4.04
N PRO D 433 -1.43 32.77 -4.31
CA PRO D 433 -0.46 31.79 -4.89
C PRO D 433 -0.16 30.59 -4.01
N LEU D 434 -0.51 29.41 -4.51
CA LEU D 434 -0.27 28.17 -3.78
C LEU D 434 1.08 27.56 -4.14
N ASP D 435 1.62 26.75 -3.22
CA ASP D 435 2.78 25.95 -3.50
C ASP D 435 2.32 24.59 -4.02
N LYS D 436 3.30 23.74 -4.35
CA LYS D 436 3.07 22.40 -4.92
C LYS D 436 2.14 21.54 -4.08
N MET D 437 1.99 21.84 -2.79
CA MET D 437 1.14 21.02 -1.92
C MET D 437 -0.25 21.60 -1.67
N GLY D 438 -0.55 22.79 -2.20
CA GLY D 438 -1.85 23.42 -2.04
C GLY D 438 -1.96 24.54 -1.02
N ASN D 439 -0.86 24.92 -0.37
CA ASN D 439 -0.87 25.89 0.72
C ASN D 439 -0.26 27.20 0.26
N SER D 440 -0.74 28.30 0.85
CA SER D 440 -0.36 29.61 0.34
C SER D 440 1.11 29.85 0.64
N VAL D 441 1.85 30.25 -0.38
CA VAL D 441 3.30 30.42 -0.21
C VAL D 441 3.57 31.46 0.86
N LYS D 442 3.02 32.67 0.71
CA LYS D 442 3.23 33.71 1.73
C LYS D 442 2.68 33.26 3.08
N GLY D 443 1.51 32.62 3.09
CA GLY D 443 0.95 32.16 4.34
C GLY D 443 1.86 31.21 5.08
N ILE D 444 2.37 30.19 4.35
CA ILE D 444 3.24 29.19 4.96
C ILE D 444 4.53 29.82 5.44
N HIS D 445 5.05 30.77 4.68
CA HIS D 445 6.29 31.45 5.05
C HIS D 445 6.12 32.22 6.34
N PHE D 446 4.98 32.93 6.45
CA PHE D 446 4.65 33.74 7.62
C PHE D 446 4.56 32.89 8.90
N CYS D 447 4.00 31.69 8.80
CA CYS D 447 3.78 30.90 10.00
C CYS D 447 5.11 30.35 10.53
N HIS D 448 6.04 29.98 9.64
CA HIS D 448 7.38 29.63 10.09
C HIS D 448 8.07 30.81 10.76
N ASP D 449 8.07 31.96 10.09
CA ASP D 449 8.64 33.17 10.69
C ASP D 449 8.00 33.45 12.04
N LEU D 450 6.65 33.35 12.13
CA LEU D 450 5.95 33.71 13.35
C LEU D 450 6.40 32.86 14.52
N VAL D 451 6.47 31.54 14.31
CA VAL D 451 6.92 30.63 15.35
C VAL D 451 8.44 30.70 15.50
N SER D 452 9.16 31.15 14.47
CA SER D 452 10.58 31.34 14.67
C SER D 452 10.86 32.53 15.57
N LEU D 453 9.96 33.51 15.60
CA LEU D 453 10.11 34.71 16.41
C LEU D 453 9.52 34.57 17.81
N CYS D 454 8.38 33.90 17.97
CA CYS D 454 7.71 33.87 19.25
C CYS D 454 7.60 32.46 19.79
N ASN D 455 7.58 32.34 21.12
CA ASN D 455 7.52 31.00 21.70
C ASN D 455 6.08 30.52 21.65
N PHE D 456 5.52 30.58 20.45
CA PHE D 456 4.15 30.19 20.18
C PHE D 456 4.01 28.73 19.76
N HIS D 457 5.14 28.04 19.48
CA HIS D 457 5.09 26.63 19.12
C HIS D 457 4.45 25.85 20.25
N ASN D 458 3.50 24.99 19.88
CA ASN D 458 2.77 24.18 20.84
C ASN D 458 3.65 23.54 21.92
N TYR D 459 4.90 23.19 21.60
CA TYR D 459 5.82 22.58 22.54
C TYR D 459 7.08 23.43 22.76
N ASP D 460 7.02 24.73 22.51
CA ASP D 460 7.92 25.64 23.19
C ASP D 460 7.61 25.61 24.68
N ASN D 461 8.54 26.11 25.49
CA ASN D 461 8.33 26.18 26.93
C ASN D 461 8.05 27.62 27.33
N LEU D 462 7.14 27.83 28.28
CA LEU D 462 6.80 29.19 28.65
C LEU D 462 7.82 29.85 29.58
N ARG D 463 8.73 29.07 30.15
CA ARG D 463 9.72 29.58 31.10
C ARG D 463 11.12 29.64 30.50
N HIS D 464 11.54 28.58 29.80
CA HIS D 464 12.86 28.52 29.17
C HIS D 464 12.62 28.34 27.67
N PHE D 465 12.79 29.41 26.91
CA PHE D 465 12.48 29.40 25.49
C PHE D 465 13.60 30.07 24.71
N ALA D 466 14.83 29.94 25.20
CA ALA D 466 16.05 30.35 24.49
C ALA D 466 15.90 31.84 24.17
N LYS D 467 16.26 32.27 22.96
CA LYS D 467 16.25 33.68 22.60
C LYS D 467 14.95 34.12 21.91
N LYS D 468 13.92 33.29 21.90
CA LYS D 468 12.72 33.74 21.22
C LYS D 468 12.00 34.79 22.07
N LEU D 469 11.07 35.51 21.44
CA LEU D 469 10.30 36.56 22.10
C LEU D 469 8.96 35.98 22.59
N ASP D 470 8.48 36.48 23.74
CA ASP D 470 7.19 36.05 24.31
C ASP D 470 6.27 37.24 24.48
N PRO D 471 5.30 37.44 23.60
CA PRO D 471 4.43 38.63 23.69
C PRO D 471 3.47 38.57 24.84
N ARG D 472 3.34 37.43 25.50
CA ARG D 472 2.45 37.39 26.65
C ARG D 472 3.07 38.11 27.83
N ARG D 473 4.34 38.41 27.75
CA ARG D 473 4.92 39.13 28.85
C ARG D 473 5.45 40.51 28.47
N GLU D 474 5.65 41.35 29.50
CA GLU D 474 6.16 42.70 29.26
C GLU D 474 7.63 42.91 29.63
N GLY D 475 8.19 42.10 30.52
CA GLY D 475 9.59 42.22 30.90
C GLY D 475 10.34 40.93 30.65
C10 QAA E . 5.50 -8.13 4.14
N12 QAA E . 3.53 -8.80 5.38
C13 QAA E . 2.11 -8.76 5.66
C15 QAA E . -0.31 -7.66 5.59
C17 QAA E . -2.53 -6.67 5.59
C20 QAA E . -0.91 -8.89 5.37
C24 QAA E . 10.54 -2.50 3.45
C26 QAA E . 10.42 -0.10 3.54
C01 QAA E . 9.52 -5.04 6.12
C02 QAA E . 10.13 -3.75 5.59
C04 QAA E . 10.78 -5.04 3.56
C05 QAA E . 9.92 -6.20 4.06
C06 QAA E . 8.90 -5.87 5.08
C08 QAA E . 6.67 -6.12 4.65
C09 QAA E . 6.56 -7.28 3.88
C11 QAA E . 4.59 -7.82 5.10
C14 QAA E . 1.21 -7.48 5.70
C16 QAA E . -1.13 -6.54 5.70
C18 QAA E . -3.11 -7.90 5.38
C19 QAA E . -2.30 -9.03 5.26
C25 QAA E . 10.46 -1.33 4.17
C27 QAA E . 10.45 -0.05 2.14
C29 QAA E . 9.21 1.91 1.28
C30 QAA E . 9.26 3.30 0.66
C31 QAA E . 8.05 3.66 -0.23
C32 QAA E . 8.29 3.93 -1.58
C33 QAA E . 7.22 4.25 -2.40
C34 QAA E . 5.91 4.32 -1.86
C35 QAA E . 5.68 4.06 -0.51
C36 QAA E . 6.76 3.72 0.31
N03 QAA E . 10.56 -3.75 4.20
N22 QAA E . 4.75 -6.71 5.84
N23 QAA E . 5.78 -5.87 5.59
N28 QAA E . 10.43 1.21 1.53
N38 QAA E . 10.52 -1.21 1.48
N39 QAA E . 10.56 -2.41 2.09
O07 QAA E . 7.73 -5.23 4.44
O21 QAA E . 1.63 -9.85 5.86
O37 QAA E . 8.13 1.40 1.57
C10 QAA F . -10.20 2.87 0.77
N12 QAA F . -11.07 0.83 1.82
C13 QAA F . -10.15 0.30 2.79
C15 QAA F . -7.74 -0.36 3.51
C17 QAA F . -5.68 -0.54 4.77
C20 QAA F . -8.10 -1.63 3.92
C24 QAA F . -8.22 5.20 -5.82
C26 QAA F . -6.97 4.24 -7.60
C01 QAA F . -10.95 3.35 -4.73
C02 QAA F . -10.59 4.46 -5.69
C04 QAA F . -9.72 5.91 -3.88
C05 QAA F . -10.93 5.27 -3.20
C06 QAA F . -10.83 3.81 -3.34
C08 QAA F . -9.89 2.83 -1.59
C09 QAA F . -9.82 3.54 -0.38
C11 QAA F . -10.63 1.57 0.64
C14 QAA F . -8.62 0.49 2.60
C16 QAA F . -6.53 0.17 3.93
C18 QAA F . -6.04 -1.81 5.18
C19 QAA F . -7.24 -2.36 4.76
C25 QAA F . -8.17 4.44 -6.97
C27 QAA F . -5.81 4.80 -7.04
C29 QAA F . -3.28 4.60 -7.30
C30 QAA F . -2.26 4.34 -8.40
C31 QAA F . -0.83 4.09 -7.93
C32 QAA F . 0.11 5.11 -8.13
C33 QAA F . 1.42 4.90 -7.72
C34 QAA F . 1.78 3.66 -7.12
C35 QAA F . 0.84 2.65 -6.93
C36 QAA F . -0.47 2.86 -7.34
N03 QAA F . -9.53 5.36 -5.22
N22 QAA F . -10.70 0.94 -0.55
N23 QAA F . -10.33 1.58 -1.66
N28 QAA F . -4.64 4.58 -7.75
N38 QAA F . -5.89 5.53 -5.92
N39 QAA F . -7.08 5.73 -5.31
O07 QAA F . -9.55 3.42 -2.79
O21 QAA F . -10.64 -0.29 3.71
O37 QAA F . -2.95 4.81 -6.14
#